data_5FJR
#
_entry.id   5FJR
#
_cell.length_a   217.670
_cell.length_b   217.670
_cell.length_c   263.150
_cell.angle_alpha   90.00
_cell.angle_beta   90.00
_cell.angle_gamma   120.00
#
_symmetry.space_group_name_H-M   'H 3 2'
#
loop_
_entity.id
_entity.type
_entity.pdbx_description
1 polymer 'O-SUCCINYLBENZOATE SYNTHASE'
2 non-polymer 'N-acetyl naphthylalanine'
3 non-polymer 'MAGNESIUM ION'
4 water water
#
_entity_poly.entity_id   1
_entity_poly.type   'polypeptide(L)'
_entity_poly.pdbx_seq_one_letter_code
;MKLSGVELRRVQMPLVAPFRTSFGTASVRELLLLRAVTPAGEGWGECVTIAGPLYSSEYNDGAEHVLRHYLIPALLAAED
ITAAKVTPLLAKFKGHRMAKGALEMAVLDAELRAHERSFAAELGSVRDSVPCGVSVGIMDTIPQLLDVVGGYLDEGYVRI
KLKIEPGWDVEPVRAVRERFGDDVLLQVDANTAYTLGDAPQLARLDPFGLLLIEQPLEEEDVLGHAELARRIQTPICLDE
SIVSARAAADAIKLGAVQIVNIKPGRVGGYLEARRVHDVCAAHGIPVWCGDMIETGLGRAANVALASLPNFTLPGDTSAS
DRYYKTDITEPFVLSGGHLPVPTGPGLGVAPIPELLDEVTTAKVWIGS
;
_entity_poly.pdbx_strand_id   A,B,C,D
#
loop_
_chem_comp.id
_chem_comp.type
_chem_comp.name
_chem_comp.formula
MG non-polymer 'MAGNESIUM ION' 'Mg 2'
NPQ non-polymer 'N-acetyl naphthylalanine' 'C15 H15 N O3'
#
# COMPACT_ATOMS: atom_id res chain seq x y z
N MET A 1 22.59 -17.27 -12.29
CA MET A 1 23.59 -17.26 -11.20
C MET A 1 23.20 -18.15 -10.04
N LYS A 2 24.14 -19.02 -9.68
CA LYS A 2 24.03 -19.84 -8.51
C LYS A 2 24.88 -19.23 -7.39
N LEU A 3 24.36 -19.30 -6.17
CA LEU A 3 25.08 -18.96 -4.96
C LEU A 3 26.12 -20.05 -4.64
N SER A 4 27.36 -19.66 -4.39
CA SER A 4 28.45 -20.60 -4.19
C SER A 4 28.46 -21.10 -2.75
N GLY A 5 28.34 -20.20 -1.79
CA GLY A 5 28.08 -20.52 -0.36
C GLY A 5 27.97 -19.27 0.52
N VAL A 6 27.90 -19.48 1.83
CA VAL A 6 27.72 -18.41 2.78
C VAL A 6 28.61 -18.72 3.97
N GLU A 7 29.43 -17.76 4.31
CA GLU A 7 30.22 -17.79 5.52
C GLU A 7 29.43 -17.12 6.63
N LEU A 8 29.30 -17.83 7.72
CA LEU A 8 28.48 -17.36 8.80
C LEU A 8 29.42 -16.99 9.93
N ARG A 9 29.36 -15.76 10.43
CA ARG A 9 30.19 -15.38 11.61
C ARG A 9 29.38 -15.03 12.84
N ARG A 10 29.84 -15.44 14.01
CA ARG A 10 29.35 -14.88 15.30
C ARG A 10 30.32 -13.82 15.73
N VAL A 11 29.74 -12.66 16.09
CA VAL A 11 30.49 -11.47 16.46
C VAL A 11 29.99 -10.91 17.80
N GLN A 12 30.89 -10.33 18.58
CA GLN A 12 30.56 -9.77 19.90
C GLN A 12 31.30 -8.49 20.05
N MET A 13 30.56 -7.40 20.22
CA MET A 13 31.12 -6.07 20.34
C MET A 13 30.65 -5.46 21.64
N PRO A 14 31.60 -4.89 22.44
CA PRO A 14 31.12 -4.26 23.70
C PRO A 14 30.36 -2.93 23.39
N LEU A 15 29.38 -2.59 24.23
CA LEU A 15 28.66 -1.30 24.11
C LEU A 15 29.36 -0.26 24.95
N VAL A 16 29.41 0.98 24.48
CA VAL A 16 30.05 2.02 25.29
C VAL A 16 29.37 2.23 26.65
N ALA A 17 28.11 1.88 26.78
CA ALA A 17 27.31 2.10 27.97
C ALA A 17 26.24 1.00 27.91
N PRO A 18 25.82 0.47 29.07
CA PRO A 18 24.81 -0.62 28.96
C PRO A 18 23.48 -0.04 28.49
N PHE A 19 22.72 -0.78 27.67
CA PHE A 19 21.47 -0.24 27.10
C PHE A 19 20.25 -0.92 27.68
N ARG A 20 19.40 -0.14 28.34
CA ARG A 20 18.30 -0.75 29.09
C ARG A 20 16.93 -0.42 28.50
N THR A 21 16.16 -1.48 28.36
CA THR A 21 14.89 -1.44 27.68
C THR A 21 13.82 -2.02 28.64
N SER A 22 12.54 -1.94 28.33
CA SER A 22 11.57 -2.62 29.17
C SER A 22 11.75 -4.16 29.27
N PHE A 23 12.48 -4.79 28.33
CA PHE A 23 12.75 -6.22 28.45
C PHE A 23 14.13 -6.60 29.00
N GLY A 24 14.94 -5.63 29.35
CA GLY A 24 16.24 -5.94 29.95
C GLY A 24 17.34 -4.99 29.53
N THR A 25 18.51 -5.39 29.99
CA THR A 25 19.76 -4.67 29.77
C THR A 25 20.74 -5.52 28.99
N ALA A 26 21.41 -4.84 28.06
CA ALA A 26 22.46 -5.42 27.25
C ALA A 26 23.70 -4.55 27.45
N SER A 27 24.84 -5.20 27.71
CA SER A 27 26.09 -4.45 27.83
C SER A 27 27.05 -4.88 26.73
N VAL A 28 26.60 -5.88 25.97
CA VAL A 28 27.35 -6.41 24.88
C VAL A 28 26.40 -6.67 23.72
N ARG A 29 26.87 -6.43 22.50
CA ARG A 29 26.05 -6.76 21.32
C ARG A 29 26.53 -8.01 20.64
N GLU A 30 25.75 -9.08 20.72
CA GLU A 30 26.10 -10.30 19.99
C GLU A 30 25.31 -10.34 18.74
N LEU A 31 25.95 -10.67 17.62
CA LEU A 31 25.24 -10.67 16.31
C LEU A 31 25.75 -11.69 15.30
N LEU A 32 24.98 -11.97 14.24
CA LEU A 32 25.43 -12.80 13.14
C LEU A 32 25.78 -12.00 11.93
N LEU A 33 26.93 -12.32 11.31
CA LEU A 33 27.22 -11.81 9.98
C LEU A 33 27.26 -12.91 9.00
N LEU A 34 26.90 -12.54 7.77
CA LEU A 34 26.89 -13.49 6.67
C LEU A 34 27.68 -12.86 5.57
N ARG A 35 28.57 -13.66 5.00
CA ARG A 35 29.26 -13.29 3.78
C ARG A 35 28.77 -14.28 2.72
N ALA A 36 27.99 -13.78 1.78
CA ALA A 36 27.49 -14.61 0.66
C ALA A 36 28.59 -14.58 -0.41
N VAL A 37 28.88 -15.72 -1.03
CA VAL A 37 29.93 -15.84 -2.05
C VAL A 37 29.23 -16.31 -3.32
N THR A 38 29.29 -15.52 -4.38
CA THR A 38 28.75 -15.84 -5.68
C THR A 38 29.91 -15.81 -6.72
N PRO A 39 29.70 -16.43 -7.92
CA PRO A 39 30.70 -16.27 -8.96
C PRO A 39 30.94 -14.79 -9.31
N ALA A 40 29.92 -13.95 -9.19
CA ALA A 40 30.13 -12.49 -9.41
C ALA A 40 30.82 -11.73 -8.29
N GLY A 41 31.05 -12.38 -7.13
CA GLY A 41 31.75 -11.76 -5.99
C GLY A 41 30.97 -12.01 -4.65
N GLU A 42 31.39 -11.26 -3.63
CA GLU A 42 30.95 -11.29 -2.22
C GLU A 42 29.92 -10.25 -1.85
N GLY A 43 29.10 -10.54 -0.85
CA GLY A 43 28.25 -9.50 -0.19
C GLY A 43 28.10 -9.79 1.29
N TRP A 44 27.77 -8.75 2.05
CA TRP A 44 27.66 -8.83 3.52
C TRP A 44 26.22 -8.62 3.98
N GLY A 45 25.77 -9.45 4.88
CA GLY A 45 24.45 -9.27 5.48
C GLY A 45 24.67 -9.29 6.99
N GLU A 46 23.82 -8.55 7.70
CA GLU A 46 23.85 -8.51 9.15
C GLU A 46 22.48 -8.96 9.67
N CYS A 47 22.50 -9.92 10.58
CA CYS A 47 21.28 -10.37 11.24
C CYS A 47 21.01 -9.52 12.49
N VAL A 48 19.78 -9.07 12.66
CA VAL A 48 19.48 -8.15 13.77
C VAL A 48 18.96 -8.84 15.04
N THR A 49 18.81 -10.17 15.02
CA THR A 49 18.39 -10.91 16.21
C THR A 49 19.30 -10.53 17.42
N ILE A 50 18.70 -10.56 18.60
CA ILE A 50 19.47 -10.42 19.85
C ILE A 50 19.69 -11.80 20.47
N ALA A 51 20.41 -11.87 21.58
CA ALA A 51 20.85 -13.15 22.14
C ALA A 51 19.70 -14.12 22.47
N GLY A 52 18.60 -13.61 23.07
CA GLY A 52 17.45 -14.42 23.50
C GLY A 52 16.13 -13.87 22.96
N PRO A 53 15.06 -14.68 23.04
CA PRO A 53 13.78 -14.23 22.43
C PRO A 53 12.93 -13.23 23.30
N LEU A 54 13.48 -12.06 23.56
CA LEU A 54 12.89 -11.10 24.43
C LEU A 54 12.23 -9.93 23.70
N TYR A 55 12.69 -9.63 22.47
CA TYR A 55 12.11 -8.55 21.64
C TYR A 55 11.05 -9.22 20.68
N SER A 56 11.40 -10.30 20.00
CA SER A 56 10.49 -11.14 19.21
C SER A 56 10.94 -12.55 19.47
N SER A 57 10.31 -13.51 18.80
CA SER A 57 10.59 -14.91 19.01
C SER A 57 11.92 -15.40 18.42
N GLU A 58 12.57 -14.58 17.60
CA GLU A 58 13.84 -14.97 16.96
C GLU A 58 15.01 -14.57 17.81
N TYR A 59 16.06 -15.37 17.79
CA TYR A 59 17.29 -15.01 18.48
C TYR A 59 18.50 -15.65 17.85
N ASN A 60 19.70 -15.28 18.32
CA ASN A 60 20.94 -15.57 17.55
C ASN A 60 21.07 -17.05 17.28
N ASP A 61 20.97 -17.91 18.31
CA ASP A 61 21.11 -19.36 18.05
C ASP A 61 20.01 -19.94 17.18
N GLY A 62 18.78 -19.39 17.28
CA GLY A 62 17.66 -19.83 16.41
C GLY A 62 17.89 -19.40 14.97
N ALA A 63 18.47 -18.21 14.78
CA ALA A 63 18.63 -17.67 13.46
C ALA A 63 19.77 -18.44 12.77
N GLU A 64 20.86 -18.68 13.50
CA GLU A 64 21.97 -19.47 12.94
C GLU A 64 21.47 -20.81 12.47
N HIS A 65 20.75 -21.49 13.37
CA HIS A 65 20.21 -22.83 13.11
C HIS A 65 19.26 -22.87 11.89
N VAL A 66 18.32 -21.95 11.82
CA VAL A 66 17.44 -21.96 10.66
C VAL A 66 18.19 -21.58 9.37
N LEU A 67 19.24 -20.74 9.50
CA LEU A 67 20.06 -20.37 8.32
C LEU A 67 20.77 -21.62 7.77
N ARG A 68 21.47 -22.40 8.64
CA ARG A 68 22.33 -23.53 8.21
C ARG A 68 21.50 -24.63 7.67
N HIS A 69 20.36 -24.92 8.30
CA HIS A 69 19.59 -26.10 7.94
C HIS A 69 18.42 -25.90 7.00
N TYR A 70 18.03 -24.67 6.70
CA TYR A 70 16.85 -24.42 5.91
C TYR A 70 17.12 -23.32 4.89
N LEU A 71 17.54 -22.15 5.36
CA LEU A 71 17.46 -21.00 4.48
C LEU A 71 18.58 -21.10 3.44
N ILE A 72 19.80 -21.36 3.90
CA ILE A 72 20.96 -21.39 3.04
C ILE A 72 20.87 -22.61 2.08
N PRO A 73 20.56 -23.83 2.60
CA PRO A 73 20.34 -24.92 1.60
C PRO A 73 19.33 -24.62 0.52
N ALA A 74 18.22 -23.94 0.83
CA ALA A 74 17.23 -23.67 -0.24
C ALA A 74 17.81 -22.75 -1.30
N LEU A 75 18.70 -21.87 -0.91
CA LEU A 75 19.22 -20.91 -1.89
C LEU A 75 20.30 -21.58 -2.70
N LEU A 76 21.09 -22.45 -2.07
CA LEU A 76 22.12 -23.22 -2.75
C LEU A 76 21.55 -24.23 -3.72
N ALA A 77 20.41 -24.84 -3.39
CA ALA A 77 19.63 -25.69 -4.33
C ALA A 77 19.01 -24.96 -5.50
N ALA A 78 18.99 -23.65 -5.48
CA ALA A 78 18.35 -22.93 -6.55
C ALA A 78 19.09 -22.82 -7.84
N GLU A 79 18.31 -22.69 -8.89
CA GLU A 79 18.75 -22.58 -10.26
C GLU A 79 19.17 -21.17 -10.62
N ASP A 80 18.49 -20.17 -10.10
CA ASP A 80 18.84 -18.77 -10.33
C ASP A 80 18.57 -17.97 -9.06
N ILE A 81 19.52 -17.15 -8.67
CA ILE A 81 19.40 -16.34 -7.48
C ILE A 81 19.46 -14.92 -8.00
N THR A 82 18.49 -14.10 -7.59
CA THR A 82 18.62 -12.67 -7.52
C THR A 82 18.05 -12.33 -6.10
N ALA A 83 18.20 -11.09 -5.68
CA ALA A 83 17.77 -10.73 -4.37
C ALA A 83 16.21 -10.88 -4.33
N ALA A 84 15.52 -10.37 -5.37
CA ALA A 84 14.11 -10.52 -5.53
C ALA A 84 13.66 -11.98 -5.45
N LYS A 85 14.50 -12.92 -5.88
CA LYS A 85 13.97 -14.31 -5.87
C LYS A 85 14.17 -15.01 -4.55
N VAL A 86 14.94 -14.39 -3.68
CA VAL A 86 15.15 -14.92 -2.34
C VAL A 86 13.80 -15.13 -1.61
N THR A 87 12.89 -14.14 -1.65
CA THR A 87 11.59 -14.26 -1.02
C THR A 87 10.82 -15.55 -1.48
N PRO A 88 10.51 -15.67 -2.81
CA PRO A 88 9.81 -16.91 -3.19
C PRO A 88 10.55 -18.21 -2.89
N LEU A 89 11.89 -18.17 -2.93
CA LEU A 89 12.64 -19.39 -2.67
C LEU A 89 12.49 -19.83 -1.23
N LEU A 90 12.20 -18.87 -0.34
CA LEU A 90 12.16 -19.14 1.10
C LEU A 90 10.72 -19.10 1.67
N ALA A 91 9.76 -18.78 0.80
CA ALA A 91 8.31 -18.58 1.12
C ALA A 91 7.70 -19.81 1.82
N LYS A 92 8.12 -21.01 1.48
CA LYS A 92 7.69 -22.22 2.20
C LYS A 92 8.06 -22.26 3.68
N PHE A 93 9.11 -21.54 4.09
CA PHE A 93 9.50 -21.46 5.52
C PHE A 93 8.74 -20.35 6.27
N LYS A 94 7.98 -20.71 7.29
CA LYS A 94 7.08 -19.71 7.92
C LYS A 94 7.91 -18.90 8.88
N GLY A 95 7.72 -17.58 8.90
CA GLY A 95 8.39 -16.73 9.91
C GLY A 95 9.88 -16.57 9.59
N HIS A 96 10.70 -16.61 10.64
CA HIS A 96 12.12 -16.33 10.59
C HIS A 96 12.52 -15.14 9.73
N ARG A 97 11.81 -14.04 9.91
CA ARG A 97 12.01 -12.86 9.08
C ARG A 97 13.38 -12.20 9.19
N MET A 98 13.96 -12.19 10.37
CA MET A 98 15.24 -11.55 10.61
C MET A 98 16.35 -12.37 9.98
N ALA A 99 16.20 -13.68 10.11
CA ALA A 99 17.11 -14.61 9.46
C ALA A 99 16.96 -14.47 7.97
N LYS A 100 15.74 -14.49 7.42
CA LYS A 100 15.63 -14.34 5.94
C LYS A 100 16.23 -13.02 5.46
N GLY A 101 16.03 -11.95 6.22
CA GLY A 101 16.40 -10.61 5.76
C GLY A 101 17.92 -10.43 5.79
N ALA A 102 18.59 -11.10 6.74
CA ALA A 102 20.04 -11.12 6.81
C ALA A 102 20.62 -11.77 5.51
N LEU A 103 20.07 -12.92 5.13
CA LEU A 103 20.44 -13.65 3.95
C LEU A 103 20.12 -12.84 2.68
N GLU A 104 18.92 -12.25 2.60
CA GLU A 104 18.59 -11.36 1.51
C GLU A 104 19.54 -10.17 1.45
N MET A 105 19.97 -9.63 2.59
CA MET A 105 20.87 -8.48 2.55
C MET A 105 22.19 -8.85 1.88
N ALA A 106 22.71 -10.05 2.24
CA ALA A 106 24.02 -10.48 1.77
C ALA A 106 23.92 -10.73 0.27
N VAL A 107 22.87 -11.44 -0.18
CA VAL A 107 22.64 -11.69 -1.58
C VAL A 107 22.52 -10.35 -2.34
N LEU A 108 21.85 -9.37 -1.77
CA LEU A 108 21.59 -8.15 -2.48
C LEU A 108 22.90 -7.35 -2.56
N ASP A 109 23.69 -7.41 -1.49
CA ASP A 109 24.98 -6.72 -1.47
C ASP A 109 25.91 -7.29 -2.54
N ALA A 110 25.96 -8.61 -2.64
CA ALA A 110 26.72 -9.22 -3.68
C ALA A 110 26.22 -8.76 -5.09
N GLU A 111 24.91 -8.73 -5.32
CA GLU A 111 24.41 -8.45 -6.65
C GLU A 111 24.70 -6.99 -6.97
N LEU A 112 24.51 -6.11 -6.01
CA LEU A 112 24.70 -4.66 -6.20
C LEU A 112 26.19 -4.27 -6.41
N ARG A 113 27.11 -4.83 -5.59
CA ARG A 113 28.56 -4.72 -5.82
C ARG A 113 28.95 -5.12 -7.28
N ALA A 114 28.45 -6.24 -7.75
CA ALA A 114 28.72 -6.66 -9.11
C ALA A 114 28.24 -5.69 -10.17
N HIS A 115 27.14 -4.97 -9.97
CA HIS A 115 26.70 -3.96 -10.96
C HIS A 115 27.23 -2.60 -10.64
N GLU A 116 28.16 -2.55 -9.69
CA GLU A 116 28.66 -1.27 -9.21
C GLU A 116 27.56 -0.25 -8.74
N ARG A 117 26.49 -0.75 -8.14
CA ARG A 117 25.34 0.10 -7.77
C ARG A 117 25.20 0.20 -6.25
N SER A 118 24.85 1.38 -5.72
CA SER A 118 24.70 1.51 -4.27
C SER A 118 23.34 0.92 -3.76
N PHE A 119 23.26 0.62 -2.46
CA PHE A 119 21.98 0.31 -1.84
C PHE A 119 21.08 1.51 -2.02
N ALA A 120 21.60 2.70 -1.87
CA ALA A 120 20.81 3.93 -1.96
C ALA A 120 20.09 4.02 -3.32
N ALA A 121 20.82 3.74 -4.40
CA ALA A 121 20.30 3.85 -5.77
C ALA A 121 19.26 2.73 -5.98
N GLU A 122 19.56 1.48 -5.66
CA GLU A 122 18.57 0.38 -5.75
C GLU A 122 17.21 0.60 -4.98
N LEU A 123 17.29 1.15 -3.75
CA LEU A 123 16.13 1.45 -2.89
C LEU A 123 15.35 2.70 -3.39
N GLY A 124 15.97 3.62 -4.13
CA GLY A 124 15.33 4.88 -4.50
C GLY A 124 15.59 6.12 -3.67
N SER A 125 16.86 6.30 -3.25
CA SER A 125 17.27 7.40 -2.37
C SER A 125 16.96 8.71 -3.09
N VAL A 126 16.64 9.78 -2.34
CA VAL A 126 16.38 11.10 -2.96
C VAL A 126 17.11 12.27 -2.26
N ARG A 127 18.03 11.94 -1.33
CA ARG A 127 18.68 12.86 -0.39
C ARG A 127 20.04 12.19 -0.19
N ASP A 128 21.06 12.98 0.16
CA ASP A 128 22.47 12.55 0.36
C ASP A 128 22.77 12.43 1.84
N SER A 129 21.97 13.05 2.69
CA SER A 129 22.18 12.93 4.11
C SER A 129 20.83 12.86 4.81
N VAL A 130 20.80 12.34 6.02
CA VAL A 130 19.51 12.11 6.72
C VAL A 130 19.63 12.61 8.14
N PRO A 131 18.56 13.26 8.68
CA PRO A 131 18.61 13.75 10.10
C PRO A 131 18.55 12.59 11.07
N CYS A 132 19.33 12.65 12.16
CA CYS A 132 19.38 11.54 13.16
C CYS A 132 18.99 11.84 14.60
N GLY A 133 18.15 10.96 15.13
CA GLY A 133 17.76 11.00 16.52
C GLY A 133 18.61 10.00 17.30
N VAL A 134 18.36 9.93 18.62
CA VAL A 134 19.05 8.97 19.46
C VAL A 134 18.00 8.28 20.35
N SER A 135 18.18 7.00 20.55
CA SER A 135 17.39 6.23 21.45
C SER A 135 18.10 6.20 22.81
N VAL A 136 17.40 6.58 23.87
CA VAL A 136 17.93 6.67 25.26
C VAL A 136 17.30 5.63 26.20
N GLY A 137 18.14 4.77 26.79
CA GLY A 137 17.70 3.69 27.67
C GLY A 137 17.05 4.18 28.98
N ILE A 138 16.49 3.23 29.73
CA ILE A 138 15.93 3.45 31.04
C ILE A 138 17.19 3.57 31.91
N MET A 139 17.16 4.58 32.78
CA MET A 139 18.26 4.83 33.73
C MET A 139 17.83 4.52 35.19
N ASP A 140 18.79 4.46 36.11
CA ASP A 140 18.43 4.28 37.55
C ASP A 140 17.83 5.50 38.22
N THR A 141 18.19 6.70 37.75
CA THR A 141 17.75 7.95 38.39
C THR A 141 17.51 9.03 37.33
N ILE A 142 16.59 9.95 37.58
CA ILE A 142 16.31 11.07 36.67
C ILE A 142 17.56 11.88 36.38
N PRO A 143 18.39 12.18 37.42
CA PRO A 143 19.55 13.08 37.07
C PRO A 143 20.56 12.43 36.10
N GLN A 144 20.68 11.11 36.17
CA GLN A 144 21.52 10.37 35.23
C GLN A 144 20.94 10.49 33.77
N LEU A 145 19.62 10.39 33.62
CA LEU A 145 18.91 10.57 32.37
C LEU A 145 19.11 11.96 31.80
N LEU A 146 19.02 12.96 32.67
CA LEU A 146 19.07 14.32 32.20
C LEU A 146 20.49 14.68 31.72
N ASP A 147 21.50 14.10 32.41
CA ASP A 147 22.90 14.23 31.94
C ASP A 147 23.18 13.60 30.55
N VAL A 148 22.68 12.37 30.39
CA VAL A 148 22.73 11.61 29.13
C VAL A 148 22.02 12.36 27.98
N VAL A 149 20.76 12.80 28.20
CA VAL A 149 19.97 13.49 27.15
C VAL A 149 20.68 14.78 26.79
N GLY A 150 21.04 15.53 27.85
CA GLY A 150 21.88 16.74 27.75
C GLY A 150 23.12 16.54 26.89
N GLY A 151 23.87 15.45 27.13
CA GLY A 151 25.01 15.09 26.25
C GLY A 151 24.66 14.87 24.75
N TYR A 152 23.60 14.13 24.46
CA TYR A 152 23.26 13.85 23.05
C TYR A 152 22.78 15.08 22.32
N LEU A 153 22.05 15.92 23.06
CA LEU A 153 21.63 17.19 22.51
C LEU A 153 22.82 18.09 22.15
N ASP A 154 23.85 18.14 23.00
CA ASP A 154 25.01 18.99 22.68
C ASP A 154 25.73 18.49 21.44
N GLU A 155 25.80 17.17 21.26
CA GLU A 155 26.35 16.56 20.07
C GLU A 155 25.54 16.81 18.82
N GLY A 156 24.33 17.32 18.96
CA GLY A 156 23.55 17.69 17.77
C GLY A 156 22.49 16.68 17.28
N TYR A 157 22.18 15.61 18.02
CA TYR A 157 21.09 14.72 17.62
C TYR A 157 19.79 15.55 17.58
N VAL A 158 18.92 15.30 16.62
CA VAL A 158 17.81 16.28 16.38
C VAL A 158 16.51 15.89 17.05
N ARG A 159 16.53 14.78 17.80
CA ARG A 159 15.35 14.13 18.38
C ARG A 159 15.81 13.13 19.46
N ILE A 160 15.09 13.14 20.59
CA ILE A 160 15.33 12.21 21.68
C ILE A 160 14.16 11.23 21.78
N LYS A 161 14.50 9.95 21.81
CA LYS A 161 13.57 8.87 22.08
C LYS A 161 13.94 8.30 23.46
N LEU A 162 12.95 8.18 24.34
CA LEU A 162 13.16 7.61 25.68
C LEU A 162 12.52 6.27 25.75
N LYS A 163 13.29 5.26 26.15
CA LYS A 163 12.71 3.95 26.49
C LYS A 163 11.88 4.14 27.78
N ILE A 164 10.69 3.55 27.87
CA ILE A 164 9.79 3.72 29.07
C ILE A 164 9.27 2.36 29.44
N GLU A 165 8.79 2.23 30.67
CA GLU A 165 8.10 1.05 31.20
C GLU A 165 7.26 1.46 32.41
N PRO A 166 6.26 0.62 32.82
CA PRO A 166 5.62 0.88 34.13
C PRO A 166 6.67 1.30 35.21
N GLY A 167 6.50 2.48 35.79
CA GLY A 167 7.40 2.95 36.82
C GLY A 167 8.36 4.00 36.31
N TRP A 168 8.44 4.16 34.98
CA TRP A 168 9.44 5.05 34.33
C TRP A 168 8.83 5.50 32.99
N ASP A 169 7.90 6.46 33.09
CA ASP A 169 7.18 6.98 31.92
C ASP A 169 6.89 8.48 32.09
N VAL A 170 5.90 8.81 32.92
CA VAL A 170 5.50 10.21 33.18
C VAL A 170 6.62 11.03 33.81
N GLU A 171 7.33 10.45 34.76
CA GLU A 171 8.35 11.24 35.46
C GLU A 171 9.55 11.63 34.57
N PRO A 172 10.21 10.63 33.95
CA PRO A 172 11.28 11.01 33.00
C PRO A 172 10.78 12.00 31.91
N VAL A 173 9.59 11.81 31.36
CA VAL A 173 9.18 12.72 30.32
C VAL A 173 8.95 14.11 30.93
N ARG A 174 8.42 14.17 32.16
CA ARG A 174 8.18 15.48 32.84
C ARG A 174 9.51 16.21 33.00
N ALA A 175 10.49 15.51 33.58
CA ALA A 175 11.87 16.03 33.82
C ALA A 175 12.52 16.54 32.54
N VAL A 176 12.48 15.70 31.50
CA VAL A 176 13.14 16.04 30.26
C VAL A 176 12.55 17.33 29.66
N ARG A 177 11.25 17.46 29.86
CA ARG A 177 10.48 18.60 29.38
C ARG A 177 10.78 19.87 30.23
N GLU A 178 10.95 19.71 31.55
CA GLU A 178 11.31 20.82 32.45
C GLU A 178 12.74 21.24 32.19
N ARG A 179 13.67 20.29 32.09
CA ARG A 179 15.07 20.69 31.80
C ARG A 179 15.30 21.28 30.41
N PHE A 180 14.68 20.71 29.39
CA PHE A 180 15.11 21.06 28.02
C PHE A 180 14.08 21.81 27.20
N GLY A 181 12.86 21.98 27.75
CA GLY A 181 11.84 22.79 27.09
C GLY A 181 10.99 22.07 26.06
N ASP A 182 10.01 22.83 25.54
CA ASP A 182 8.91 22.24 24.80
C ASP A 182 9.24 22.02 23.33
N ASP A 183 10.43 22.51 22.97
CA ASP A 183 10.86 22.57 21.57
C ASP A 183 11.58 21.37 20.99
N VAL A 184 12.41 20.76 21.84
CA VAL A 184 13.00 19.47 21.58
C VAL A 184 12.00 18.39 21.03
N LEU A 185 12.38 17.73 19.94
CA LEU A 185 11.61 16.58 19.40
C LEU A 185 11.80 15.42 20.38
N LEU A 186 10.66 15.03 20.97
CA LEU A 186 10.65 14.07 22.06
C LEU A 186 9.65 12.97 21.79
N GLN A 187 10.03 11.73 22.05
CA GLN A 187 9.12 10.61 21.82
C GLN A 187 9.44 9.48 22.78
N VAL A 188 8.50 8.53 22.95
CA VAL A 188 8.77 7.39 23.83
C VAL A 188 8.59 6.02 23.16
N ASP A 189 9.15 4.99 23.77
CA ASP A 189 9.05 3.65 23.28
C ASP A 189 8.92 2.66 24.42
N ALA A 190 7.84 1.88 24.44
CA ALA A 190 7.56 0.90 25.52
C ALA A 190 8.04 -0.55 25.25
N ASN A 191 8.38 -0.88 24.00
CA ASN A 191 8.64 -2.31 23.61
C ASN A 191 7.64 -3.28 24.23
N THR A 192 6.35 -2.94 24.10
CA THR A 192 5.20 -3.83 24.41
C THR A 192 4.88 -3.85 25.92
N ALA A 193 5.38 -2.90 26.72
CA ALA A 193 5.32 -3.10 28.16
C ALA A 193 3.96 -2.74 28.81
N TYR A 194 3.01 -2.22 28.01
CA TYR A 194 1.74 -1.86 28.60
C TYR A 194 0.64 -2.76 28.18
N THR A 195 -0.52 -2.63 28.85
CA THR A 195 -1.81 -3.20 28.39
C THR A 195 -2.83 -2.06 28.24
N LEU A 196 -3.97 -2.37 27.62
CA LEU A 196 -5.04 -1.41 27.48
C LEU A 196 -5.53 -0.89 28.81
N GLY A 197 -5.45 -1.72 29.85
CA GLY A 197 -5.81 -1.30 31.21
C GLY A 197 -4.95 -0.13 31.68
N ASP A 198 -3.79 0.08 31.02
CA ASP A 198 -2.88 1.16 31.43
C ASP A 198 -3.15 2.42 30.68
N ALA A 199 -4.20 2.45 29.86
CA ALA A 199 -4.55 3.70 29.12
C ALA A 199 -4.57 4.94 30.04
N PRO A 200 -5.12 4.83 31.30
CA PRO A 200 -5.07 6.06 32.11
C PRO A 200 -3.68 6.55 32.43
N GLN A 201 -2.75 5.65 32.69
CA GLN A 201 -1.37 6.04 32.93
C GLN A 201 -0.78 6.69 31.65
N LEU A 202 -1.10 6.10 30.50
CA LEU A 202 -0.54 6.59 29.23
C LEU A 202 -1.16 7.90 28.82
N ALA A 203 -2.40 8.16 29.24
CA ALA A 203 -3.02 9.47 28.92
C ALA A 203 -2.37 10.53 29.76
N ARG A 204 -1.68 10.14 30.82
CA ARG A 204 -0.98 11.15 31.59
C ARG A 204 0.21 11.74 30.81
N LEU A 205 0.43 11.26 29.58
CA LEU A 205 1.53 11.80 28.74
C LEU A 205 1.00 12.86 27.81
N ASP A 206 -0.32 12.97 27.72
CA ASP A 206 -1.02 14.03 26.93
C ASP A 206 -0.41 15.45 27.05
N PRO A 207 -0.14 15.94 28.29
CA PRO A 207 0.34 17.36 28.29
C PRO A 207 1.74 17.64 27.68
N PHE A 208 2.54 16.61 27.43
CA PHE A 208 3.95 16.86 27.12
C PHE A 208 4.28 16.98 25.62
N GLY A 209 3.25 16.92 24.75
CA GLY A 209 3.46 17.08 23.28
C GLY A 209 4.42 16.08 22.64
N LEU A 210 4.33 14.80 23.00
CA LEU A 210 5.25 13.80 22.41
C LEU A 210 4.90 13.56 20.94
N LEU A 211 5.91 13.32 20.09
CA LEU A 211 5.68 13.00 18.67
C LEU A 211 4.91 11.71 18.51
N LEU A 212 5.18 10.74 19.40
CA LEU A 212 4.54 9.42 19.29
C LEU A 212 4.86 8.58 20.55
N ILE A 213 4.01 7.60 20.79
CA ILE A 213 4.41 6.48 21.66
C ILE A 213 4.53 5.24 20.73
N GLU A 214 5.73 4.64 20.74
CA GLU A 214 6.05 3.43 19.99
C GLU A 214 5.68 2.13 20.76
N GLN A 215 4.92 1.25 20.08
CA GLN A 215 4.50 -0.10 20.51
C GLN A 215 4.11 -0.15 22.04
N PRO A 216 3.10 0.61 22.51
CA PRO A 216 2.78 0.54 23.93
C PRO A 216 2.31 -0.87 24.32
N LEU A 217 1.60 -1.55 23.39
CA LEU A 217 1.01 -2.92 23.67
C LEU A 217 1.73 -4.10 22.98
N GLU A 218 1.30 -5.33 23.21
CA GLU A 218 2.02 -6.44 22.64
C GLU A 218 1.89 -6.54 21.09
N GLU A 219 2.86 -7.23 20.48
CA GLU A 219 2.99 -7.46 19.04
C GLU A 219 1.67 -7.77 18.35
N GLU A 220 0.96 -8.75 18.86
CA GLU A 220 -0.29 -9.17 18.31
C GLU A 220 -1.49 -8.33 18.58
N ASP A 221 -1.39 -7.37 19.47
CA ASP A 221 -2.56 -6.58 19.80
C ASP A 221 -2.77 -5.34 18.90
N VAL A 222 -3.11 -5.60 17.64
CA VAL A 222 -3.33 -4.55 16.64
C VAL A 222 -4.65 -3.85 16.98
N LEU A 223 -5.73 -4.61 17.20
CA LEU A 223 -7.03 -4.03 17.67
C LEU A 223 -6.94 -3.21 18.98
N GLY A 224 -6.13 -3.68 19.91
CA GLY A 224 -5.98 -2.99 21.20
C GLY A 224 -5.31 -1.65 20.94
N HIS A 225 -4.38 -1.59 19.97
CA HIS A 225 -3.68 -0.31 19.71
C HIS A 225 -4.68 0.71 19.13
N ALA A 226 -5.65 0.25 18.27
CA ALA A 226 -6.69 1.17 17.69
C ALA A 226 -7.58 1.68 18.84
N GLU A 227 -7.86 0.84 19.82
CA GLU A 227 -8.64 1.21 20.97
C GLU A 227 -7.88 2.20 21.80
N LEU A 228 -6.61 1.94 22.07
CA LEU A 228 -5.73 2.88 22.77
C LEU A 228 -5.68 4.26 22.11
N ALA A 229 -5.69 4.29 20.76
CA ALA A 229 -5.62 5.59 20.05
C ALA A 229 -6.87 6.42 20.32
N ARG A 230 -8.02 5.78 20.56
CA ARG A 230 -9.26 6.49 20.92
C ARG A 230 -9.16 7.05 22.33
N ARG A 231 -8.17 6.63 23.11
CA ARG A 231 -8.11 7.10 24.50
C ARG A 231 -7.03 8.09 24.85
N ILE A 232 -6.02 8.26 23.99
CA ILE A 232 -4.84 9.08 24.32
C ILE A 232 -4.59 10.06 23.20
N GLN A 233 -3.89 11.15 23.54
CA GLN A 233 -3.55 12.21 22.57
C GLN A 233 -2.29 11.91 21.83
N THR A 234 -1.35 11.22 22.47
CA THR A 234 -0.09 10.89 21.82
C THR A 234 -0.31 9.93 20.62
N PRO A 235 0.10 10.33 19.40
CA PRO A 235 -0.03 9.43 18.22
C PRO A 235 0.67 8.05 18.46
N ILE A 236 0.05 6.97 18.02
CA ILE A 236 0.62 5.67 18.12
C ILE A 236 1.54 5.36 16.94
N CYS A 237 2.67 4.77 17.29
CA CYS A 237 3.65 4.26 16.38
C CYS A 237 3.80 2.75 16.64
N LEU A 238 3.82 1.98 15.56
CA LEU A 238 4.12 0.57 15.68
C LEU A 238 5.52 0.12 15.20
N ASP A 239 6.08 -0.90 15.86
CA ASP A 239 7.39 -1.43 15.62
C ASP A 239 7.28 -2.97 15.54
N GLU A 240 7.31 -3.68 16.68
CA GLU A 240 7.15 -5.13 16.69
C GLU A 240 5.97 -5.60 15.78
N SER A 241 4.86 -4.88 15.81
CA SER A 241 3.68 -5.38 15.12
C SER A 241 3.86 -5.29 13.59
N ILE A 242 4.68 -4.37 13.09
CA ILE A 242 4.88 -4.20 11.63
C ILE A 242 5.88 -5.18 11.07
N VAL A 243 5.37 -6.34 10.66
CA VAL A 243 6.19 -7.47 10.25
C VAL A 243 6.23 -7.65 8.76
N SER A 244 5.42 -6.88 8.03
CA SER A 244 5.42 -6.94 6.55
C SER A 244 4.63 -5.76 6.05
N ALA A 245 4.52 -5.63 4.72
CA ALA A 245 3.84 -4.44 4.11
C ALA A 245 2.36 -4.65 4.36
N ARG A 246 1.96 -5.92 4.26
CA ARG A 246 0.59 -6.31 4.48
C ARG A 246 0.16 -5.97 5.93
N ALA A 247 1.04 -6.28 6.89
CA ALA A 247 0.72 -5.96 8.30
C ALA A 247 0.61 -4.45 8.42
N ALA A 248 1.41 -3.69 7.68
CA ALA A 248 1.26 -2.24 7.74
C ALA A 248 -0.05 -1.81 7.15
N ALA A 249 -0.47 -2.38 6.00
CA ALA A 249 -1.77 -2.00 5.41
C ALA A 249 -2.93 -2.23 6.38
N ASP A 250 -2.87 -3.39 7.06
CA ASP A 250 -3.86 -3.87 8.03
C ASP A 250 -3.97 -2.95 9.22
N ALA A 251 -2.85 -2.60 9.83
CA ALA A 251 -2.86 -1.77 11.01
C ALA A 251 -3.38 -0.38 10.69
N ILE A 252 -3.03 0.13 9.51
CA ILE A 252 -3.49 1.43 9.03
C ILE A 252 -5.01 1.34 8.82
N LYS A 253 -5.49 0.32 8.11
CA LYS A 253 -6.92 0.13 7.81
C LYS A 253 -7.69 0.09 9.14
N LEU A 254 -7.10 -0.52 10.19
CA LEU A 254 -7.77 -0.68 11.49
C LEU A 254 -7.69 0.55 12.38
N GLY A 255 -6.99 1.60 11.94
CA GLY A 255 -6.81 2.76 12.83
C GLY A 255 -5.85 2.50 14.02
N ALA A 256 -5.01 1.45 13.96
CA ALA A 256 -4.02 1.10 14.98
C ALA A 256 -2.68 1.89 14.93
N VAL A 257 -2.43 2.66 13.88
CA VAL A 257 -1.14 3.28 13.75
C VAL A 257 -1.29 4.61 13.00
N GLN A 258 -0.57 5.65 13.47
CA GLN A 258 -0.41 6.91 12.74
C GLN A 258 0.96 7.16 12.08
N ILE A 259 1.97 6.43 12.56
CA ILE A 259 3.35 6.58 12.18
C ILE A 259 3.99 5.22 12.28
N VAL A 260 4.77 4.82 11.27
CA VAL A 260 5.40 3.47 11.30
C VAL A 260 6.92 3.52 11.44
N ASN A 261 7.47 2.74 12.38
CA ASN A 261 8.91 2.56 12.50
C ASN A 261 9.29 1.41 11.51
N ILE A 262 10.20 1.68 10.55
CA ILE A 262 10.64 0.53 9.70
C ILE A 262 11.99 -0.02 10.17
N LYS A 263 12.02 -1.31 10.44
CA LYS A 263 13.30 -1.96 10.66
C LYS A 263 13.39 -3.08 9.65
N PRO A 264 14.32 -3.00 8.72
CA PRO A 264 14.41 -3.98 7.63
C PRO A 264 14.52 -5.46 8.01
N GLY A 265 15.32 -5.76 9.03
CA GLY A 265 15.43 -7.18 9.50
C GLY A 265 14.06 -7.65 10.01
N ARG A 266 13.34 -6.80 10.78
CA ARG A 266 12.10 -7.19 11.38
C ARG A 266 11.09 -7.53 10.31
N VAL A 267 11.17 -6.91 9.11
CA VAL A 267 10.15 -7.18 8.05
C VAL A 267 10.62 -8.21 7.03
N GLY A 268 11.80 -8.76 7.26
CA GLY A 268 12.28 -9.80 6.37
C GLY A 268 13.13 -9.24 5.24
N GLY A 269 13.68 -8.03 5.39
CA GLY A 269 14.70 -7.56 4.41
C GLY A 269 14.45 -6.15 3.87
N TYR A 270 15.43 -5.62 3.16
CA TYR A 270 15.39 -4.26 2.71
C TYR A 270 14.40 -4.16 1.60
N LEU A 271 14.23 -5.22 0.82
CA LEU A 271 13.22 -5.17 -0.25
C LEU A 271 11.77 -5.06 0.35
N GLU A 272 11.45 -5.89 1.33
CA GLU A 272 10.21 -5.75 2.04
C GLU A 272 10.09 -4.39 2.70
N ALA A 273 11.19 -3.88 3.25
CA ALA A 273 11.18 -2.55 3.89
C ALA A 273 10.85 -1.47 2.89
N ARG A 274 11.38 -1.59 1.64
CA ARG A 274 11.03 -0.64 0.58
C ARG A 274 9.48 -0.72 0.40
N ARG A 275 8.96 -1.94 0.39
CA ARG A 275 7.51 -2.14 0.29
C ARG A 275 6.67 -1.54 1.43
N VAL A 276 7.12 -1.69 2.70
CA VAL A 276 6.46 -1.04 3.82
C VAL A 276 6.46 0.49 3.59
N HIS A 277 7.61 1.05 3.18
CA HIS A 277 7.73 2.49 2.90
C HIS A 277 6.70 2.95 1.90
N ASP A 278 6.51 2.19 0.83
CA ASP A 278 5.55 2.50 -0.26
C ASP A 278 4.10 2.41 0.15
N VAL A 279 3.75 1.32 0.86
CA VAL A 279 2.37 1.18 1.42
C VAL A 279 2.00 2.33 2.35
N CYS A 280 2.93 2.70 3.24
CA CYS A 280 2.66 3.78 4.14
C CYS A 280 2.46 5.11 3.41
N ALA A 281 3.34 5.40 2.45
CA ALA A 281 3.27 6.65 1.65
C ALA A 281 1.92 6.68 0.89
N ALA A 282 1.47 5.55 0.33
CA ALA A 282 0.17 5.53 -0.36
C ALA A 282 -0.97 5.84 0.56
N HIS A 283 -0.80 5.62 1.88
CA HIS A 283 -1.88 5.91 2.81
C HIS A 283 -1.66 7.18 3.61
N GLY A 284 -0.59 7.94 3.31
CA GLY A 284 -0.38 9.17 4.08
C GLY A 284 0.31 9.02 5.44
N ILE A 285 0.91 7.84 5.66
CA ILE A 285 1.46 7.49 6.93
C ILE A 285 2.97 7.76 6.89
N PRO A 286 3.46 8.72 7.69
CA PRO A 286 4.93 8.95 7.73
C PRO A 286 5.66 7.71 8.30
N VAL A 287 6.88 7.45 7.83
CA VAL A 287 7.71 6.37 8.46
C VAL A 287 9.03 6.95 8.97
N TRP A 288 9.72 6.21 9.82
CA TRP A 288 11.05 6.57 10.22
C TRP A 288 11.86 5.30 10.40
N CYS A 289 13.18 5.42 10.19
CA CYS A 289 14.09 4.29 10.22
C CYS A 289 14.47 3.87 11.68
N GLY A 290 14.24 2.61 12.01
CA GLY A 290 14.63 2.10 13.33
C GLY A 290 16.02 1.49 13.28
N ASP A 291 16.53 1.16 14.45
CA ASP A 291 17.91 0.73 14.66
C ASP A 291 17.85 -0.47 15.61
N MET A 292 18.64 -1.46 15.28
CA MET A 292 18.82 -2.66 16.08
C MET A 292 20.25 -2.74 16.54
N ILE A 293 20.92 -1.58 16.72
CA ILE A 293 22.30 -1.49 17.27
C ILE A 293 23.18 -2.32 16.34
N GLU A 294 22.94 -2.15 15.04
CA GLU A 294 23.78 -2.72 14.01
C GLU A 294 25.22 -2.19 14.06
N THR A 295 26.10 -2.97 13.45
CA THR A 295 27.47 -2.57 13.21
C THR A 295 27.37 -1.67 11.98
N GLY A 296 28.47 -1.29 11.40
CA GLY A 296 28.50 -0.44 10.23
C GLY A 296 27.82 -0.94 9.01
N LEU A 297 27.87 -2.23 8.78
CA LEU A 297 27.16 -2.87 7.72
C LEU A 297 25.67 -2.57 7.77
N GLY A 298 24.96 -3.05 8.79
CA GLY A 298 23.49 -2.77 8.85
C GLY A 298 23.25 -1.24 8.93
N ARG A 299 24.18 -0.50 9.58
CA ARG A 299 23.99 0.95 9.74
C ARG A 299 24.05 1.64 8.38
N ALA A 300 24.97 1.17 7.54
CA ALA A 300 25.11 1.68 6.20
C ALA A 300 23.82 1.44 5.39
N ALA A 301 23.24 0.24 5.49
CA ALA A 301 22.03 -0.10 4.71
C ALA A 301 20.84 0.73 5.21
N ASN A 302 20.81 0.93 6.53
CA ASN A 302 19.70 1.69 7.14
C ASN A 302 19.74 3.16 6.77
N VAL A 303 20.94 3.75 6.75
CA VAL A 303 21.04 5.17 6.31
C VAL A 303 20.59 5.31 4.84
N ALA A 304 20.94 4.34 3.99
CA ALA A 304 20.54 4.37 2.60
C ALA A 304 18.99 4.39 2.53
N LEU A 305 18.41 3.38 3.17
CA LEU A 305 16.95 3.25 3.29
C LEU A 305 16.31 4.50 3.86
N ALA A 306 16.91 5.07 4.91
CA ALA A 306 16.27 6.24 5.57
C ALA A 306 16.20 7.46 4.63
N SER A 307 16.79 7.36 3.44
CA SER A 307 16.86 8.56 2.59
C SER A 307 15.79 8.54 1.51
N LEU A 308 14.95 7.47 1.53
CA LEU A 308 13.70 7.38 0.76
C LEU A 308 12.77 8.56 1.07
N PRO A 309 11.90 8.96 0.13
CA PRO A 309 11.11 10.19 0.38
C PRO A 309 10.07 10.13 1.53
N ASN A 310 9.51 8.96 1.86
CA ASN A 310 8.47 8.98 2.97
C ASN A 310 9.03 8.90 4.41
N PHE A 311 10.37 8.86 4.56
CA PHE A 311 10.96 8.98 5.87
C PHE A 311 10.96 10.46 6.26
N THR A 312 9.89 10.93 6.86
CA THR A 312 9.80 12.38 7.13
C THR A 312 9.99 12.69 8.60
N LEU A 313 10.34 11.67 9.39
CA LEU A 313 10.71 11.84 10.78
C LEU A 313 12.14 11.30 11.01
N PRO A 314 12.87 11.91 11.94
CA PRO A 314 14.26 11.50 12.19
C PRO A 314 14.35 10.01 12.69
N GLY A 315 15.38 9.27 12.26
CA GLY A 315 15.44 7.86 12.60
C GLY A 315 16.27 7.62 13.82
N ASP A 316 16.39 6.36 14.20
CA ASP A 316 17.23 5.98 15.33
C ASP A 316 18.63 5.63 14.97
N THR A 317 19.00 5.85 13.70
CA THR A 317 20.34 5.49 13.16
C THR A 317 21.35 6.51 13.65
N SER A 318 21.81 6.28 14.87
CA SER A 318 22.75 7.16 15.45
C SER A 318 24.16 6.90 14.88
N ALA A 319 25.10 7.78 15.21
CA ALA A 319 26.50 7.63 14.81
C ALA A 319 27.09 6.35 15.44
N SER A 320 28.09 5.74 14.81
CA SER A 320 28.66 4.50 15.31
C SER A 320 29.02 4.61 16.80
N ASP A 321 29.46 5.81 17.19
CA ASP A 321 30.11 5.96 18.53
C ASP A 321 29.09 6.09 19.62
N ARG A 322 27.81 6.18 19.24
CA ARG A 322 26.80 6.15 20.26
C ARG A 322 26.78 4.74 20.88
N TYR A 323 27.23 3.73 20.14
CA TYR A 323 27.15 2.34 20.63
C TYR A 323 28.50 1.73 20.83
N TYR A 324 29.39 2.03 19.89
CA TYR A 324 30.66 1.30 19.74
C TYR A 324 31.85 2.25 19.72
N LYS A 325 32.79 2.01 20.64
CA LYS A 325 34.11 2.63 20.59
C LYS A 325 34.79 2.40 19.24
N THR A 326 34.72 1.17 18.74
CA THR A 326 35.35 0.75 17.48
C THR A 326 34.30 0.01 16.59
N ASP A 327 33.86 0.64 15.50
CA ASP A 327 33.09 -0.05 14.51
C ASP A 327 33.99 -0.96 13.66
N ILE A 328 33.39 -1.95 13.01
CA ILE A 328 34.17 -2.85 12.14
C ILE A 328 34.29 -2.33 10.70
N THR A 329 33.62 -1.23 10.36
CA THR A 329 33.69 -0.63 9.04
C THR A 329 34.17 0.80 9.30
N GLU A 330 34.34 1.58 8.25
CA GLU A 330 34.46 3.02 8.39
C GLU A 330 33.27 3.57 9.23
N PRO A 331 33.53 4.33 10.31
CA PRO A 331 32.41 4.60 11.25
C PRO A 331 31.52 5.71 10.72
N PHE A 332 30.30 5.81 11.27
CA PHE A 332 29.38 6.87 10.93
C PHE A 332 29.51 7.94 11.97
N VAL A 333 29.74 9.16 11.48
CA VAL A 333 29.99 10.31 12.30
C VAL A 333 28.94 11.37 12.06
N LEU A 334 28.35 11.87 13.14
CA LEU A 334 27.27 12.82 13.03
C LEU A 334 27.78 14.17 12.54
N SER A 335 27.01 14.88 11.72
CA SER A 335 27.52 16.14 11.24
C SER A 335 26.38 17.08 10.89
N GLY A 336 26.28 18.16 11.69
CA GLY A 336 25.06 19.00 11.76
C GLY A 336 23.74 18.24 11.95
N GLY A 337 23.72 17.28 12.91
CA GLY A 337 22.56 16.40 13.16
C GLY A 337 22.26 15.30 12.11
N HIS A 338 23.08 15.20 11.06
CA HIS A 338 22.85 14.31 9.96
C HIS A 338 23.93 13.24 9.82
N LEU A 339 23.59 12.18 9.09
CA LEU A 339 24.55 11.20 8.66
C LEU A 339 24.62 11.19 7.12
N PRO A 340 25.80 10.99 6.56
CA PRO A 340 25.75 11.00 5.09
C PRO A 340 25.41 9.60 4.60
N VAL A 341 24.74 9.57 3.45
CA VAL A 341 24.38 8.37 2.76
C VAL A 341 25.59 7.77 2.06
N PRO A 342 25.85 6.47 2.28
CA PRO A 342 27.04 5.86 1.64
C PRO A 342 27.00 5.89 0.11
N THR A 343 28.19 5.87 -0.53
CA THR A 343 28.27 6.09 -1.93
C THR A 343 28.82 4.99 -2.75
N GLY A 344 29.72 4.17 -2.29
CA GLY A 344 30.17 3.25 -3.40
C GLY A 344 29.26 2.08 -3.84
N PRO A 345 29.81 1.09 -4.52
CA PRO A 345 28.95 -0.05 -4.81
C PRO A 345 28.43 -0.79 -3.54
N GLY A 346 27.26 -1.46 -3.67
CA GLY A 346 26.64 -2.21 -2.58
C GLY A 346 26.39 -1.36 -1.31
N LEU A 347 26.69 -1.94 -0.14
CA LEU A 347 26.53 -1.21 1.13
C LEU A 347 27.28 0.08 1.12
N GLY A 348 28.37 0.13 0.37
CA GLY A 348 29.23 1.31 0.36
C GLY A 348 30.29 1.29 1.48
N VAL A 349 30.30 0.19 2.23
CA VAL A 349 31.26 -0.04 3.30
C VAL A 349 31.47 -1.52 3.31
N ALA A 350 32.53 -1.92 4.00
CA ALA A 350 32.96 -3.33 4.06
C ALA A 350 33.74 -3.44 5.39
N PRO A 351 33.75 -4.64 6.03
CA PRO A 351 34.51 -4.77 7.27
C PRO A 351 36.02 -4.62 7.00
N ILE A 352 36.61 -3.81 7.85
CA ILE A 352 38.07 -3.79 8.00
C ILE A 352 38.50 -5.09 8.62
N PRO A 353 39.18 -5.98 7.83
CA PRO A 353 39.35 -7.42 8.27
C PRO A 353 39.98 -7.66 9.66
N GLU A 354 40.95 -6.79 10.04
CA GLU A 354 41.60 -6.98 11.36
C GLU A 354 40.64 -6.65 12.47
N LEU A 355 39.81 -5.62 12.29
CA LEU A 355 38.85 -5.27 13.28
C LEU A 355 37.76 -6.34 13.38
N LEU A 356 37.29 -6.85 12.22
CA LEU A 356 36.31 -7.94 12.24
C LEU A 356 36.86 -9.22 12.99
N ASP A 357 38.11 -9.59 12.68
CA ASP A 357 38.80 -10.66 13.35
C ASP A 357 38.90 -10.46 14.86
N GLU A 358 39.15 -9.23 15.37
CA GLU A 358 39.30 -9.03 16.86
C GLU A 358 38.01 -9.49 17.56
N VAL A 359 36.91 -9.43 16.82
CA VAL A 359 35.57 -9.43 17.39
C VAL A 359 34.72 -10.67 16.94
N THR A 360 35.30 -11.54 16.13
CA THR A 360 34.65 -12.76 15.68
C THR A 360 34.85 -13.87 16.69
N THR A 361 33.79 -14.51 17.17
CA THR A 361 33.96 -15.58 18.17
C THR A 361 33.81 -16.94 17.48
N ALA A 362 33.24 -16.97 16.25
CA ALA A 362 33.08 -18.21 15.50
C ALA A 362 32.82 -17.90 14.04
N LYS A 363 33.17 -18.83 13.16
CA LYS A 363 33.10 -18.70 11.69
C LYS A 363 32.78 -20.07 11.15
N VAL A 364 31.81 -20.23 10.26
CA VAL A 364 31.61 -21.51 9.60
C VAL A 364 31.32 -21.30 8.12
N TRP A 365 31.86 -22.16 7.28
CA TRP A 365 31.59 -22.09 5.84
C TRP A 365 30.39 -22.98 5.51
N ILE A 366 29.35 -22.45 4.84
CA ILE A 366 28.24 -23.31 4.41
C ILE A 366 28.13 -23.31 2.90
N GLY A 367 28.54 -24.43 2.26
CA GLY A 367 28.70 -24.58 0.80
C GLY A 367 27.85 -25.75 0.34
N SER A 368 27.91 -26.16 -0.94
CA SER A 368 27.00 -27.29 -1.37
C SER A 368 27.44 -28.69 -0.90
N MET B 1 23.99 10.47 -14.35
CA MET B 1 25.16 11.37 -14.50
C MET B 1 24.65 12.83 -14.29
N LYS B 2 24.82 13.57 -15.35
CA LYS B 2 24.24 14.86 -15.52
C LYS B 2 23.66 14.45 -16.84
N LEU B 3 22.56 15.04 -17.25
CA LEU B 3 21.87 14.78 -18.53
C LEU B 3 22.39 15.83 -19.55
N SER B 4 22.90 15.36 -20.70
CA SER B 4 23.47 16.24 -21.77
C SER B 4 22.31 16.85 -22.56
N GLY B 5 21.42 15.97 -23.04
CA GLY B 5 20.08 16.37 -23.48
C GLY B 5 19.19 15.25 -23.97
N VAL B 6 18.07 15.65 -24.59
CA VAL B 6 17.08 14.65 -25.01
C VAL B 6 16.70 14.85 -26.49
N GLU B 7 16.68 13.75 -27.22
CA GLU B 7 16.11 13.72 -28.55
C GLU B 7 14.69 13.15 -28.54
N LEU B 8 13.78 14.04 -28.92
CA LEU B 8 12.39 13.80 -29.13
C LEU B 8 12.07 13.49 -30.60
N ARG B 9 11.49 12.34 -30.86
CA ARG B 9 11.02 11.99 -32.19
C ARG B 9 9.51 11.74 -32.11
N ARG B 10 8.83 12.10 -33.18
CA ARG B 10 7.44 11.76 -33.39
C ARG B 10 7.63 10.57 -34.30
N VAL B 11 6.76 9.59 -34.23
CA VAL B 11 6.84 8.32 -34.91
C VAL B 11 5.41 7.91 -35.26
N GLN B 12 5.27 7.09 -36.30
CA GLN B 12 3.96 6.73 -36.83
C GLN B 12 4.05 5.40 -37.49
N MET B 13 3.29 4.47 -36.98
CA MET B 13 3.37 3.15 -37.48
C MET B 13 1.98 2.65 -37.74
N PRO B 14 1.80 2.06 -38.92
CA PRO B 14 0.53 1.49 -39.30
C PRO B 14 0.19 0.31 -38.44
N LEU B 15 -1.11 0.13 -38.20
CA LEU B 15 -1.65 -1.02 -37.54
C LEU B 15 -2.08 -2.15 -38.47
N VAL B 16 -1.75 -3.36 -38.11
CA VAL B 16 -2.17 -4.49 -38.85
C VAL B 16 -3.70 -4.57 -39.13
N ALA B 17 -4.52 -3.91 -38.32
CA ALA B 17 -6.00 -3.97 -38.37
C ALA B 17 -6.43 -2.72 -37.64
N PRO B 18 -7.55 -2.06 -38.07
CA PRO B 18 -7.92 -0.91 -37.25
C PRO B 18 -8.42 -1.40 -35.86
N PHE B 19 -8.19 -0.59 -34.84
CA PHE B 19 -8.52 -0.98 -33.46
C PHE B 19 -9.65 -0.08 -32.97
N ARG B 20 -10.79 -0.70 -32.67
CA ARG B 20 -11.96 0.10 -32.23
C ARG B 20 -12.31 -0.05 -30.74
N THR B 21 -12.51 1.12 -30.16
CA THR B 21 -12.74 1.33 -28.74
C THR B 21 -14.00 2.21 -28.53
N SER B 22 -14.58 2.23 -27.33
CA SER B 22 -15.80 3.02 -27.12
C SER B 22 -15.58 4.51 -27.40
N PHE B 23 -14.31 4.95 -27.55
CA PHE B 23 -14.02 6.39 -27.78
C PHE B 23 -13.56 6.65 -29.23
N GLY B 24 -13.43 5.58 -30.03
CA GLY B 24 -13.07 5.70 -31.45
C GLY B 24 -12.26 4.58 -32.08
N THR B 25 -11.91 4.82 -33.35
CA THR B 25 -11.12 3.87 -34.16
C THR B 25 -9.74 4.40 -34.36
N ALA B 26 -8.77 3.51 -34.12
CA ALA B 26 -7.35 3.73 -34.45
C ALA B 26 -6.92 2.90 -35.69
N SER B 27 -6.39 3.58 -36.73
CA SER B 27 -5.84 2.84 -37.93
C SER B 27 -4.32 2.87 -37.97
N VAL B 28 -3.77 3.94 -37.39
CA VAL B 28 -2.35 4.18 -37.28
C VAL B 28 -1.97 4.55 -35.80
N ARG B 29 -0.81 4.08 -35.33
CA ARG B 29 -0.27 4.51 -34.02
C ARG B 29 0.79 5.63 -34.08
N GLU B 30 0.42 6.83 -33.64
CA GLU B 30 1.31 7.96 -33.56
C GLU B 30 1.85 8.05 -32.11
N LEU B 31 3.17 8.18 -31.91
CA LEU B 31 3.76 8.27 -30.56
C LEU B 31 5.03 9.08 -30.48
N LEU B 32 5.38 9.59 -29.28
CA LEU B 32 6.69 10.15 -29.08
C LEU B 32 7.67 9.11 -28.58
N LEU B 33 8.91 9.21 -29.07
CA LEU B 33 10.06 8.47 -28.50
C LEU B 33 11.01 9.47 -27.89
N LEU B 34 11.72 9.03 -26.87
CA LEU B 34 12.71 9.89 -26.26
C LEU B 34 14.02 9.12 -26.22
N ARG B 35 15.10 9.79 -26.60
CA ARG B 35 16.47 9.24 -26.43
C ARG B 35 17.15 10.22 -25.47
N ALA B 36 17.44 9.77 -24.24
CA ALA B 36 18.13 10.65 -23.29
C ALA B 36 19.61 10.42 -23.47
N VAL B 37 20.39 11.48 -23.35
CA VAL B 37 21.83 11.40 -23.60
C VAL B 37 22.58 11.95 -22.37
N THR B 38 23.53 11.13 -21.92
CA THR B 38 24.40 11.39 -20.73
C THR B 38 25.86 11.20 -21.17
N PRO B 39 26.83 11.66 -20.42
CA PRO B 39 28.21 11.42 -20.82
C PRO B 39 28.40 9.92 -20.86
N ALA B 40 27.81 9.21 -19.91
CA ALA B 40 27.95 7.76 -19.91
C ALA B 40 27.51 7.23 -21.26
N GLY B 41 26.21 7.08 -21.42
CA GLY B 41 25.64 6.56 -22.65
C GLY B 41 24.26 7.10 -22.82
N GLU B 42 23.41 6.37 -23.53
CA GLU B 42 22.07 6.85 -23.76
C GLU B 42 20.99 5.88 -23.42
N GLY B 43 19.81 6.41 -23.15
CA GLY B 43 18.57 5.59 -22.93
C GLY B 43 17.33 5.98 -23.74
N TRP B 44 16.51 4.97 -24.04
CA TRP B 44 15.21 5.13 -24.73
C TRP B 44 13.94 5.15 -23.83
N GLY B 45 13.14 6.20 -23.96
CA GLY B 45 11.79 6.22 -23.37
C GLY B 45 10.67 6.28 -24.40
N GLU B 46 9.53 5.66 -24.12
CA GLU B 46 8.34 5.76 -24.97
C GLU B 46 7.21 6.48 -24.20
N CYS B 47 6.55 7.43 -24.85
CA CYS B 47 5.30 8.04 -24.37
C CYS B 47 4.11 7.25 -24.85
N VAL B 48 3.13 7.13 -23.96
CA VAL B 48 1.98 6.31 -24.33
C VAL B 48 0.79 7.19 -24.71
N THR B 49 0.95 8.52 -24.67
CA THR B 49 -0.15 9.37 -25.16
C THR B 49 -0.60 8.98 -26.58
N ILE B 50 -1.89 9.16 -26.85
CA ILE B 50 -2.45 8.89 -28.17
C ILE B 50 -2.66 10.20 -28.90
N ALA B 51 -3.19 10.13 -30.13
CA ALA B 51 -3.22 11.33 -30.97
C ALA B 51 -3.93 12.56 -30.36
N GLY B 52 -5.11 12.34 -29.80
CA GLY B 52 -5.91 13.45 -29.15
C GLY B 52 -6.47 13.00 -27.75
N PRO B 53 -7.08 13.94 -26.95
CA PRO B 53 -7.48 13.61 -25.57
C PRO B 53 -8.81 12.90 -25.38
N LEU B 54 -8.85 11.68 -25.87
CA LEU B 54 -10.03 10.88 -25.90
C LEU B 54 -9.93 9.77 -24.85
N TYR B 55 -8.70 9.39 -24.45
CA TYR B 55 -8.52 8.35 -23.41
C TYR B 55 -8.30 9.00 -22.04
N SER B 56 -7.48 10.04 -21.99
CA SER B 56 -7.26 10.92 -20.83
C SER B 56 -7.01 12.34 -21.39
N SER B 57 -6.70 13.31 -20.53
CA SER B 57 -6.53 14.65 -20.95
C SER B 57 -5.20 14.85 -21.73
N GLU B 58 -4.43 13.77 -21.84
CA GLU B 58 -3.11 13.90 -22.36
C GLU B 58 -3.14 13.47 -23.79
N TYR B 59 -2.44 14.23 -24.62
CA TYR B 59 -2.24 13.80 -26.01
C TYR B 59 -0.85 14.14 -26.61
N ASN B 60 -0.49 13.40 -27.68
CA ASN B 60 0.84 13.55 -28.42
C ASN B 60 1.39 14.95 -28.48
N ASP B 61 0.65 15.87 -29.13
CA ASP B 61 1.13 17.30 -29.06
C ASP B 61 1.27 17.97 -27.69
N GLY B 62 0.41 17.66 -26.71
CA GLY B 62 0.47 18.36 -25.41
C GLY B 62 1.61 17.75 -24.60
N ALA B 63 1.92 16.45 -24.82
CA ALA B 63 3.07 15.79 -24.15
C ALA B 63 4.38 16.43 -24.61
N GLU B 64 4.54 16.46 -25.93
CA GLU B 64 5.68 17.10 -26.56
C GLU B 64 5.88 18.52 -26.01
N HIS B 65 4.82 19.30 -25.98
CA HIS B 65 4.95 20.66 -25.50
C HIS B 65 5.38 20.70 -24.04
N VAL B 66 4.86 19.79 -23.20
CA VAL B 66 5.14 19.96 -21.73
C VAL B 66 6.59 19.46 -21.48
N LEU B 67 6.93 18.40 -22.24
CA LEU B 67 8.33 17.93 -22.38
C LEU B 67 9.37 18.98 -22.71
N ARG B 68 9.19 19.72 -23.82
CA ARG B 68 10.14 20.73 -24.32
C ARG B 68 10.24 21.94 -23.42
N HIS B 69 9.14 22.43 -22.92
CA HIS B 69 9.21 23.67 -22.24
C HIS B 69 9.24 23.53 -20.72
N TYR B 70 8.97 22.34 -20.18
CA TYR B 70 8.95 22.22 -18.68
C TYR B 70 9.71 21.04 -18.16
N LEU B 71 9.37 19.86 -18.60
CA LEU B 71 9.91 18.65 -18.08
C LEU B 71 11.43 18.44 -18.37
N ILE B 72 11.81 18.20 -19.63
CA ILE B 72 13.22 18.17 -20.06
C ILE B 72 14.09 19.32 -19.52
N PRO B 73 13.65 20.59 -19.66
CA PRO B 73 14.49 21.63 -19.03
C PRO B 73 14.80 21.45 -17.59
N ALA B 74 13.80 21.03 -16.81
CA ALA B 74 14.00 20.94 -15.37
C ALA B 74 15.00 19.80 -15.08
N LEU B 75 15.04 18.78 -15.91
CA LEU B 75 16.07 17.77 -15.71
C LEU B 75 17.47 18.26 -16.14
N LEU B 76 17.56 19.17 -17.13
CA LEU B 76 18.86 19.61 -17.65
C LEU B 76 19.55 20.56 -16.68
N ALA B 77 18.73 21.30 -15.97
CA ALA B 77 19.14 22.25 -14.92
C ALA B 77 19.61 21.54 -13.68
N ALA B 78 19.37 20.25 -13.61
CA ALA B 78 19.73 19.47 -12.44
C ALA B 78 21.15 18.99 -12.42
N GLU B 79 21.73 19.09 -11.24
CA GLU B 79 23.09 18.71 -10.95
C GLU B 79 23.28 17.24 -11.15
N ASP B 80 22.75 16.44 -10.25
CA ASP B 80 22.88 15.01 -10.38
C ASP B 80 21.54 14.48 -10.69
N ILE B 81 21.45 13.46 -11.49
CA ILE B 81 20.13 12.99 -11.74
C ILE B 81 20.17 11.48 -11.53
N THR B 82 19.08 10.92 -11.03
CA THR B 82 18.83 9.43 -11.05
C THR B 82 17.36 9.25 -11.49
N ALA B 83 16.99 8.07 -11.96
CA ALA B 83 15.57 7.83 -12.24
C ALA B 83 14.66 8.17 -11.01
N ALA B 84 15.03 7.67 -9.83
CA ALA B 84 14.33 8.00 -8.60
C ALA B 84 14.22 9.50 -8.39
N LYS B 85 15.19 10.29 -8.83
CA LYS B 85 15.13 11.75 -8.54
C LYS B 85 14.30 12.54 -9.52
N VAL B 86 13.97 11.92 -10.66
CA VAL B 86 13.04 12.58 -11.61
C VAL B 86 11.78 13.09 -10.93
N THR B 87 11.14 12.23 -10.14
CA THR B 87 9.87 12.56 -9.50
C THR B 87 9.95 13.84 -8.68
N PRO B 88 10.85 13.89 -7.68
CA PRO B 88 10.82 15.18 -7.00
C PRO B 88 11.22 16.41 -7.85
N LEU B 89 12.11 16.24 -8.85
CA LEU B 89 12.55 17.34 -9.78
C LEU B 89 11.38 17.81 -10.67
N LEU B 90 10.58 16.87 -11.21
CA LEU B 90 9.33 17.26 -11.88
C LEU B 90 8.07 17.45 -10.97
N ALA B 91 8.22 17.47 -9.64
CA ALA B 91 7.00 17.43 -8.75
C ALA B 91 6.20 18.72 -8.84
N LYS B 92 6.85 19.85 -9.08
CA LYS B 92 6.16 21.15 -9.09
C LYS B 92 5.12 21.26 -10.28
N PHE B 93 5.20 20.37 -11.26
CA PHE B 93 4.32 20.31 -12.41
C PHE B 93 3.22 19.27 -12.20
N LYS B 94 1.98 19.75 -12.25
CA LYS B 94 0.79 18.93 -11.92
C LYS B 94 0.48 18.12 -13.12
N GLY B 95 0.17 16.85 -12.89
CA GLY B 95 -0.34 16.03 -13.96
C GLY B 95 0.76 15.60 -14.89
N HIS B 96 0.43 15.57 -16.16
CA HIS B 96 1.29 15.17 -17.26
C HIS B 96 2.05 13.91 -16.99
N ARG B 97 1.32 12.92 -16.51
CA ARG B 97 1.95 11.77 -15.96
C ARG B 97 2.57 10.94 -17.03
N MET B 98 1.87 10.83 -18.15
CA MET B 98 2.35 10.00 -19.29
C MET B 98 3.67 10.59 -19.90
N ALA B 99 3.75 11.90 -19.89
CA ALA B 99 4.90 12.64 -20.32
C ALA B 99 6.04 12.39 -19.29
N LYS B 100 5.79 12.66 -17.99
CA LYS B 100 6.79 12.32 -16.94
C LYS B 100 7.23 10.89 -17.03
N GLY B 101 6.35 9.97 -17.41
CA GLY B 101 6.77 8.58 -17.34
C GLY B 101 7.70 8.20 -18.47
N ALA B 102 7.46 8.86 -19.63
CA ALA B 102 8.26 8.68 -20.88
C ALA B 102 9.71 9.15 -20.56
N LEU B 103 9.82 10.29 -19.90
CA LEU B 103 11.09 10.86 -19.49
C LEU B 103 11.84 10.03 -18.43
N GLU B 104 11.10 9.55 -17.40
CA GLU B 104 11.71 8.71 -16.39
C GLU B 104 12.10 7.43 -17.05
N MET B 105 11.31 6.95 -17.99
CA MET B 105 11.72 5.68 -18.62
C MET B 105 13.11 5.83 -19.34
N ALA B 106 13.38 7.02 -19.92
CA ALA B 106 14.56 7.22 -20.75
C ALA B 106 15.75 7.29 -19.78
N VAL B 107 15.66 8.15 -18.75
CA VAL B 107 16.61 8.26 -17.66
C VAL B 107 16.88 6.87 -17.06
N LEU B 108 15.85 6.08 -16.81
CA LEU B 108 16.07 4.78 -16.23
C LEU B 108 16.84 3.81 -17.14
N ASP B 109 16.57 3.88 -18.44
CA ASP B 109 17.18 2.93 -19.35
C ASP B 109 18.70 3.33 -19.44
N ALA B 110 19.00 4.65 -19.43
CA ALA B 110 20.40 5.17 -19.43
C ALA B 110 21.16 4.62 -18.17
N GLU B 111 20.62 4.97 -16.99
CA GLU B 111 21.06 4.52 -15.64
C GLU B 111 21.23 3.02 -15.60
N LEU B 112 20.22 2.26 -16.02
CA LEU B 112 20.41 0.82 -15.94
C LEU B 112 21.44 0.22 -16.92
N ARG B 113 21.57 0.86 -18.09
CA ARG B 113 22.49 0.36 -19.13
C ARG B 113 23.93 0.53 -18.59
N ALA B 114 24.20 1.67 -17.95
CA ALA B 114 25.45 2.06 -17.37
C ALA B 114 25.87 1.18 -16.18
N HIS B 115 24.93 0.43 -15.56
CA HIS B 115 25.24 -0.51 -14.45
C HIS B 115 25.08 -1.86 -14.98
N GLU B 116 24.79 -1.97 -16.28
CA GLU B 116 24.71 -3.32 -16.90
C GLU B 116 23.56 -4.21 -16.29
N ARG B 117 22.43 -3.56 -15.97
CA ARG B 117 21.33 -4.21 -15.25
C ARG B 117 20.03 -4.22 -16.06
N SER B 118 19.30 -5.35 -16.10
CA SER B 118 17.98 -5.33 -16.81
C SER B 118 16.89 -4.57 -16.07
N PHE B 119 15.92 -4.01 -16.81
CA PHE B 119 14.70 -3.45 -16.24
C PHE B 119 14.07 -4.50 -15.28
N ALA B 120 14.02 -5.72 -15.73
CA ALA B 120 13.58 -6.83 -14.94
C ALA B 120 14.23 -6.87 -13.57
N ALA B 121 15.54 -6.72 -13.54
CA ALA B 121 16.24 -6.89 -12.29
C ALA B 121 15.93 -5.73 -11.38
N GLU B 122 15.89 -4.50 -11.92
CA GLU B 122 15.56 -3.34 -11.14
C GLU B 122 14.15 -3.43 -10.51
N LEU B 123 13.18 -3.91 -11.30
CA LEU B 123 11.80 -3.85 -10.91
C LEU B 123 11.42 -4.97 -9.94
N GLY B 124 12.13 -6.10 -10.02
CA GLY B 124 11.97 -7.20 -9.07
C GLY B 124 11.35 -8.46 -9.64
N SER B 125 11.69 -8.78 -10.90
CA SER B 125 11.08 -9.85 -11.66
C SER B 125 11.32 -11.15 -10.90
N VAL B 126 10.40 -12.10 -10.98
CA VAL B 126 10.60 -13.40 -10.32
C VAL B 126 10.37 -14.53 -11.30
N ARG B 127 10.18 -14.18 -12.58
CA ARG B 127 9.70 -15.09 -13.66
C ARG B 127 10.54 -14.77 -14.91
N ASP B 128 10.89 -15.77 -15.71
CA ASP B 128 11.50 -15.59 -17.11
C ASP B 128 10.55 -15.33 -18.27
N SER B 129 9.30 -15.75 -18.16
CA SER B 129 8.27 -15.41 -19.13
C SER B 129 6.93 -15.20 -18.45
N VAL B 130 6.04 -14.51 -19.17
CA VAL B 130 4.73 -14.11 -18.68
C VAL B 130 3.60 -14.55 -19.62
N PRO B 131 2.43 -15.01 -19.07
CA PRO B 131 1.31 -15.31 -19.97
C PRO B 131 0.69 -14.06 -20.55
N CYS B 132 0.29 -14.17 -21.81
CA CYS B 132 -0.29 -13.03 -22.52
C CYS B 132 -1.71 -13.26 -23.04
N GLY B 133 -2.55 -12.23 -22.87
CA GLY B 133 -3.88 -12.29 -23.45
C GLY B 133 -3.87 -11.33 -24.60
N VAL B 134 -5.04 -11.10 -25.21
CA VAL B 134 -5.15 -10.08 -26.26
C VAL B 134 -6.39 -9.26 -26.07
N SER B 135 -6.26 -7.99 -26.36
CA SER B 135 -7.38 -7.13 -26.36
C SER B 135 -7.98 -7.13 -27.79
N VAL B 136 -9.28 -7.42 -27.90
CA VAL B 136 -10.03 -7.39 -29.20
C VAL B 136 -11.00 -6.20 -29.30
N GLY B 137 -10.80 -5.26 -30.24
CA GLY B 137 -11.64 -4.02 -30.45
C GLY B 137 -13.16 -4.28 -30.75
N ILE B 138 -13.96 -3.21 -30.78
CA ILE B 138 -15.36 -3.36 -31.17
C ILE B 138 -15.43 -3.73 -32.69
N MET B 139 -16.13 -4.82 -33.01
CA MET B 139 -16.35 -5.24 -34.40
C MET B 139 -17.63 -4.67 -35.06
N ASP B 140 -17.67 -4.76 -36.39
CA ASP B 140 -18.85 -4.30 -37.12
C ASP B 140 -20.05 -5.24 -37.02
N THR B 141 -19.80 -6.53 -36.81
CA THR B 141 -20.81 -7.55 -36.83
C THR B 141 -20.35 -8.69 -35.90
N ILE B 142 -21.26 -9.51 -35.39
CA ILE B 142 -20.88 -10.67 -34.57
C ILE B 142 -19.99 -11.71 -35.25
N PRO B 143 -20.31 -12.12 -36.52
CA PRO B 143 -19.47 -13.17 -37.15
C PRO B 143 -18.00 -12.76 -37.35
N GLN B 144 -17.77 -11.50 -37.72
CA GLN B 144 -16.43 -10.90 -37.84
C GLN B 144 -15.53 -11.05 -36.57
N LEU B 145 -16.12 -10.64 -35.45
CA LEU B 145 -15.57 -10.78 -34.11
C LEU B 145 -15.35 -12.24 -33.76
N LEU B 146 -16.33 -13.08 -34.06
CA LEU B 146 -16.16 -14.51 -33.82
C LEU B 146 -14.95 -15.11 -34.60
N ASP B 147 -14.63 -14.53 -35.78
CA ASP B 147 -13.51 -14.98 -36.62
C ASP B 147 -12.20 -14.45 -36.01
N VAL B 148 -12.11 -13.12 -35.77
CA VAL B 148 -10.97 -12.47 -35.06
C VAL B 148 -10.53 -13.15 -33.72
N VAL B 149 -11.49 -13.35 -32.81
CA VAL B 149 -11.25 -14.11 -31.58
C VAL B 149 -10.74 -15.50 -31.87
N GLY B 150 -11.42 -16.20 -32.77
CA GLY B 150 -11.00 -17.56 -33.19
C GLY B 150 -9.53 -17.63 -33.59
N GLY B 151 -9.06 -16.60 -34.34
CA GLY B 151 -7.64 -16.41 -34.79
C GLY B 151 -6.65 -16.28 -33.65
N TYR B 152 -6.88 -15.27 -32.82
CA TYR B 152 -6.19 -15.13 -31.52
C TYR B 152 -6.18 -16.37 -30.58
N LEU B 153 -7.24 -17.17 -30.51
CA LEU B 153 -7.08 -18.36 -29.64
C LEU B 153 -6.17 -19.38 -30.27
N ASP B 154 -6.21 -19.42 -31.60
CA ASP B 154 -5.50 -20.43 -32.37
C ASP B 154 -4.03 -20.23 -32.28
N GLU B 155 -3.61 -18.96 -32.32
CA GLU B 155 -2.20 -18.57 -32.03
C GLU B 155 -1.71 -18.92 -30.61
N GLY B 156 -2.66 -19.24 -29.70
CA GLY B 156 -2.40 -19.67 -28.32
C GLY B 156 -2.38 -18.60 -27.22
N TYR B 157 -2.84 -17.36 -27.50
CA TYR B 157 -3.20 -16.39 -26.46
C TYR B 157 -4.11 -17.01 -25.39
N VAL B 158 -3.86 -16.67 -24.12
CA VAL B 158 -4.42 -17.39 -22.96
C VAL B 158 -5.71 -16.77 -22.42
N ARG B 159 -6.04 -15.56 -22.88
CA ARG B 159 -7.22 -14.85 -22.41
C ARG B 159 -7.65 -13.80 -23.40
N ILE B 160 -8.97 -13.60 -23.52
CA ILE B 160 -9.58 -12.69 -24.49
C ILE B 160 -10.23 -11.57 -23.71
N LYS B 161 -9.96 -10.34 -24.10
CA LYS B 161 -10.58 -9.19 -23.55
C LYS B 161 -11.35 -8.55 -24.69
N LEU B 162 -12.66 -8.27 -24.51
CA LEU B 162 -13.44 -7.58 -25.54
C LEU B 162 -13.73 -6.18 -25.11
N LYS B 163 -13.47 -5.24 -25.99
CA LYS B 163 -13.90 -3.88 -25.86
C LYS B 163 -15.43 -3.91 -26.02
N ILE B 164 -16.09 -3.06 -25.25
CA ILE B 164 -17.54 -3.03 -25.17
C ILE B 164 -17.95 -1.58 -25.09
N GLU B 165 -19.20 -1.30 -25.46
CA GLU B 165 -19.82 0.03 -25.38
C GLU B 165 -21.34 -0.13 -25.39
N PRO B 166 -22.09 0.90 -24.94
CA PRO B 166 -23.57 0.71 -25.05
C PRO B 166 -23.92 0.25 -26.50
N GLY B 167 -24.61 -0.88 -26.66
CA GLY B 167 -24.95 -1.36 -27.99
C GLY B 167 -24.16 -2.60 -28.34
N TRP B 168 -23.04 -2.79 -27.65
CA TRP B 168 -22.07 -3.84 -27.96
C TRP B 168 -21.49 -4.36 -26.62
N ASP B 169 -22.19 -5.31 -26.03
CA ASP B 169 -21.81 -5.83 -24.73
C ASP B 169 -22.37 -7.19 -24.54
N VAL B 170 -23.67 -7.30 -24.23
CA VAL B 170 -24.29 -8.63 -23.93
C VAL B 170 -24.25 -9.57 -25.14
N GLU B 171 -24.55 -9.03 -26.33
CA GLU B 171 -24.53 -9.85 -27.56
C GLU B 171 -23.16 -10.47 -27.90
N PRO B 172 -22.11 -9.60 -28.07
CA PRO B 172 -20.74 -10.08 -28.30
C PRO B 172 -20.37 -11.16 -27.30
N VAL B 173 -20.70 -10.95 -26.03
CA VAL B 173 -20.22 -11.82 -24.96
C VAL B 173 -20.90 -13.15 -25.11
N ARG B 174 -22.25 -13.09 -25.25
CA ARG B 174 -23.12 -14.27 -25.47
C ARG B 174 -22.54 -15.12 -26.63
N ALA B 175 -22.39 -14.45 -27.78
CA ALA B 175 -21.76 -14.95 -29.00
C ALA B 175 -20.41 -15.65 -28.76
N VAL B 176 -19.48 -14.94 -28.07
CA VAL B 176 -18.17 -15.51 -27.80
C VAL B 176 -18.25 -16.72 -26.88
N ARG B 177 -19.22 -16.66 -26.00
CA ARG B 177 -19.45 -17.76 -25.06
C ARG B 177 -20.13 -18.96 -25.74
N GLU B 178 -21.02 -18.71 -26.71
CA GLU B 178 -21.63 -19.77 -27.62
C GLU B 178 -20.59 -20.51 -28.46
N ARG B 179 -19.78 -19.80 -29.25
CA ARG B 179 -18.76 -20.47 -30.11
C ARG B 179 -17.64 -21.12 -29.28
N PHE B 180 -17.14 -20.45 -28.25
CA PHE B 180 -15.90 -20.93 -27.59
C PHE B 180 -16.03 -21.51 -26.21
N GLY B 181 -17.19 -21.32 -25.56
CA GLY B 181 -17.49 -22.05 -24.35
C GLY B 181 -17.03 -21.30 -23.08
N ASP B 182 -17.29 -21.93 -21.94
CA ASP B 182 -17.22 -21.29 -20.62
C ASP B 182 -15.85 -21.33 -19.97
N ASP B 183 -14.93 -22.11 -20.56
CA ASP B 183 -13.56 -22.27 -20.07
C ASP B 183 -12.57 -21.21 -20.51
N VAL B 184 -12.73 -20.67 -21.71
CA VAL B 184 -11.99 -19.48 -22.15
C VAL B 184 -12.08 -18.33 -21.11
N LEU B 185 -10.93 -17.82 -20.70
CA LEU B 185 -10.83 -16.66 -19.87
C LEU B 185 -11.20 -15.46 -20.67
N LEU B 186 -12.34 -14.87 -20.29
CA LEU B 186 -12.98 -13.77 -21.03
C LEU B 186 -13.25 -12.61 -20.06
N GLN B 187 -13.07 -11.37 -20.53
CA GLN B 187 -13.32 -10.20 -19.73
C GLN B 187 -13.61 -9.08 -20.70
N VAL B 188 -14.13 -7.96 -20.18
CA VAL B 188 -14.57 -6.80 -21.01
C VAL B 188 -13.98 -5.51 -20.51
N ASP B 189 -14.04 -4.49 -21.36
CA ASP B 189 -13.51 -3.20 -21.07
C ASP B 189 -14.27 -2.08 -21.80
N ALA B 190 -14.74 -1.11 -21.04
CA ALA B 190 -15.64 -0.11 -21.54
C ALA B 190 -14.93 1.18 -21.82
N ASN B 191 -13.68 1.35 -21.37
CA ASN B 191 -13.13 2.73 -21.43
C ASN B 191 -14.09 3.86 -21.02
N THR B 192 -14.71 3.73 -19.83
CA THR B 192 -15.64 4.79 -19.31
C THR B 192 -17.03 5.00 -19.99
N ALA B 193 -17.47 4.10 -20.85
CA ALA B 193 -18.68 4.31 -21.70
C ALA B 193 -20.08 4.32 -21.00
N TYR B 194 -20.15 3.74 -19.79
CA TYR B 194 -21.40 3.68 -19.03
C TYR B 194 -21.56 4.71 -17.93
N THR B 195 -22.80 4.90 -17.49
CA THR B 195 -23.07 5.57 -16.21
C THR B 195 -23.65 4.55 -15.22
N LEU B 196 -23.82 4.98 -13.98
CA LEU B 196 -24.44 4.14 -12.94
C LEU B 196 -25.93 3.77 -13.32
N GLY B 197 -26.63 4.69 -14.00
CA GLY B 197 -27.89 4.37 -14.72
C GLY B 197 -27.95 3.09 -15.59
N ASP B 198 -26.78 2.64 -16.09
CA ASP B 198 -26.68 1.41 -16.93
C ASP B 198 -26.40 0.14 -16.15
N ALA B 199 -26.43 0.23 -14.81
CA ALA B 199 -26.24 -0.96 -13.98
C ALA B 199 -27.10 -2.18 -14.38
N PRO B 200 -28.40 -1.97 -14.71
CA PRO B 200 -29.19 -3.13 -15.11
C PRO B 200 -28.67 -3.80 -16.40
N GLN B 201 -28.24 -3.00 -17.37
CA GLN B 201 -27.60 -3.52 -18.58
C GLN B 201 -26.31 -4.32 -18.20
N LEU B 202 -25.47 -3.76 -17.33
CA LEU B 202 -24.21 -4.41 -16.96
C LEU B 202 -24.40 -5.63 -16.12
N ALA B 203 -25.50 -5.69 -15.38
CA ALA B 203 -25.83 -6.90 -14.65
C ALA B 203 -26.28 -8.00 -15.61
N ARG B 204 -26.75 -7.64 -16.81
CA ARG B 204 -27.03 -8.66 -17.88
C ARG B 204 -25.73 -9.46 -18.27
N LEU B 205 -24.52 -8.97 -17.89
CA LEU B 205 -23.27 -9.76 -17.96
C LEU B 205 -23.12 -10.88 -16.96
N ASP B 206 -23.97 -10.90 -15.94
CA ASP B 206 -23.74 -11.75 -14.77
C ASP B 206 -23.57 -13.21 -15.16
N PRO B 207 -24.45 -13.74 -16.06
CA PRO B 207 -24.40 -15.21 -16.26
C PRO B 207 -23.15 -15.73 -17.01
N PHE B 208 -22.50 -14.87 -17.78
CA PHE B 208 -21.39 -15.30 -18.63
C PHE B 208 -20.01 -15.54 -17.95
N GLY B 209 -19.93 -15.54 -16.60
CA GLY B 209 -18.64 -15.73 -15.87
C GLY B 209 -17.40 -14.92 -16.34
N LEU B 210 -17.56 -13.66 -16.79
CA LEU B 210 -16.44 -12.74 -17.01
C LEU B 210 -15.51 -12.58 -15.79
N LEU B 211 -14.19 -12.57 -16.00
CA LEU B 211 -13.21 -12.33 -14.93
C LEU B 211 -13.37 -10.96 -14.38
N LEU B 212 -13.78 -10.00 -15.19
CA LEU B 212 -13.85 -8.63 -14.75
C LEU B 212 -14.46 -7.76 -15.79
N ILE B 213 -14.83 -6.56 -15.38
CA ILE B 213 -15.19 -5.52 -16.32
C ILE B 213 -14.29 -4.32 -16.00
N GLU B 214 -13.72 -3.68 -17.01
CA GLU B 214 -12.68 -2.74 -16.80
C GLU B 214 -13.26 -1.37 -17.08
N GLN B 215 -12.96 -0.44 -16.16
CA GLN B 215 -13.44 0.93 -16.25
C GLN B 215 -14.88 1.14 -16.87
N PRO B 216 -15.95 0.60 -16.20
CA PRO B 216 -17.29 0.87 -16.73
C PRO B 216 -17.66 2.34 -16.65
N LEU B 217 -17.17 3.09 -15.68
CA LEU B 217 -17.58 4.49 -15.54
C LEU B 217 -16.44 5.45 -15.70
N GLU B 218 -16.77 6.74 -15.67
CA GLU B 218 -15.77 7.76 -15.87
C GLU B 218 -14.56 7.73 -14.86
N GLU B 219 -13.42 8.28 -15.30
CA GLU B 219 -12.15 8.24 -14.58
C GLU B 219 -12.32 8.72 -13.13
N GLU B 220 -13.05 9.81 -12.97
CA GLU B 220 -13.24 10.46 -11.67
C GLU B 220 -14.27 9.85 -10.74
N ASP B 221 -15.10 8.92 -11.22
CA ASP B 221 -16.22 8.41 -10.44
C ASP B 221 -15.84 7.11 -9.68
N VAL B 222 -15.06 7.30 -8.62
CA VAL B 222 -14.54 6.18 -7.85
C VAL B 222 -15.68 5.61 -6.99
N LEU B 223 -16.42 6.47 -6.30
CA LEU B 223 -17.53 6.08 -5.47
C LEU B 223 -18.64 5.42 -6.29
N GLY B 224 -18.85 5.99 -7.50
CA GLY B 224 -19.76 5.35 -8.48
C GLY B 224 -19.37 3.91 -8.77
N HIS B 225 -18.07 3.62 -8.92
CA HIS B 225 -17.68 2.22 -9.12
C HIS B 225 -18.02 1.33 -7.92
N ALA B 226 -17.88 1.80 -6.66
CA ALA B 226 -18.19 0.97 -5.50
C ALA B 226 -19.70 0.75 -5.47
N GLU B 227 -20.50 1.79 -5.85
CA GLU B 227 -21.92 1.63 -5.96
C GLU B 227 -22.27 0.53 -6.97
N LEU B 228 -21.57 0.56 -8.10
CA LEU B 228 -21.85 -0.37 -9.18
C LEU B 228 -21.45 -1.75 -8.78
N ALA B 229 -20.45 -1.87 -7.90
CA ALA B 229 -19.97 -3.19 -7.52
C ALA B 229 -21.02 -3.89 -6.65
N ARG B 230 -21.85 -3.12 -5.93
CA ARG B 230 -22.91 -3.71 -5.05
C ARG B 230 -24.06 -4.30 -5.92
N ARG B 231 -24.17 -3.78 -7.14
CA ARG B 231 -25.20 -4.10 -8.12
C ARG B 231 -24.92 -5.16 -9.19
N ILE B 232 -23.66 -5.47 -9.50
CA ILE B 232 -23.41 -6.50 -10.52
C ILE B 232 -22.54 -7.59 -9.93
N GLN B 233 -22.55 -8.77 -10.55
CA GLN B 233 -21.69 -9.90 -10.10
C GLN B 233 -20.27 -9.84 -10.66
N THR B 234 -20.08 -9.20 -11.81
CA THR B 234 -18.79 -9.21 -12.51
C THR B 234 -17.80 -8.35 -11.71
N PRO B 235 -16.62 -8.87 -11.35
CA PRO B 235 -15.69 -7.98 -10.56
C PRO B 235 -15.29 -6.68 -11.30
N ILE B 236 -15.15 -5.57 -10.59
CA ILE B 236 -14.69 -4.33 -11.19
C ILE B 236 -13.15 -4.25 -11.19
N CYS B 237 -12.66 -3.81 -12.35
CA CYS B 237 -11.27 -3.52 -12.58
C CYS B 237 -11.18 -2.07 -12.99
N LEU B 238 -10.18 -1.38 -12.45
CA LEU B 238 -10.02 0.04 -12.87
C LEU B 238 -8.73 0.21 -13.68
N ASP B 239 -8.75 1.20 -14.57
CA ASP B 239 -7.65 1.49 -15.47
C ASP B 239 -7.46 3.00 -15.42
N GLU B 240 -8.25 3.75 -16.18
CA GLU B 240 -8.12 5.17 -16.23
C GLU B 240 -8.08 5.81 -14.82
N SER B 241 -8.80 5.23 -13.86
CA SER B 241 -8.89 5.78 -12.51
C SER B 241 -7.57 5.68 -11.71
N ILE B 242 -6.81 4.60 -11.96
CA ILE B 242 -5.63 4.32 -11.21
C ILE B 242 -4.45 5.10 -11.79
N VAL B 243 -4.33 6.37 -11.37
CA VAL B 243 -3.28 7.27 -11.77
C VAL B 243 -2.05 7.35 -10.81
N SER B 244 -2.10 6.64 -9.66
CA SER B 244 -1.00 6.61 -8.62
C SER B 244 -1.19 5.47 -7.67
N ALA B 245 -0.15 5.14 -6.92
CA ALA B 245 -0.29 4.13 -5.84
C ALA B 245 -1.30 4.68 -4.82
N ARG B 246 -1.32 5.99 -4.64
CA ARG B 246 -2.30 6.53 -3.74
C ARG B 246 -3.75 6.38 -4.23
N ALA B 247 -4.01 6.69 -5.51
CA ALA B 247 -5.32 6.44 -6.12
C ALA B 247 -5.67 4.96 -6.01
N ALA B 248 -4.71 4.05 -6.15
CA ALA B 248 -5.08 2.65 -6.03
C ALA B 248 -5.49 2.34 -4.54
N ALA B 249 -4.76 2.85 -3.55
CA ALA B 249 -5.05 2.69 -2.15
C ALA B 249 -6.45 3.24 -1.85
N ASP B 250 -6.80 4.40 -2.37
CA ASP B 250 -8.12 5.01 -2.12
C ASP B 250 -9.25 4.19 -2.69
N ALA B 251 -9.05 3.76 -3.94
CA ALA B 251 -10.09 3.01 -4.64
C ALA B 251 -10.33 1.65 -3.94
N ILE B 252 -9.26 1.01 -3.47
CA ILE B 252 -9.34 -0.22 -2.67
C ILE B 252 -10.09 0.06 -1.37
N LYS B 253 -9.76 1.14 -0.65
CA LYS B 253 -10.39 1.44 0.66
C LYS B 253 -11.88 1.61 0.48
N LEU B 254 -12.32 2.24 -0.62
CA LEU B 254 -13.72 2.56 -0.87
C LEU B 254 -14.50 1.37 -1.41
N GLY B 255 -13.83 0.26 -1.70
CA GLY B 255 -14.49 -0.89 -2.35
C GLY B 255 -14.83 -0.70 -3.83
N ALA B 256 -14.07 0.16 -4.52
CA ALA B 256 -14.39 0.58 -5.86
C ALA B 256 -13.79 -0.36 -6.92
N VAL B 257 -12.91 -1.27 -6.49
CA VAL B 257 -12.11 -2.05 -7.43
C VAL B 257 -11.71 -3.34 -6.76
N GLN B 258 -11.64 -4.44 -7.52
CA GLN B 258 -11.25 -5.74 -6.98
C GLN B 258 -9.97 -6.32 -7.63
N ILE B 259 -9.65 -5.80 -8.82
CA ILE B 259 -8.51 -6.17 -9.69
C ILE B 259 -8.00 -4.86 -10.30
N VAL B 260 -6.67 -4.67 -10.31
CA VAL B 260 -6.10 -3.42 -10.90
C VAL B 260 -5.26 -3.63 -12.21
N ASN B 261 -5.56 -2.82 -13.22
CA ASN B 261 -4.82 -2.87 -14.49
C ASN B 261 -3.71 -1.87 -14.26
N ILE B 262 -2.45 -2.34 -14.42
CA ILE B 262 -1.30 -1.39 -14.27
C ILE B 262 -0.77 -0.93 -15.65
N LYS B 263 -0.78 0.38 -15.92
CA LYS B 263 -0.12 0.95 -17.11
C LYS B 263 0.85 2.00 -16.60
N PRO B 264 2.16 1.67 -16.70
CA PRO B 264 3.32 2.48 -16.34
C PRO B 264 3.18 3.96 -16.72
N GLY B 265 2.77 4.23 -17.98
CA GLY B 265 2.75 5.65 -18.41
C GLY B 265 1.57 6.38 -17.76
N ARG B 266 0.42 5.68 -17.66
CA ARG B 266 -0.77 6.25 -17.01
C ARG B 266 -0.52 6.73 -15.58
N VAL B 267 0.35 5.99 -14.88
CA VAL B 267 0.69 6.26 -13.47
C VAL B 267 1.96 7.06 -13.32
N GLY B 268 2.61 7.39 -14.45
CA GLY B 268 3.71 8.39 -14.37
C GLY B 268 5.07 7.75 -14.20
N GLY B 269 5.21 6.49 -14.62
CA GLY B 269 6.49 5.86 -14.71
C GLY B 269 6.52 4.43 -14.27
N TYR B 270 7.57 3.71 -14.67
CA TYR B 270 7.76 2.33 -14.20
C TYR B 270 7.96 2.24 -12.67
N LEU B 271 8.50 3.30 -12.07
CA LEU B 271 8.84 3.22 -10.68
C LEU B 271 7.54 3.38 -9.90
N GLU B 272 6.69 4.33 -10.29
CA GLU B 272 5.36 4.38 -9.72
C GLU B 272 4.53 3.14 -9.94
N ALA B 273 4.64 2.52 -11.12
CA ALA B 273 3.98 1.28 -11.42
C ALA B 273 4.42 0.20 -10.44
N ARG B 274 5.67 0.19 -10.03
CA ARG B 274 6.16 -0.82 -9.07
C ARG B 274 5.43 -0.60 -7.73
N ARG B 275 5.32 0.64 -7.31
CA ARG B 275 4.58 1.03 -6.10
C ARG B 275 3.10 0.64 -6.13
N VAL B 276 2.40 0.90 -7.26
CA VAL B 276 1.07 0.43 -7.49
C VAL B 276 0.96 -1.08 -7.26
N HIS B 277 1.86 -1.83 -7.86
CA HIS B 277 1.88 -3.27 -7.69
C HIS B 277 2.04 -3.65 -6.21
N ASP B 278 2.94 -3.01 -5.47
CA ASP B 278 3.18 -3.39 -4.07
C ASP B 278 1.99 -2.98 -3.14
N VAL B 279 1.38 -1.83 -3.43
CA VAL B 279 0.20 -1.38 -2.71
C VAL B 279 -0.96 -2.37 -2.91
N CYS B 280 -1.22 -2.76 -4.16
CA CYS B 280 -2.24 -3.76 -4.37
C CYS B 280 -1.89 -5.10 -3.72
N ALA B 281 -0.61 -5.49 -3.76
CA ALA B 281 -0.26 -6.81 -3.19
C ALA B 281 -0.53 -6.78 -1.67
N ALA B 282 -0.21 -5.65 -1.04
CA ALA B 282 -0.33 -5.54 0.40
C ALA B 282 -1.84 -5.63 0.80
N HIS B 283 -2.72 -5.22 -0.10
CA HIS B 283 -4.14 -5.33 0.13
C HIS B 283 -4.80 -6.54 -0.46
N GLY B 284 -4.01 -7.52 -0.87
CA GLY B 284 -4.54 -8.73 -1.57
C GLY B 284 -5.26 -8.58 -2.93
N ILE B 285 -5.04 -7.45 -3.60
CA ILE B 285 -5.67 -7.09 -4.89
C ILE B 285 -4.75 -7.56 -6.07
N PRO B 286 -5.21 -8.54 -6.89
CA PRO B 286 -4.41 -8.98 -8.07
C PRO B 286 -4.22 -7.81 -9.06
N VAL B 287 -3.04 -7.71 -9.70
CA VAL B 287 -2.83 -6.75 -10.79
C VAL B 287 -2.59 -7.46 -12.13
N TRP B 288 -2.71 -6.72 -13.23
CA TRP B 288 -2.30 -7.28 -14.49
C TRP B 288 -1.77 -6.16 -15.37
N CYS B 289 -0.88 -6.52 -16.33
CA CYS B 289 -0.22 -5.51 -17.17
C CYS B 289 -1.10 -5.08 -18.32
N GLY B 290 -1.43 -3.80 -18.34
CA GLY B 290 -2.15 -3.26 -19.48
C GLY B 290 -1.22 -2.84 -20.62
N ASP B 291 -1.79 -2.63 -21.80
CA ASP B 291 -1.01 -2.36 -22.98
C ASP B 291 -1.50 -1.09 -23.59
N MET B 292 -0.61 -0.30 -24.11
CA MET B 292 -0.99 0.96 -24.73
C MET B 292 -0.60 0.99 -26.27
N ILE B 293 -0.61 -0.20 -26.90
CA ILE B 293 -0.11 -0.43 -28.27
C ILE B 293 1.31 0.20 -28.45
N GLU B 294 2.22 -0.19 -27.57
CA GLU B 294 3.55 0.40 -27.60
C GLU B 294 4.37 -0.30 -28.68
N THR B 295 5.41 0.39 -29.14
CA THR B 295 6.53 -0.22 -29.91
C THR B 295 7.19 -1.21 -28.98
N GLY B 296 8.17 -1.92 -29.48
CA GLY B 296 8.81 -2.95 -28.69
C GLY B 296 9.70 -2.37 -27.56
N LEU B 297 9.99 -1.06 -27.55
CA LEU B 297 10.61 -0.43 -26.42
C LEU B 297 9.69 -0.54 -25.13
N GLY B 298 8.51 0.08 -25.19
CA GLY B 298 7.45 -0.09 -24.17
C GLY B 298 7.10 -1.53 -23.89
N ARG B 299 6.98 -2.34 -24.92
CA ARG B 299 6.61 -3.71 -24.69
C ARG B 299 7.65 -4.45 -23.88
N ALA B 300 8.91 -4.11 -24.08
CA ALA B 300 10.02 -4.81 -23.42
C ALA B 300 9.93 -4.55 -21.92
N ALA B 301 9.71 -3.29 -21.60
CA ALA B 301 9.56 -2.76 -20.26
C ALA B 301 8.30 -3.36 -19.58
N ASN B 302 7.18 -3.40 -20.31
CA ASN B 302 5.92 -3.98 -19.81
C ASN B 302 6.03 -5.42 -19.51
N VAL B 303 6.70 -6.14 -20.38
CA VAL B 303 6.95 -7.56 -20.14
C VAL B 303 7.82 -7.79 -18.90
N ALA B 304 8.83 -6.95 -18.68
CA ALA B 304 9.69 -6.99 -17.50
C ALA B 304 8.80 -6.75 -16.25
N LEU B 305 8.13 -5.59 -16.17
CA LEU B 305 7.06 -5.30 -15.18
C LEU B 305 6.06 -6.44 -14.89
N ALA B 306 5.49 -7.01 -15.93
CA ALA B 306 4.48 -8.07 -15.78
C ALA B 306 5.05 -9.32 -15.15
N SER B 307 6.36 -9.36 -14.97
CA SER B 307 6.92 -10.60 -14.39
C SER B 307 7.09 -10.44 -12.87
N LEU B 308 6.65 -9.30 -12.29
CA LEU B 308 6.63 -9.12 -10.81
C LEU B 308 5.66 -10.11 -10.14
N PRO B 309 5.88 -10.46 -8.85
CA PRO B 309 4.99 -11.53 -8.24
C PRO B 309 3.44 -11.31 -8.21
N ASN B 310 2.93 -10.06 -8.16
CA ASN B 310 1.48 -9.89 -7.94
C ASN B 310 0.67 -9.79 -9.28
N PHE B 311 1.38 -9.92 -10.42
CA PHE B 311 0.71 -9.99 -11.71
C PHE B 311 0.28 -11.43 -11.83
N THR B 312 -0.89 -11.75 -11.31
CA THR B 312 -1.35 -13.13 -11.22
C THR B 312 -2.49 -13.35 -12.22
N LEU B 313 -2.82 -12.31 -13.00
CA LEU B 313 -3.68 -12.46 -14.16
C LEU B 313 -2.93 -12.12 -15.46
N PRO B 314 -3.32 -12.75 -16.60
CA PRO B 314 -2.69 -12.53 -17.92
C PRO B 314 -2.82 -11.08 -18.37
N GLY B 315 -1.74 -10.50 -18.88
CA GLY B 315 -1.75 -9.09 -19.25
C GLY B 315 -2.18 -8.87 -20.70
N ASP B 316 -2.16 -7.61 -21.08
CA ASP B 316 -2.58 -7.24 -22.41
C ASP B 316 -1.35 -7.14 -23.34
N THR B 317 -0.18 -7.60 -22.89
CA THR B 317 1.06 -7.35 -23.67
C THR B 317 1.15 -8.44 -24.74
N SER B 318 0.53 -8.18 -25.87
CA SER B 318 0.42 -9.20 -26.88
C SER B 318 1.75 -9.13 -27.69
N ALA B 319 1.98 -10.19 -28.48
CA ALA B 319 3.08 -10.24 -29.51
C ALA B 319 3.14 -9.03 -30.43
N SER B 320 4.35 -8.60 -30.81
CA SER B 320 4.51 -7.40 -31.66
C SER B 320 3.55 -7.40 -32.89
N ASP B 321 3.35 -8.55 -33.49
CA ASP B 321 2.58 -8.65 -34.73
C ASP B 321 1.06 -8.59 -34.50
N ARG B 322 0.60 -8.45 -33.26
CA ARG B 322 -0.83 -8.33 -33.09
C ARG B 322 -1.16 -6.89 -33.49
N TYR B 323 -0.19 -5.99 -33.43
CA TYR B 323 -0.44 -4.64 -33.84
C TYR B 323 0.36 -4.23 -35.08
N TYR B 324 1.60 -4.74 -35.17
CA TYR B 324 2.61 -4.21 -36.11
C TYR B 324 3.19 -5.27 -37.02
N LYS B 325 3.16 -4.99 -38.34
CA LYS B 325 3.89 -5.79 -39.37
C LYS B 325 5.37 -5.81 -39.00
N THR B 326 5.90 -4.61 -38.77
CA THR B 326 7.31 -4.39 -38.66
C THR B 326 7.47 -3.55 -37.39
N ASP B 327 7.98 -4.21 -36.35
CA ASP B 327 8.30 -3.45 -35.16
C ASP B 327 9.60 -2.67 -35.40
N ILE B 328 9.79 -1.54 -34.73
CA ILE B 328 11.10 -0.95 -34.65
C ILE B 328 12.24 -1.58 -33.79
N THR B 329 12.09 -2.80 -33.27
CA THR B 329 13.13 -3.53 -32.47
C THR B 329 12.99 -5.01 -32.85
N GLU B 330 13.91 -5.88 -32.40
CA GLU B 330 13.71 -7.32 -32.60
C GLU B 330 12.31 -7.61 -31.98
N PRO B 331 11.42 -8.24 -32.77
CA PRO B 331 10.00 -8.32 -32.38
C PRO B 331 9.71 -9.26 -31.18
N PHE B 332 8.61 -9.06 -30.43
CA PHE B 332 8.17 -10.05 -29.44
C PHE B 332 7.25 -11.01 -30.10
N VAL B 333 7.55 -12.28 -29.87
CA VAL B 333 6.94 -13.39 -30.55
C VAL B 333 6.45 -14.39 -29.55
N LEU B 334 5.16 -14.68 -29.70
CA LEU B 334 4.43 -15.46 -28.73
C LEU B 334 4.86 -16.87 -28.85
N SER B 335 4.90 -17.59 -27.74
CA SER B 335 5.53 -18.87 -27.71
C SER B 335 4.94 -19.66 -26.53
N GLY B 336 4.15 -20.69 -26.80
CA GLY B 336 3.37 -21.39 -25.75
C GLY B 336 2.47 -20.44 -24.96
N GLY B 337 1.97 -19.38 -25.62
CA GLY B 337 1.15 -18.35 -24.97
C GLY B 337 1.87 -17.32 -24.11
N HIS B 338 3.19 -17.48 -24.00
CA HIS B 338 4.07 -16.56 -23.25
C HIS B 338 4.95 -15.62 -24.09
N LEU B 339 5.28 -14.47 -23.50
CA LEU B 339 6.38 -13.64 -23.99
C LEU B 339 7.63 -13.94 -23.12
N PRO B 340 8.86 -13.95 -23.71
CA PRO B 340 9.95 -14.17 -22.75
C PRO B 340 10.40 -12.82 -22.21
N VAL B 341 10.89 -12.79 -20.97
CA VAL B 341 11.34 -11.51 -20.35
C VAL B 341 12.70 -11.07 -20.97
N PRO B 342 12.83 -9.82 -21.49
CA PRO B 342 14.16 -9.41 -21.99
C PRO B 342 15.37 -9.60 -21.02
N THR B 343 16.54 -9.93 -21.55
CA THR B 343 17.68 -10.20 -20.69
C THR B 343 18.77 -9.16 -20.58
N GLY B 344 19.02 -8.35 -21.59
CA GLY B 344 20.26 -7.56 -21.49
C GLY B 344 20.22 -6.38 -20.54
N PRO B 345 21.19 -5.49 -20.64
CA PRO B 345 21.10 -4.26 -19.82
C PRO B 345 19.87 -3.44 -20.23
N GLY B 346 19.32 -2.67 -19.29
CA GLY B 346 18.22 -1.70 -19.57
C GLY B 346 16.97 -2.38 -20.15
N LEU B 347 16.32 -1.77 -21.18
CA LEU B 347 15.18 -2.44 -21.81
C LEU B 347 15.50 -3.83 -22.30
N GLY B 348 16.80 -4.08 -22.58
CA GLY B 348 17.27 -5.35 -23.18
C GLY B 348 16.92 -5.44 -24.68
N VAL B 349 16.74 -4.26 -25.31
CA VAL B 349 16.16 -4.13 -26.64
C VAL B 349 16.43 -2.69 -26.98
N ALA B 350 16.65 -2.42 -28.28
CA ALA B 350 16.88 -1.01 -28.76
C ALA B 350 16.34 -0.83 -30.17
N PRO B 351 16.03 0.43 -30.55
CA PRO B 351 15.54 0.56 -31.91
C PRO B 351 16.64 0.21 -32.95
N ILE B 352 16.35 -0.80 -33.79
CA ILE B 352 16.96 -1.00 -35.15
C ILE B 352 16.87 0.28 -36.03
N PRO B 353 18.02 0.99 -36.29
CA PRO B 353 17.87 2.41 -36.74
C PRO B 353 17.33 2.60 -38.16
N GLU B 354 17.53 1.60 -39.05
CA GLU B 354 17.00 1.62 -40.45
C GLU B 354 15.46 1.71 -40.37
N LEU B 355 14.91 0.78 -39.58
CA LEU B 355 13.50 0.62 -39.26
C LEU B 355 12.97 1.86 -38.55
N LEU B 356 13.68 2.29 -37.52
CA LEU B 356 13.22 3.46 -36.78
C LEU B 356 13.20 4.65 -37.71
N ASP B 357 14.10 4.66 -38.70
CA ASP B 357 14.14 5.74 -39.66
C ASP B 357 12.93 5.78 -40.63
N GLU B 358 12.51 4.63 -41.22
CA GLU B 358 11.34 4.66 -42.16
C GLU B 358 10.06 5.24 -41.51
N VAL B 359 9.93 5.02 -40.20
CA VAL B 359 8.73 5.43 -39.46
C VAL B 359 8.86 6.74 -38.66
N THR B 360 9.96 7.46 -38.79
CA THR B 360 10.07 8.75 -38.08
C THR B 360 9.49 9.93 -38.89
N THR B 361 8.77 10.86 -38.27
CA THR B 361 8.09 11.95 -38.98
C THR B 361 8.68 13.32 -38.62
N ALA B 362 9.35 13.39 -37.47
CA ALA B 362 10.03 14.60 -36.99
C ALA B 362 11.07 14.20 -35.90
N LYS B 363 11.89 15.16 -35.49
CA LYS B 363 13.08 14.94 -34.64
C LYS B 363 13.39 16.32 -34.14
N VAL B 364 13.60 16.47 -32.84
CA VAL B 364 14.14 17.75 -32.33
C VAL B 364 15.12 17.47 -31.19
N TRP B 365 16.09 18.37 -30.97
CA TRP B 365 17.14 18.11 -30.02
C TRP B 365 16.97 19.13 -28.92
N ILE B 366 16.74 18.68 -27.68
CA ILE B 366 16.75 19.61 -26.53
C ILE B 366 18.04 19.42 -25.73
N GLY B 367 18.78 20.51 -25.54
CA GLY B 367 20.11 20.52 -24.90
C GLY B 367 20.20 21.75 -23.99
N MET C 1 4.94 -27.82 43.51
CA MET C 1 6.13 -27.92 44.31
C MET C 1 7.23 -27.29 43.52
N LYS C 2 8.47 -27.55 43.90
CA LYS C 2 9.63 -27.03 43.13
C LYS C 2 9.75 -28.18 42.13
N LEU C 3 9.99 -27.83 40.86
CA LEU C 3 10.24 -28.79 39.77
C LEU C 3 11.71 -29.26 39.90
N SER C 4 11.98 -30.56 39.82
CA SER C 4 13.37 -31.07 40.04
C SER C 4 14.17 -31.00 38.75
N GLY C 5 13.58 -31.55 37.70
CA GLY C 5 14.12 -31.48 36.38
C GLY C 5 13.15 -31.95 35.32
N VAL C 6 13.64 -31.88 34.09
CA VAL C 6 12.87 -32.33 32.97
C VAL C 6 13.73 -33.19 32.10
N GLU C 7 13.13 -34.29 31.67
CA GLU C 7 13.73 -35.18 30.72
C GLU C 7 13.03 -35.02 29.40
N LEU C 8 13.85 -34.75 28.40
CA LEU C 8 13.42 -34.44 27.05
C LEU C 8 13.87 -35.59 26.14
N ARG C 9 12.95 -36.10 25.32
CA ARG C 9 13.21 -37.26 24.46
C ARG C 9 12.81 -36.90 23.07
N ARG C 10 13.61 -37.34 22.12
CA ARG C 10 13.33 -37.31 20.70
C ARG C 10 12.67 -38.67 20.48
N VAL C 11 11.70 -38.77 19.59
CA VAL C 11 10.89 -39.94 19.48
C VAL C 11 10.53 -39.96 17.99
N GLN C 12 10.63 -41.15 17.36
CA GLN C 12 10.19 -41.26 15.96
C GLN C 12 9.29 -42.48 15.71
N MET C 13 8.18 -42.26 15.01
CA MET C 13 7.15 -43.24 14.83
C MET C 13 6.73 -43.36 13.39
N PRO C 14 6.67 -44.60 12.88
CA PRO C 14 6.27 -44.68 11.47
C PRO C 14 4.79 -44.41 11.33
N LEU C 15 4.41 -43.77 10.24
CA LEU C 15 3.01 -43.67 9.84
C LEU C 15 2.53 -44.87 9.01
N VAL C 16 1.38 -45.42 9.40
CA VAL C 16 0.66 -46.41 8.63
C VAL C 16 0.55 -46.08 7.13
N ALA C 17 0.33 -44.81 6.78
CA ALA C 17 0.46 -44.35 5.39
C ALA C 17 1.13 -42.96 5.31
N PRO C 18 1.78 -42.62 4.17
CA PRO C 18 2.26 -41.23 4.11
C PRO C 18 1.09 -40.20 4.18
N PHE C 19 1.35 -39.08 4.85
CA PHE C 19 0.30 -38.07 5.04
C PHE C 19 0.68 -36.79 4.30
N ARG C 20 -0.08 -36.49 3.27
CA ARG C 20 0.28 -35.40 2.44
C ARG C 20 -0.67 -34.25 2.59
N THR C 21 -0.07 -33.08 2.77
CA THR C 21 -0.67 -31.80 3.11
C THR C 21 -0.29 -30.77 2.04
N SER C 22 -0.90 -29.59 2.02
CA SER C 22 -0.46 -28.56 1.05
C SER C 22 1.02 -28.13 1.14
N PHE C 23 1.69 -28.41 2.26
CA PHE C 23 3.11 -28.07 2.44
C PHE C 23 4.07 -29.30 2.38
N GLY C 24 3.58 -30.45 1.92
CA GLY C 24 4.39 -31.63 1.82
C GLY C 24 3.81 -32.88 2.47
N THR C 25 4.66 -33.90 2.52
CA THR C 25 4.26 -35.27 2.82
C THR C 25 5.20 -35.64 3.90
N ALA C 26 4.70 -36.11 5.03
CA ALA C 26 5.59 -36.82 5.95
C ALA C 26 5.24 -38.33 5.98
N SER C 27 6.22 -39.16 6.38
CA SER C 27 6.11 -40.64 6.36
C SER C 27 6.36 -41.16 7.74
N VAL C 28 6.96 -40.32 8.53
CA VAL C 28 7.31 -40.63 9.87
C VAL C 28 6.84 -39.41 10.69
N ARG C 29 6.64 -39.62 11.99
CA ARG C 29 6.34 -38.54 12.88
C ARG C 29 7.49 -38.48 13.88
N GLU C 30 8.23 -37.35 13.89
CA GLU C 30 9.15 -37.04 15.01
C GLU C 30 8.53 -35.98 15.88
N LEU C 31 8.86 -36.08 17.16
CA LEU C 31 8.19 -35.30 18.15
C LEU C 31 9.11 -35.27 19.36
N LEU C 32 8.94 -34.27 20.23
CA LEU C 32 9.58 -34.24 21.52
C LEU C 32 8.57 -34.62 22.60
N LEU C 33 9.07 -35.34 23.58
CA LEU C 33 8.31 -35.63 24.79
C LEU C 33 9.10 -35.07 25.95
N LEU C 34 8.35 -34.61 26.96
CA LEU C 34 8.90 -34.11 28.15
C LEU C 34 8.33 -34.94 29.26
N ARG C 35 9.19 -35.20 30.24
CA ARG C 35 8.83 -35.84 31.47
C ARG C 35 9.29 -34.94 32.59
N ALA C 36 8.33 -34.26 33.24
CA ALA C 36 8.68 -33.42 34.38
C ALA C 36 8.71 -34.24 35.63
N VAL C 37 9.72 -33.94 36.44
CA VAL C 37 9.94 -34.61 37.68
C VAL C 37 9.85 -33.56 38.83
N THR C 38 9.01 -33.88 39.82
CA THR C 38 8.78 -33.08 41.06
C THR C 38 9.06 -33.99 42.27
N PRO C 39 9.18 -33.42 43.49
CA PRO C 39 9.11 -34.31 44.68
C PRO C 39 7.84 -35.19 44.67
N ALA C 40 6.71 -34.62 44.24
CA ALA C 40 5.41 -35.32 44.11
C ALA C 40 5.33 -36.59 43.19
N GLY C 41 6.34 -36.83 42.36
CA GLY C 41 6.26 -37.78 41.21
C GLY C 41 6.40 -37.04 39.86
N GLU C 42 5.67 -37.50 38.86
CA GLU C 42 6.00 -37.28 37.47
C GLU C 42 4.87 -36.78 36.55
N GLY C 43 5.22 -36.01 35.50
CA GLY C 43 4.28 -35.74 34.42
C GLY C 43 4.79 -35.75 32.98
N TRP C 44 3.92 -36.10 32.02
CA TRP C 44 4.21 -36.20 30.58
C TRP C 44 3.68 -35.06 29.72
N GLY C 45 4.57 -34.52 28.87
CA GLY C 45 4.18 -33.53 27.89
C GLY C 45 4.57 -33.94 26.53
N GLU C 46 3.72 -33.65 25.56
CA GLU C 46 4.05 -33.85 24.18
C GLU C 46 4.11 -32.50 23.47
N CYS C 47 5.12 -32.29 22.63
CA CYS C 47 5.21 -31.09 21.83
C CYS C 47 4.67 -31.38 20.44
N VAL C 48 3.92 -30.48 19.81
CA VAL C 48 3.34 -30.79 18.50
C VAL C 48 4.11 -30.20 17.31
N THR C 49 5.26 -29.58 17.57
CA THR C 49 6.10 -29.05 16.45
C THR C 49 6.39 -30.22 15.48
N ILE C 50 6.48 -29.90 14.21
CA ILE C 50 6.99 -30.86 13.23
C ILE C 50 8.49 -30.71 12.94
N ALA C 51 8.98 -31.46 11.98
CA ALA C 51 10.44 -31.52 11.81
C ALA C 51 11.06 -30.19 11.35
N GLY C 52 10.43 -29.54 10.37
CA GLY C 52 10.89 -28.24 9.89
C GLY C 52 9.77 -27.19 9.90
N PRO C 53 10.12 -25.90 9.69
CA PRO C 53 9.10 -24.82 9.86
C PRO C 53 8.19 -24.61 8.65
N LEU C 54 7.33 -25.60 8.39
CA LEU C 54 6.43 -25.63 7.20
C LEU C 54 4.95 -25.39 7.53
N TYR C 55 4.60 -25.65 8.79
CA TYR C 55 3.25 -25.43 9.24
C TYR C 55 3.20 -24.07 10.01
N SER C 56 4.18 -23.86 10.88
CA SER C 56 4.37 -22.58 11.54
C SER C 56 5.92 -22.43 11.65
N SER C 57 6.36 -21.36 12.32
CA SER C 57 7.74 -21.05 12.45
C SER C 57 8.48 -21.93 13.42
N GLU C 58 7.73 -22.65 14.24
CA GLU C 58 8.35 -23.54 15.24
C GLU C 58 8.65 -24.93 14.69
N TYR C 59 9.77 -25.52 15.12
CA TYR C 59 10.06 -26.87 14.64
C TYR C 59 10.82 -27.67 15.71
N ASN C 60 10.95 -28.97 15.53
CA ASN C 60 11.46 -29.84 16.58
C ASN C 60 12.75 -29.36 17.18
N ASP C 61 13.77 -29.14 16.35
CA ASP C 61 15.09 -28.72 16.86
C ASP C 61 15.04 -27.35 17.50
N GLY C 62 14.21 -26.44 16.97
CA GLY C 62 13.99 -25.10 17.56
C GLY C 62 13.27 -25.16 18.93
N ALA C 63 12.19 -25.98 19.02
CA ALA C 63 11.54 -26.24 20.32
C ALA C 63 12.56 -26.80 21.33
N GLU C 64 13.36 -27.77 20.91
CA GLU C 64 14.28 -28.35 21.85
C GLU C 64 15.27 -27.29 22.35
N HIS C 65 15.71 -26.42 21.46
CA HIS C 65 16.69 -25.44 21.82
C HIS C 65 16.14 -24.42 22.81
N VAL C 66 14.95 -23.89 22.50
CA VAL C 66 14.33 -22.90 23.38
C VAL C 66 13.93 -23.56 24.73
N LEU C 67 13.47 -24.82 24.66
CA LEU C 67 13.27 -25.63 25.90
C LEU C 67 14.50 -25.75 26.79
N ARG C 68 15.66 -26.16 26.25
CA ARG C 68 16.84 -26.48 27.07
C ARG C 68 17.38 -25.22 27.64
N HIS C 69 17.34 -24.14 26.83
CA HIS C 69 18.14 -22.92 27.16
C HIS C 69 17.35 -21.75 27.77
N TYR C 70 16.01 -21.75 27.66
CA TYR C 70 15.15 -20.67 28.22
C TYR C 70 14.04 -21.15 29.15
N LEU C 71 13.16 -21.98 28.60
CA LEU C 71 11.93 -22.33 29.20
C LEU C 71 12.14 -23.18 30.44
N ILE C 72 12.77 -24.33 30.27
CA ILE C 72 13.07 -25.22 31.41
C ILE C 72 13.93 -24.52 32.45
N PRO C 73 14.96 -23.72 32.05
CA PRO C 73 15.72 -23.12 33.17
C PRO C 73 14.93 -22.13 33.96
N ALA C 74 14.00 -21.42 33.30
CA ALA C 74 13.18 -20.43 33.99
C ALA C 74 12.24 -21.12 35.01
N LEU C 75 11.70 -22.31 34.70
CA LEU C 75 10.84 -22.99 35.67
C LEU C 75 11.65 -23.58 36.83
N LEU C 76 12.87 -24.06 36.55
CA LEU C 76 13.71 -24.69 37.62
C LEU C 76 14.18 -23.65 38.60
N ALA C 77 14.26 -22.39 38.14
CA ALA C 77 14.67 -21.32 39.03
C ALA C 77 13.52 -20.76 39.93
N ALA C 78 12.26 -21.16 39.67
CA ALA C 78 11.11 -20.58 40.37
C ALA C 78 10.91 -21.19 41.78
N GLU C 79 10.53 -20.36 42.78
CA GLU C 79 10.26 -20.80 44.18
C GLU C 79 9.15 -21.90 44.33
N ASP C 80 7.86 -21.57 44.13
CA ASP C 80 6.76 -22.59 43.95
C ASP C 80 6.23 -22.49 42.51
N ILE C 81 5.81 -23.61 41.96
CA ILE C 81 5.41 -23.69 40.57
C ILE C 81 3.98 -24.25 40.57
N THR C 82 3.22 -23.95 39.53
CA THR C 82 1.84 -24.39 39.34
C THR C 82 1.69 -24.28 37.84
N ALA C 83 0.81 -25.10 37.25
CA ALA C 83 0.56 -25.05 35.83
C ALA C 83 0.19 -23.61 35.43
N ALA C 84 -0.80 -23.05 36.11
CA ALA C 84 -1.24 -21.68 35.96
C ALA C 84 -0.10 -20.70 36.05
N LYS C 85 0.90 -20.94 36.89
CA LYS C 85 2.02 -20.01 36.94
C LYS C 85 3.07 -20.11 35.83
N VAL C 86 3.09 -21.24 35.11
CA VAL C 86 3.94 -21.42 33.94
C VAL C 86 3.87 -20.21 32.96
N THR C 87 2.68 -19.85 32.50
CA THR C 87 2.48 -18.68 31.63
C THR C 87 3.20 -17.43 32.12
N PRO C 88 2.91 -16.98 33.38
CA PRO C 88 3.65 -15.76 33.76
C PRO C 88 5.12 -15.94 33.91
N LEU C 89 5.56 -17.14 34.22
CA LEU C 89 7.02 -17.33 34.40
C LEU C 89 7.75 -17.35 33.06
N LEU C 90 7.05 -17.75 32.00
CA LEU C 90 7.63 -17.86 30.67
C LEU C 90 7.27 -16.61 29.79
N ALA C 91 6.65 -15.61 30.41
CA ALA C 91 6.03 -14.50 29.67
C ALA C 91 7.01 -13.62 28.88
N LYS C 92 8.16 -13.37 29.49
CA LYS C 92 9.22 -12.63 28.90
C LYS C 92 9.72 -13.23 27.58
N PHE C 93 9.46 -14.51 27.28
CA PHE C 93 9.96 -15.10 26.05
C PHE C 93 8.86 -15.03 25.02
N LYS C 94 9.09 -14.33 23.88
CA LYS C 94 8.06 -14.11 22.84
C LYS C 94 7.83 -15.37 22.06
N GLY C 95 6.57 -15.67 21.74
CA GLY C 95 6.20 -16.86 20.93
C GLY C 95 6.55 -18.20 21.58
N HIS C 96 7.06 -19.11 20.77
CA HIS C 96 7.42 -20.47 21.18
C HIS C 96 6.27 -21.13 21.89
N ARG C 97 5.10 -20.96 21.29
CA ARG C 97 3.86 -21.45 21.88
C ARG C 97 3.79 -22.93 22.05
N MET C 98 4.16 -23.69 21.02
CA MET C 98 4.14 -25.14 21.07
C MET C 98 5.12 -25.63 22.09
N ALA C 99 6.25 -24.94 22.24
CA ALA C 99 7.24 -25.45 23.18
C ALA C 99 6.69 -25.13 24.57
N LYS C 100 6.15 -23.94 24.75
CA LYS C 100 5.57 -23.57 26.03
C LYS C 100 4.44 -24.52 26.47
N GLY C 101 3.58 -24.86 25.51
CA GLY C 101 2.42 -25.70 25.74
C GLY C 101 2.80 -27.10 26.13
N ALA C 102 3.93 -27.57 25.63
CA ALA C 102 4.37 -28.93 25.84
C ALA C 102 4.80 -29.00 27.28
N LEU C 103 5.47 -27.94 27.70
CA LEU C 103 6.06 -27.94 28.99
C LEU C 103 4.96 -27.67 29.97
N GLU C 104 3.99 -26.81 29.63
CA GLU C 104 2.83 -26.60 30.51
C GLU C 104 2.07 -27.94 30.74
N MET C 105 1.81 -28.72 29.68
CA MET C 105 1.18 -30.02 29.76
C MET C 105 1.93 -30.89 30.74
N ALA C 106 3.25 -30.84 30.78
CA ALA C 106 3.91 -31.80 31.61
C ALA C 106 3.76 -31.37 33.07
N VAL C 107 3.87 -30.07 33.33
CA VAL C 107 3.65 -29.54 34.68
C VAL C 107 2.19 -29.82 35.14
N LEU C 108 1.24 -29.68 34.24
CA LEU C 108 -0.13 -29.90 34.54
C LEU C 108 -0.41 -31.39 34.87
N ASP C 109 0.23 -32.28 34.15
CA ASP C 109 0.01 -33.72 34.32
C ASP C 109 0.62 -34.13 35.67
N ALA C 110 1.80 -33.60 36.03
CA ALA C 110 2.39 -33.83 37.33
C ALA C 110 1.49 -33.32 38.47
N GLU C 111 1.07 -32.06 38.41
CA GLU C 111 0.17 -31.42 39.39
C GLU C 111 -1.13 -32.21 39.69
N LEU C 112 -1.89 -32.47 38.63
CA LEU C 112 -3.09 -33.21 38.63
C LEU C 112 -3.00 -34.64 39.17
N ARG C 113 -1.96 -35.39 38.78
CA ARG C 113 -1.64 -36.72 39.35
C ARG C 113 -1.52 -36.59 40.88
N ALA C 114 -0.78 -35.60 41.36
CA ALA C 114 -0.70 -35.30 42.76
C ALA C 114 -2.03 -34.94 43.50
N HIS C 115 -3.16 -34.83 42.77
CA HIS C 115 -4.45 -34.43 43.35
C HIS C 115 -5.45 -35.46 42.80
N GLU C 116 -4.96 -36.57 42.28
CA GLU C 116 -5.82 -37.66 41.79
C GLU C 116 -6.96 -37.17 40.91
N ARG C 117 -6.66 -36.13 40.15
CA ARG C 117 -7.63 -35.45 39.28
C ARG C 117 -7.27 -35.63 37.80
N SER C 118 -8.27 -35.97 37.02
CA SER C 118 -8.11 -36.11 35.60
C SER C 118 -7.98 -34.74 34.86
N PHE C 119 -7.39 -34.77 33.66
CA PHE C 119 -7.37 -33.65 32.72
C PHE C 119 -8.83 -33.21 32.41
N ALA C 120 -9.71 -34.17 32.14
CA ALA C 120 -11.15 -33.95 31.85
C ALA C 120 -11.80 -33.14 32.97
N ALA C 121 -11.48 -33.46 34.23
CA ALA C 121 -12.06 -32.78 35.38
C ALA C 121 -11.59 -31.35 35.46
N GLU C 122 -10.26 -31.14 35.45
CA GLU C 122 -9.66 -29.79 35.37
C GLU C 122 -10.19 -28.94 34.19
N LEU C 123 -10.36 -29.51 33.02
CA LEU C 123 -10.77 -28.69 31.87
C LEU C 123 -12.24 -28.31 31.83
N GLY C 124 -13.08 -29.09 32.56
CA GLY C 124 -14.53 -28.90 32.63
C GLY C 124 -15.35 -29.78 31.70
N SER C 125 -14.93 -31.02 31.51
CA SER C 125 -15.65 -32.00 30.68
C SER C 125 -17.12 -32.18 31.13
N VAL C 126 -18.02 -32.42 30.19
CA VAL C 126 -19.43 -32.68 30.45
C VAL C 126 -19.93 -33.96 29.74
N ARG C 127 -19.03 -34.87 29.36
CA ARG C 127 -19.27 -35.93 28.35
C ARG C 127 -18.18 -36.96 28.69
N ASP C 128 -18.53 -38.24 28.58
CA ASP C 128 -17.64 -39.38 28.86
C ASP C 128 -17.02 -39.90 27.57
N SER C 129 -17.62 -39.51 26.45
CA SER C 129 -17.08 -39.80 25.15
C SER C 129 -17.31 -38.64 24.12
N VAL C 130 -16.50 -38.62 23.05
CA VAL C 130 -16.65 -37.62 21.96
C VAL C 130 -16.79 -38.17 20.55
N PRO C 131 -17.55 -37.49 19.69
CA PRO C 131 -17.59 -38.00 18.30
C PRO C 131 -16.31 -37.64 17.50
N CYS C 132 -15.82 -38.56 16.67
CA CYS C 132 -14.52 -38.40 15.95
C CYS C 132 -14.63 -38.44 14.46
N GLY C 133 -14.06 -37.42 13.82
CA GLY C 133 -13.94 -37.33 12.37
C GLY C 133 -12.55 -37.77 12.00
N VAL C 134 -12.26 -37.71 10.72
CA VAL C 134 -10.95 -38.16 10.25
C VAL C 134 -10.39 -37.17 9.21
N SER C 135 -9.08 -36.96 9.31
CA SER C 135 -8.43 -36.15 8.32
C SER C 135 -7.69 -36.95 7.21
N VAL C 136 -7.94 -36.61 5.97
CA VAL C 136 -7.47 -37.36 4.83
C VAL C 136 -6.55 -36.52 3.93
N GLY C 137 -5.34 -37.04 3.63
CA GLY C 137 -4.34 -36.32 2.82
C GLY C 137 -4.71 -35.98 1.36
N ILE C 138 -3.85 -35.23 0.69
CA ILE C 138 -3.93 -35.19 -0.76
C ILE C 138 -3.40 -36.54 -1.34
N MET C 139 -3.98 -37.01 -2.44
CA MET C 139 -3.60 -38.30 -3.02
C MET C 139 -3.08 -38.04 -4.42
N ASP C 140 -2.39 -39.03 -5.00
CA ASP C 140 -2.02 -38.98 -6.42
C ASP C 140 -3.21 -39.03 -7.42
N THR C 141 -4.28 -39.76 -7.08
CA THR C 141 -5.49 -39.91 -7.94
C THR C 141 -6.80 -39.88 -7.17
N ILE C 142 -7.86 -39.34 -7.79
CA ILE C 142 -9.26 -39.47 -7.30
C ILE C 142 -9.66 -40.92 -6.81
N PRO C 143 -9.37 -41.97 -7.62
CA PRO C 143 -9.78 -43.29 -7.12
C PRO C 143 -9.04 -43.77 -5.87
N GLN C 144 -7.75 -43.43 -5.72
CA GLN C 144 -7.04 -43.76 -4.46
C GLN C 144 -7.75 -43.02 -3.27
N LEU C 145 -8.30 -41.83 -3.52
CA LEU C 145 -8.97 -41.00 -2.47
C LEU C 145 -10.29 -41.59 -2.04
N LEU C 146 -11.16 -41.87 -3.03
CA LEU C 146 -12.48 -42.52 -2.82
C LEU C 146 -12.38 -43.81 -2.03
N ASP C 147 -11.37 -44.65 -2.34
CA ASP C 147 -11.19 -45.93 -1.62
C ASP C 147 -10.74 -45.63 -0.20
N VAL C 148 -9.85 -44.62 -0.05
CA VAL C 148 -9.42 -44.21 1.29
C VAL C 148 -10.59 -43.68 2.16
N VAL C 149 -11.42 -42.81 1.60
CA VAL C 149 -12.55 -42.17 2.31
C VAL C 149 -13.56 -43.27 2.71
N GLY C 150 -14.02 -44.01 1.68
CA GLY C 150 -14.77 -45.29 1.78
C GLY C 150 -14.35 -46.16 2.95
N GLY C 151 -13.06 -46.47 3.01
CA GLY C 151 -12.52 -47.18 4.17
C GLY C 151 -12.76 -46.57 5.54
N TYR C 152 -12.54 -45.25 5.64
CA TYR C 152 -12.70 -44.51 6.90
C TYR C 152 -14.20 -44.47 7.33
N LEU C 153 -15.07 -44.27 6.35
CA LEU C 153 -16.50 -44.28 6.54
C LEU C 153 -16.96 -45.60 7.13
N ASP C 154 -16.43 -46.71 6.57
CA ASP C 154 -16.78 -48.04 7.04
C ASP C 154 -16.46 -48.24 8.49
N GLU C 155 -15.35 -47.68 8.96
CA GLU C 155 -15.03 -47.90 10.38
C GLU C 155 -15.89 -47.00 11.28
N GLY C 156 -16.72 -46.15 10.65
CA GLY C 156 -17.64 -45.23 11.31
C GLY C 156 -17.17 -43.89 11.90
N TYR C 157 -16.03 -43.35 11.43
CA TYR C 157 -15.73 -41.91 11.58
C TYR C 157 -16.94 -41.12 11.09
N VAL C 158 -17.33 -40.10 11.87
CA VAL C 158 -18.61 -39.33 11.63
C VAL C 158 -18.57 -38.19 10.59
N ARG C 159 -17.33 -37.77 10.31
CA ARG C 159 -17.03 -36.65 9.41
C ARG C 159 -15.70 -36.91 8.67
N ILE C 160 -15.67 -36.49 7.41
CA ILE C 160 -14.49 -36.55 6.57
C ILE C 160 -13.93 -35.15 6.29
N LYS C 161 -12.67 -34.95 6.67
CA LYS C 161 -11.94 -33.72 6.34
C LYS C 161 -10.92 -34.02 5.21
N LEU C 162 -11.02 -33.29 4.11
CA LEU C 162 -10.10 -33.39 2.98
C LEU C 162 -9.07 -32.27 2.90
N LYS C 163 -7.79 -32.64 2.99
CA LYS C 163 -6.67 -31.77 2.63
C LYS C 163 -6.79 -31.36 1.17
N ILE C 164 -6.65 -30.05 0.93
CA ILE C 164 -6.72 -29.47 -0.38
C ILE C 164 -5.56 -28.50 -0.65
N GLU C 165 -5.43 -28.03 -1.91
CA GLU C 165 -4.35 -27.14 -2.40
C GLU C 165 -4.72 -26.87 -3.82
N PRO C 166 -4.20 -25.76 -4.42
CA PRO C 166 -4.53 -25.54 -5.87
C PRO C 166 -4.21 -26.81 -6.73
N GLY C 167 -5.10 -27.13 -7.68
CA GLY C 167 -4.96 -28.40 -8.42
C GLY C 167 -5.61 -29.62 -7.77
N TRP C 168 -5.91 -29.56 -6.46
CA TRP C 168 -6.67 -30.59 -5.72
C TRP C 168 -7.72 -29.91 -4.79
N ASP C 169 -8.82 -29.43 -5.35
CA ASP C 169 -9.84 -28.89 -4.49
C ASP C 169 -11.26 -29.29 -4.94
N VAL C 170 -11.83 -28.57 -5.91
CA VAL C 170 -13.08 -28.86 -6.59
C VAL C 170 -13.25 -30.35 -7.05
N GLU C 171 -12.28 -30.92 -7.78
CA GLU C 171 -12.40 -32.31 -8.25
C GLU C 171 -12.54 -33.33 -7.14
N PRO C 172 -11.59 -33.34 -6.20
CA PRO C 172 -11.73 -34.35 -5.16
C PRO C 172 -13.05 -34.18 -4.37
N VAL C 173 -13.48 -32.94 -4.10
CA VAL C 173 -14.78 -32.72 -3.41
C VAL C 173 -15.97 -33.26 -4.25
N ARG C 174 -16.04 -32.84 -5.53
CA ARG C 174 -17.05 -33.34 -6.49
C ARG C 174 -17.17 -34.86 -6.46
N ALA C 175 -16.03 -35.52 -6.65
CA ALA C 175 -15.99 -36.96 -6.68
C ALA C 175 -16.40 -37.58 -5.34
N VAL C 176 -15.98 -37.01 -4.20
CA VAL C 176 -16.39 -37.58 -2.89
C VAL C 176 -17.89 -37.43 -2.69
N ARG C 177 -18.47 -36.40 -3.28
CA ARG C 177 -19.88 -36.06 -3.14
C ARG C 177 -20.80 -36.95 -4.01
N GLU C 178 -20.45 -37.06 -5.30
CA GLU C 178 -20.99 -38.06 -6.25
C GLU C 178 -20.93 -39.50 -5.67
N ARG C 179 -19.79 -39.96 -5.13
CA ARG C 179 -19.70 -41.37 -4.62
C ARG C 179 -20.44 -41.56 -3.32
N PHE C 180 -20.26 -40.69 -2.32
CA PHE C 180 -20.88 -40.91 -0.99
C PHE C 180 -22.10 -40.07 -0.59
N GLY C 181 -22.52 -39.11 -1.43
CA GLY C 181 -23.75 -38.32 -1.27
C GLY C 181 -23.69 -37.09 -0.38
N ASP C 182 -24.73 -36.28 -0.45
CA ASP C 182 -24.87 -35.03 0.31
C ASP C 182 -24.99 -35.12 1.84
N ASP C 183 -25.12 -36.33 2.38
CA ASP C 183 -25.32 -36.46 3.84
C ASP C 183 -24.09 -36.59 4.67
N VAL C 184 -23.01 -37.09 4.09
CA VAL C 184 -21.77 -37.14 4.86
C VAL C 184 -21.33 -35.71 5.26
N LEU C 185 -20.96 -35.55 6.53
CA LEU C 185 -20.25 -34.36 7.02
C LEU C 185 -18.85 -34.22 6.29
N LEU C 186 -18.77 -33.20 5.44
CA LEU C 186 -17.61 -32.98 4.60
C LEU C 186 -17.10 -31.55 4.78
N GLN C 187 -15.81 -31.46 5.10
CA GLN C 187 -15.06 -30.18 5.10
C GLN C 187 -13.64 -30.26 4.44
N VAL C 188 -13.08 -29.08 4.13
CA VAL C 188 -11.78 -28.96 3.47
C VAL C 188 -10.78 -28.11 4.28
N ASP C 189 -9.50 -28.28 3.96
CA ASP C 189 -8.38 -27.72 4.76
C ASP C 189 -7.18 -27.46 3.84
N ALA C 190 -6.86 -26.18 3.69
CA ALA C 190 -5.82 -25.68 2.78
C ALA C 190 -4.46 -25.49 3.43
N ASN C 191 -4.35 -25.58 4.76
CA ASN C 191 -3.12 -25.14 5.44
C ASN C 191 -2.45 -23.91 4.82
N THR C 192 -3.23 -22.85 4.56
CA THR C 192 -2.71 -21.52 4.04
C THR C 192 -2.35 -21.47 2.53
N ALA C 193 -2.75 -22.46 1.74
CA ALA C 193 -2.38 -22.61 0.33
C ALA C 193 -2.92 -21.60 -0.69
N TYR C 194 -3.93 -20.83 -0.36
CA TYR C 194 -4.54 -19.96 -1.36
C TYR C 194 -4.28 -18.48 -1.04
N THR C 195 -4.62 -17.60 -1.98
CA THR C 195 -4.66 -16.18 -1.71
C THR C 195 -6.05 -15.69 -2.01
N LEU C 196 -6.26 -14.42 -1.71
CA LEU C 196 -7.55 -13.78 -1.87
C LEU C 196 -7.93 -13.74 -3.36
N GLY C 197 -6.93 -13.59 -4.24
CA GLY C 197 -7.07 -13.75 -5.70
C GLY C 197 -7.65 -15.10 -6.13
N ASP C 198 -7.45 -16.14 -5.34
CA ASP C 198 -8.12 -17.43 -5.61
C ASP C 198 -9.59 -17.50 -5.22
N ALA C 199 -10.22 -16.39 -4.78
CA ALA C 199 -11.63 -16.46 -4.34
C ALA C 199 -12.58 -17.18 -5.30
N PRO C 200 -12.54 -16.83 -6.62
CA PRO C 200 -13.50 -17.49 -7.55
C PRO C 200 -13.29 -19.00 -7.60
N GLN C 201 -12.05 -19.45 -7.49
CA GLN C 201 -11.85 -20.87 -7.38
C GLN C 201 -12.45 -21.45 -6.08
N LEU C 202 -12.30 -20.76 -4.94
CA LEU C 202 -12.91 -21.28 -3.71
C LEU C 202 -14.47 -21.16 -3.70
N ALA C 203 -14.99 -20.29 -4.57
CA ALA C 203 -16.45 -20.14 -4.81
C ALA C 203 -16.99 -21.31 -5.57
N ARG C 204 -16.19 -21.90 -6.44
CA ARG C 204 -16.58 -23.15 -7.09
C ARG C 204 -16.80 -24.30 -6.10
N LEU C 205 -16.45 -24.14 -4.82
CA LEU C 205 -16.84 -25.10 -3.76
C LEU C 205 -18.23 -24.88 -3.15
N ASP C 206 -18.85 -23.73 -3.42
CA ASP C 206 -20.23 -23.42 -2.96
C ASP C 206 -21.31 -24.55 -3.12
N PRO C 207 -21.47 -25.13 -4.36
CA PRO C 207 -22.55 -26.11 -4.52
C PRO C 207 -22.41 -27.38 -3.70
N PHE C 208 -21.27 -27.64 -3.08
CA PHE C 208 -21.11 -28.95 -2.38
C PHE C 208 -21.45 -29.03 -0.89
N GLY C 209 -22.04 -27.97 -0.32
CA GLY C 209 -22.47 -27.92 1.11
C GLY C 209 -21.43 -28.39 2.14
N LEU C 210 -20.22 -27.85 2.06
CA LEU C 210 -19.19 -28.20 3.03
C LEU C 210 -19.48 -27.54 4.40
N LEU C 211 -19.06 -28.16 5.52
CA LEU C 211 -19.20 -27.50 6.83
C LEU C 211 -18.35 -26.25 6.96
N LEU C 212 -17.17 -26.29 6.37
CA LEU C 212 -16.20 -25.23 6.52
C LEU C 212 -15.05 -25.42 5.52
N ILE C 213 -14.42 -24.31 5.13
CA ILE C 213 -13.07 -24.36 4.66
C ILE C 213 -12.12 -23.82 5.76
N GLU C 214 -11.20 -24.66 6.21
CA GLU C 214 -10.20 -24.35 7.18
C GLU C 214 -8.89 -23.68 6.59
N GLN C 215 -8.51 -22.54 7.18
CA GLN C 215 -7.34 -21.71 6.86
C GLN C 215 -7.06 -21.63 5.34
N PRO C 216 -8.01 -21.09 4.56
CA PRO C 216 -7.65 -20.89 3.14
C PRO C 216 -6.39 -19.99 2.89
N LEU C 217 -6.19 -18.93 3.70
CA LEU C 217 -5.13 -17.98 3.47
C LEU C 217 -4.06 -18.05 4.54
N GLU C 218 -3.00 -17.25 4.37
CA GLU C 218 -1.83 -17.30 5.29
C GLU C 218 -2.24 -16.92 6.75
N GLU C 219 -1.43 -17.41 7.68
CA GLU C 219 -1.57 -17.18 9.11
C GLU C 219 -1.86 -15.72 9.53
N GLU C 220 -1.10 -14.78 8.98
CA GLU C 220 -1.23 -13.34 9.35
C GLU C 220 -2.35 -12.60 8.63
N ASP C 221 -2.97 -13.23 7.63
CA ASP C 221 -4.03 -12.53 6.91
C ASP C 221 -5.50 -12.69 7.46
N VAL C 222 -5.77 -12.04 8.57
CA VAL C 222 -7.06 -12.15 9.20
C VAL C 222 -8.08 -11.30 8.43
N LEU C 223 -7.75 -10.04 8.13
CA LEU C 223 -8.65 -9.22 7.26
C LEU C 223 -8.92 -9.86 5.91
N GLY C 224 -7.98 -10.66 5.41
CA GLY C 224 -8.16 -11.24 4.11
C GLY C 224 -9.22 -12.31 4.22
N HIS C 225 -9.15 -13.08 5.31
CA HIS C 225 -10.23 -14.03 5.58
C HIS C 225 -11.61 -13.42 5.70
N ALA C 226 -11.74 -12.25 6.34
CA ALA C 226 -13.03 -11.61 6.42
C ALA C 226 -13.53 -11.17 5.03
N GLU C 227 -12.58 -10.66 4.22
CA GLU C 227 -12.87 -10.36 2.83
C GLU C 227 -13.34 -11.63 2.07
N LEU C 228 -12.68 -12.77 2.30
CA LEU C 228 -12.97 -13.99 1.55
C LEU C 228 -14.35 -14.52 1.93
N ALA C 229 -14.72 -14.35 3.19
CA ALA C 229 -16.02 -14.75 3.68
C ALA C 229 -17.17 -13.96 3.01
N ARG C 230 -16.94 -12.69 2.60
CA ARG C 230 -17.97 -11.95 1.82
C ARG C 230 -18.10 -12.51 0.40
N ARG C 231 -17.15 -13.35 -0.05
CA ARG C 231 -17.19 -13.80 -1.42
C ARG C 231 -17.46 -15.29 -1.63
N ILE C 232 -17.42 -16.12 -0.60
CA ILE C 232 -17.66 -17.57 -0.78
C ILE C 232 -18.78 -17.99 0.15
N GLN C 233 -19.48 -19.08 -0.16
CA GLN C 233 -20.58 -19.52 0.70
C GLN C 233 -20.11 -20.42 1.85
N THR C 234 -19.02 -21.15 1.61
CA THR C 234 -18.49 -22.06 2.61
C THR C 234 -17.99 -21.30 3.84
N PRO C 235 -18.47 -21.69 5.03
CA PRO C 235 -18.06 -20.95 6.27
C PRO C 235 -16.53 -21.04 6.46
N ILE C 236 -15.88 -19.96 6.94
CA ILE C 236 -14.43 -20.00 7.20
C ILE C 236 -14.15 -20.56 8.57
N CYS C 237 -13.15 -21.44 8.65
CA CYS C 237 -12.65 -21.94 9.93
C CYS C 237 -11.17 -21.55 9.99
N LEU C 238 -10.62 -21.21 11.15
CA LEU C 238 -9.23 -20.79 11.22
C LEU C 238 -8.50 -21.78 12.09
N ASP C 239 -7.25 -22.03 11.77
CA ASP C 239 -6.40 -22.94 12.52
C ASP C 239 -5.11 -22.19 12.90
N GLU C 240 -4.18 -22.06 11.95
CA GLU C 240 -2.85 -21.43 12.15
C GLU C 240 -3.01 -20.01 12.72
N SER C 241 -4.03 -19.26 12.26
CA SER C 241 -4.28 -17.88 12.74
C SER C 241 -4.61 -17.82 14.21
N ILE C 242 -5.21 -18.89 14.78
CA ILE C 242 -5.71 -18.82 16.17
C ILE C 242 -4.63 -19.21 17.11
N VAL C 243 -3.82 -18.23 17.45
CA VAL C 243 -2.68 -18.49 18.33
C VAL C 243 -2.94 -18.20 19.81
N SER C 244 -4.12 -17.66 20.18
CA SER C 244 -4.39 -17.30 21.59
C SER C 244 -5.86 -16.95 21.66
N ALA C 245 -6.33 -16.76 22.89
CA ALA C 245 -7.74 -16.44 23.08
C ALA C 245 -7.99 -15.03 22.56
N ARG C 246 -7.05 -14.14 22.81
CA ARG C 246 -7.11 -12.79 22.21
C ARG C 246 -7.21 -12.85 20.67
N ALA C 247 -6.37 -13.67 20.05
CA ALA C 247 -6.45 -13.80 18.58
C ALA C 247 -7.82 -14.32 18.12
N ALA C 248 -8.40 -15.25 18.87
CA ALA C 248 -9.74 -15.71 18.53
C ALA C 248 -10.75 -14.53 18.64
N ALA C 249 -10.70 -13.81 19.76
CA ALA C 249 -11.55 -12.66 19.98
C ALA C 249 -11.44 -11.64 18.78
N ASP C 250 -10.22 -11.39 18.32
CA ASP C 250 -9.92 -10.45 17.21
C ASP C 250 -10.48 -10.89 15.93
N ALA C 251 -10.28 -12.17 15.63
CA ALA C 251 -10.86 -12.73 14.41
C ALA C 251 -12.37 -12.69 14.34
N ILE C 252 -13.01 -12.98 15.49
CA ILE C 252 -14.47 -13.00 15.61
C ILE C 252 -14.97 -11.58 15.43
N LYS C 253 -14.37 -10.57 16.10
CA LYS C 253 -14.82 -9.14 15.91
C LYS C 253 -14.70 -8.71 14.45
N LEU C 254 -13.67 -9.19 13.76
CA LEU C 254 -13.46 -8.74 12.42
C LEU C 254 -14.27 -9.51 11.36
N GLY C 255 -15.14 -10.46 11.74
CA GLY C 255 -15.90 -11.28 10.75
C GLY C 255 -15.05 -12.24 9.87
N ALA C 256 -13.91 -12.67 10.41
CA ALA C 256 -12.91 -13.48 9.70
C ALA C 256 -13.06 -14.96 9.95
N VAL C 257 -13.98 -15.36 10.83
CA VAL C 257 -14.10 -16.79 11.19
C VAL C 257 -15.51 -17.03 11.70
N GLN C 258 -16.15 -18.11 11.26
CA GLN C 258 -17.40 -18.60 11.85
C GLN C 258 -17.26 -19.82 12.75
N ILE C 259 -16.15 -20.56 12.64
CA ILE C 259 -15.91 -21.82 13.39
C ILE C 259 -14.42 -21.85 13.73
N VAL C 260 -14.03 -22.23 14.93
CA VAL C 260 -12.60 -22.24 15.30
C VAL C 260 -12.07 -23.66 15.58
N ASN C 261 -10.97 -24.02 14.91
CA ASN C 261 -10.28 -25.28 15.24
C ASN C 261 -9.38 -24.96 16.43
N ILE C 262 -9.38 -25.77 17.49
CA ILE C 262 -8.45 -25.61 18.61
C ILE C 262 -7.37 -26.68 18.66
N LYS C 263 -6.10 -26.23 18.69
CA LYS C 263 -5.00 -27.11 18.97
C LYS C 263 -4.23 -26.54 20.13
N PRO C 264 -4.17 -27.29 21.22
CA PRO C 264 -3.57 -26.82 22.43
C PRO C 264 -2.13 -26.34 22.34
N GLY C 265 -1.30 -27.13 21.63
CA GLY C 265 0.12 -26.77 21.46
C GLY C 265 0.17 -25.48 20.64
N ARG C 266 -0.64 -25.38 19.58
CA ARG C 266 -0.69 -24.14 18.75
C ARG C 266 -0.96 -22.87 19.56
N VAL C 267 -1.78 -22.95 20.63
CA VAL C 267 -2.15 -21.75 21.42
C VAL C 267 -1.31 -21.59 22.67
N GLY C 268 -0.38 -22.49 22.83
CA GLY C 268 0.45 -22.33 24.07
C GLY C 268 -0.04 -23.10 25.28
N GLY C 269 -0.89 -24.11 25.09
CA GLY C 269 -1.11 -25.08 26.19
C GLY C 269 -2.59 -25.33 26.38
N TYR C 270 -2.89 -26.34 27.20
CA TYR C 270 -4.28 -26.76 27.48
C TYR C 270 -5.07 -25.71 28.26
N LEU C 271 -4.42 -25.04 29.20
CA LEU C 271 -5.07 -23.91 29.90
C LEU C 271 -5.54 -22.78 28.93
N GLU C 272 -4.65 -22.33 28.02
CA GLU C 272 -5.05 -21.34 27.03
C GLU C 272 -6.10 -21.89 26.11
N ALA C 273 -6.03 -23.19 25.82
CA ALA C 273 -7.03 -23.80 24.93
C ALA C 273 -8.43 -23.68 25.52
N ARG C 274 -8.49 -23.81 26.83
CA ARG C 274 -9.76 -23.72 27.49
C ARG C 274 -10.29 -22.28 27.32
N ARG C 275 -9.42 -21.30 27.59
CA ARG C 275 -9.79 -19.88 27.38
C ARG C 275 -10.29 -19.68 25.95
N VAL C 276 -9.68 -20.35 24.97
CA VAL C 276 -10.13 -20.14 23.62
C VAL C 276 -11.54 -20.66 23.46
N HIS C 277 -11.79 -21.88 23.97
CA HIS C 277 -13.13 -22.49 24.05
C HIS C 277 -14.20 -21.50 24.61
N ASP C 278 -13.85 -20.91 25.75
CA ASP C 278 -14.72 -20.02 26.46
C ASP C 278 -15.01 -18.67 25.73
N VAL C 279 -13.97 -18.04 25.20
CA VAL C 279 -14.14 -16.84 24.39
C VAL C 279 -15.02 -17.18 23.18
N CYS C 280 -14.73 -18.27 22.48
CA CYS C 280 -15.59 -18.64 21.38
C CYS C 280 -17.05 -18.89 21.81
N ALA C 281 -17.21 -19.63 22.92
CA ALA C 281 -18.57 -19.94 23.45
C ALA C 281 -19.35 -18.65 23.68
N ALA C 282 -18.67 -17.66 24.21
CA ALA C 282 -19.30 -16.39 24.60
C ALA C 282 -19.74 -15.63 23.36
N HIS C 283 -19.16 -15.90 22.19
CA HIS C 283 -19.51 -15.14 20.98
C HIS C 283 -20.35 -16.01 20.12
N GLY C 284 -20.69 -17.22 20.59
CA GLY C 284 -21.62 -18.12 19.84
C GLY C 284 -20.92 -18.84 18.70
N ILE C 285 -19.58 -18.92 18.82
CA ILE C 285 -18.74 -19.55 17.80
C ILE C 285 -18.47 -21.02 18.15
N PRO C 286 -18.94 -21.99 17.31
CA PRO C 286 -18.60 -23.40 17.55
C PRO C 286 -17.07 -23.64 17.47
N VAL C 287 -16.56 -24.48 18.35
CA VAL C 287 -15.21 -24.97 18.26
C VAL C 287 -15.15 -26.47 17.98
N TRP C 288 -13.97 -26.90 17.51
CA TRP C 288 -13.64 -28.34 17.44
C TRP C 288 -12.19 -28.61 17.69
N CYS C 289 -11.91 -29.83 18.17
CA CYS C 289 -10.59 -30.25 18.50
C CYS C 289 -9.76 -30.66 17.29
N GLY C 290 -8.61 -30.00 17.12
CA GLY C 290 -7.70 -30.29 16.01
C GLY C 290 -6.71 -31.36 16.46
N ASP C 291 -6.01 -31.92 15.46
CA ASP C 291 -5.07 -32.99 15.71
C ASP C 291 -3.74 -32.72 15.10
N MET C 292 -2.68 -33.02 15.83
CA MET C 292 -1.35 -32.82 15.29
C MET C 292 -0.63 -34.16 15.15
N ILE C 293 -1.38 -35.22 14.87
CA ILE C 293 -0.82 -36.57 14.77
C ILE C 293 0.00 -36.90 16.01
N GLU C 294 -0.60 -36.58 17.16
CA GLU C 294 0.07 -36.85 18.42
C GLU C 294 0.10 -38.36 18.71
N THR C 295 0.97 -38.73 19.64
CA THR C 295 0.99 -40.07 20.15
C THR C 295 -0.15 -40.09 21.15
N GLY C 296 -0.18 -41.13 21.97
CA GLY C 296 -1.23 -41.39 22.90
C GLY C 296 -1.36 -40.45 24.07
N LEU C 297 -0.26 -39.81 24.48
CA LEU C 297 -0.31 -38.80 25.54
C LEU C 297 -1.10 -37.55 25.07
N GLY C 298 -0.66 -36.94 23.98
CA GLY C 298 -1.39 -35.87 23.39
C GLY C 298 -2.82 -36.18 22.98
N ARG C 299 -3.05 -37.38 22.44
CA ARG C 299 -4.41 -37.81 22.07
C ARG C 299 -5.30 -37.85 23.33
N ALA C 300 -4.76 -38.26 24.48
CA ALA C 300 -5.53 -38.41 25.71
C ALA C 300 -6.04 -37.07 26.22
N ALA C 301 -5.09 -36.16 26.40
CA ALA C 301 -5.32 -34.71 26.63
C ALA C 301 -6.29 -34.10 25.61
N ASN C 302 -6.12 -34.37 24.31
CA ASN C 302 -7.09 -33.81 23.34
C ASN C 302 -8.50 -34.35 23.47
N VAL C 303 -8.62 -35.63 23.87
CA VAL C 303 -9.92 -36.28 23.94
C VAL C 303 -10.67 -35.64 25.13
N ALA C 304 -9.92 -35.43 26.21
CA ALA C 304 -10.44 -34.73 27.34
C ALA C 304 -10.97 -33.30 26.97
N LEU C 305 -10.07 -32.44 26.49
CA LEU C 305 -10.42 -31.12 25.95
C LEU C 305 -11.58 -31.15 25.04
N ALA C 306 -11.61 -32.12 24.17
CA ALA C 306 -12.71 -32.15 23.20
C ALA C 306 -14.11 -32.44 23.82
N SER C 307 -14.16 -32.73 25.12
CA SER C 307 -15.45 -33.05 25.75
C SER C 307 -16.06 -31.85 26.50
N LEU C 308 -15.42 -30.69 26.37
CA LEU C 308 -16.01 -29.43 26.81
C LEU C 308 -17.29 -29.16 26.03
N PRO C 309 -18.21 -28.37 26.63
CA PRO C 309 -19.54 -28.13 26.02
C PRO C 309 -19.57 -27.46 24.64
N ASN C 310 -18.68 -26.50 24.39
CA ASN C 310 -18.74 -25.78 23.11
C ASN C 310 -18.09 -26.57 21.96
N PHE C 311 -17.53 -27.76 22.23
CA PHE C 311 -17.05 -28.60 21.12
C PHE C 311 -18.25 -29.27 20.42
N THR C 312 -18.88 -28.57 19.48
CA THR C 312 -20.15 -29.05 18.96
C THR C 312 -20.05 -29.57 17.52
N LEU C 313 -18.80 -29.70 17.05
CA LEU C 313 -18.52 -30.30 15.75
C LEU C 313 -17.45 -31.36 16.02
N PRO C 314 -17.55 -32.49 15.28
CA PRO C 314 -16.62 -33.59 15.47
C PRO C 314 -15.18 -33.10 15.20
N GLY C 315 -14.29 -33.48 16.09
CA GLY C 315 -12.85 -33.19 15.97
C GLY C 315 -12.04 -34.14 15.08
N ASP C 316 -10.75 -33.95 15.12
CA ASP C 316 -9.82 -34.63 14.21
C ASP C 316 -9.11 -35.73 15.00
N THR C 317 -9.47 -35.88 16.28
CA THR C 317 -8.83 -36.87 17.14
C THR C 317 -9.32 -38.29 16.73
N SER C 318 -8.67 -38.83 15.72
CA SER C 318 -8.96 -40.12 15.22
C SER C 318 -8.32 -41.18 16.16
N ALA C 319 -8.66 -42.46 15.97
CA ALA C 319 -8.09 -43.53 16.84
C ALA C 319 -6.58 -43.67 16.55
N SER C 320 -5.80 -44.08 17.55
CA SER C 320 -4.40 -44.44 17.36
C SER C 320 -4.00 -45.08 16.00
N ASP C 321 -4.77 -46.07 15.56
CA ASP C 321 -4.46 -46.82 14.34
C ASP C 321 -4.71 -46.07 13.04
N ARG C 322 -5.25 -44.85 13.11
CA ARG C 322 -5.38 -44.08 11.85
C ARG C 322 -3.97 -43.62 11.43
N TYR C 323 -3.08 -43.51 12.42
CA TYR C 323 -1.73 -43.05 12.20
C TYR C 323 -0.68 -44.16 12.49
N TYR C 324 -0.83 -44.88 13.61
CA TYR C 324 0.19 -45.83 14.06
C TYR C 324 -0.26 -47.28 14.23
N LYS C 325 0.56 -48.24 13.76
CA LYS C 325 0.35 -49.66 14.06
C LYS C 325 0.51 -49.82 15.57
N THR C 326 1.51 -49.18 16.17
CA THR C 326 1.81 -49.39 17.61
C THR C 326 2.00 -48.03 18.27
N ASP C 327 1.11 -47.71 19.20
CA ASP C 327 1.15 -46.45 19.91
C ASP C 327 2.03 -46.65 21.13
N ILE C 328 2.37 -45.58 21.86
CA ILE C 328 3.27 -45.74 23.01
C ILE C 328 2.55 -45.82 24.34
N THR C 329 1.24 -45.68 24.26
CA THR C 329 0.36 -45.89 25.40
C THR C 329 -0.62 -46.95 24.94
N GLU C 330 -1.49 -47.35 25.86
CA GLU C 330 -2.76 -48.00 25.51
C GLU C 330 -3.42 -47.20 24.35
N PRO C 331 -3.77 -47.87 23.25
CA PRO C 331 -4.32 -47.19 22.08
C PRO C 331 -5.74 -46.71 22.32
N PHE C 332 -6.17 -45.74 21.50
CA PHE C 332 -7.54 -45.26 21.46
C PHE C 332 -8.19 -45.96 20.35
N VAL C 333 -9.34 -46.57 20.67
CA VAL C 333 -10.05 -47.37 19.68
C VAL C 333 -11.43 -46.76 19.48
N LEU C 334 -11.76 -46.55 18.23
CA LEU C 334 -13.05 -46.03 17.78
C LEU C 334 -14.12 -47.06 18.11
N SER C 335 -15.29 -46.55 18.50
CA SER C 335 -16.37 -47.32 19.14
C SER C 335 -17.71 -46.56 18.96
N GLY C 336 -18.45 -46.91 17.92
CA GLY C 336 -19.67 -46.24 17.57
C GLY C 336 -19.40 -44.82 17.14
N GLY C 337 -18.27 -44.63 16.44
CA GLY C 337 -17.82 -43.37 15.88
C GLY C 337 -17.24 -42.43 16.93
N HIS C 338 -16.90 -42.96 18.10
CA HIS C 338 -16.63 -42.13 19.26
C HIS C 338 -15.36 -42.63 19.89
N LEU C 339 -14.69 -41.81 20.68
CA LEU C 339 -13.60 -42.27 21.52
C LEU C 339 -13.93 -42.02 22.98
N PRO C 340 -13.45 -42.86 23.92
CA PRO C 340 -13.78 -42.60 25.33
C PRO C 340 -12.86 -41.60 25.99
N VAL C 341 -13.40 -40.83 26.90
CA VAL C 341 -12.62 -39.91 27.65
C VAL C 341 -11.83 -40.61 28.73
N PRO C 342 -10.50 -40.44 28.77
CA PRO C 342 -9.66 -41.05 29.83
C PRO C 342 -10.07 -40.70 31.26
N THR C 343 -9.84 -41.64 32.19
CA THR C 343 -10.50 -41.65 33.51
C THR C 343 -9.56 -41.53 34.70
N GLY C 344 -8.35 -42.01 34.61
CA GLY C 344 -7.57 -41.97 35.85
C GLY C 344 -7.04 -40.57 36.14
N PRO C 345 -6.14 -40.45 37.15
CA PRO C 345 -5.33 -39.22 37.33
C PRO C 345 -4.54 -38.75 36.09
N GLY C 346 -4.25 -37.42 36.11
CA GLY C 346 -3.62 -36.63 35.02
C GLY C 346 -4.14 -36.99 33.66
N LEU C 347 -3.19 -37.24 32.76
CA LEU C 347 -3.59 -37.59 31.39
C LEU C 347 -4.50 -38.77 31.36
N GLY C 348 -4.39 -39.62 32.40
CA GLY C 348 -5.07 -40.96 32.44
C GLY C 348 -4.47 -42.05 31.53
N VAL C 349 -3.23 -41.84 31.13
CA VAL C 349 -2.41 -42.74 30.32
C VAL C 349 -0.99 -42.34 30.68
N ALA C 350 -0.07 -43.27 30.49
CA ALA C 350 1.37 -43.03 30.61
C ALA C 350 2.03 -43.88 29.52
N PRO C 351 3.30 -43.60 29.19
CA PRO C 351 3.91 -44.44 28.13
C PRO C 351 4.23 -45.87 28.62
N ILE C 352 3.99 -46.89 27.79
CA ILE C 352 4.46 -48.25 28.14
C ILE C 352 5.98 -48.29 27.85
N PRO C 353 6.83 -48.43 28.91
CA PRO C 353 8.30 -48.11 28.78
C PRO C 353 9.08 -48.99 27.79
N GLU C 354 8.63 -50.23 27.57
CA GLU C 354 9.18 -51.05 26.49
C GLU C 354 8.84 -50.36 25.17
N LEU C 355 7.60 -49.90 24.97
CA LEU C 355 7.22 -49.36 23.63
C LEU C 355 7.92 -48.01 23.34
N LEU C 356 8.03 -47.21 24.40
CA LEU C 356 8.63 -45.89 24.31
C LEU C 356 10.13 -45.99 23.92
N ASP C 357 10.83 -46.88 24.63
CA ASP C 357 12.22 -47.21 24.32
C ASP C 357 12.47 -47.63 22.87
N GLU C 358 11.63 -48.46 22.26
CA GLU C 358 11.81 -48.86 20.84
C GLU C 358 11.96 -47.63 19.89
N VAL C 359 11.24 -46.54 20.21
CA VAL C 359 11.06 -45.38 19.32
C VAL C 359 11.75 -44.09 19.82
N THR C 360 12.38 -44.15 20.98
CA THR C 360 13.24 -43.07 21.46
C THR C 360 14.57 -42.99 20.66
N THR C 361 14.87 -41.83 20.07
CA THR C 361 16.14 -41.65 19.36
C THR C 361 17.17 -40.88 20.21
N ALA C 362 16.76 -39.99 21.13
CA ALA C 362 17.69 -39.35 22.08
C ALA C 362 16.96 -38.97 23.35
N LYS C 363 17.71 -38.68 24.41
CA LYS C 363 17.25 -38.63 25.79
C LYS C 363 18.29 -37.68 26.40
N VAL C 364 17.86 -36.62 27.07
CA VAL C 364 18.73 -35.73 27.83
C VAL C 364 18.01 -35.25 29.11
N TRP C 365 18.77 -35.22 30.18
CA TRP C 365 18.27 -34.69 31.44
C TRP C 365 18.62 -33.19 31.58
N ILE C 366 17.66 -32.35 31.99
CA ILE C 366 17.91 -30.92 32.32
C ILE C 366 17.46 -30.71 33.76
N GLY C 367 18.41 -30.57 34.69
CA GLY C 367 18.14 -30.51 36.17
C GLY C 367 18.91 -29.49 37.02
N MET D 1 -27.82 28.40 -32.24
CA MET D 1 -27.08 29.12 -33.26
C MET D 1 -26.07 28.25 -33.95
N LYS D 2 -25.29 28.89 -34.79
CA LYS D 2 -24.23 28.29 -35.57
C LYS D 2 -23.18 29.28 -35.22
N LEU D 3 -22.02 28.79 -34.81
CA LEU D 3 -20.97 29.73 -34.41
C LEU D 3 -20.10 30.09 -35.68
N SER D 4 -19.72 31.35 -35.85
CA SER D 4 -18.88 31.66 -37.08
C SER D 4 -17.34 31.38 -36.86
N GLY D 5 -16.83 32.01 -35.81
CA GLY D 5 -15.60 31.57 -35.21
C GLY D 5 -15.23 32.39 -33.99
N VAL D 6 -13.95 32.23 -33.61
CA VAL D 6 -13.46 32.77 -32.36
C VAL D 6 -12.09 33.43 -32.58
N GLU D 7 -11.98 34.68 -32.15
CA GLU D 7 -10.72 35.41 -32.03
C GLU D 7 -10.13 34.99 -30.65
N LEU D 8 -9.05 34.24 -30.73
CA LEU D 8 -8.25 33.87 -29.58
C LEU D 8 -7.09 34.83 -29.38
N ARG D 9 -7.09 35.59 -28.30
CA ARG D 9 -6.07 36.60 -28.06
C ARG D 9 -5.21 36.20 -26.82
N ARG D 10 -3.86 36.25 -26.92
CA ARG D 10 -2.99 36.30 -25.71
C ARG D 10 -2.85 37.72 -25.21
N VAL D 11 -3.05 37.91 -23.92
CA VAL D 11 -2.97 39.19 -23.26
C VAL D 11 -1.93 39.08 -22.10
N GLN D 12 -1.59 40.21 -21.45
CA GLN D 12 -0.62 40.29 -20.37
C GLN D 12 -0.67 41.61 -19.61
N MET D 13 -0.93 41.55 -18.31
CA MET D 13 -1.18 42.76 -17.56
C MET D 13 -0.41 42.78 -16.24
N PRO D 14 0.29 43.87 -15.98
CA PRO D 14 1.07 44.02 -14.77
C PRO D 14 0.19 44.10 -13.53
N LEU D 15 0.73 43.62 -12.41
CA LEU D 15 0.02 43.64 -11.15
C LEU D 15 0.54 44.79 -10.22
N VAL D 16 -0.33 45.51 -9.54
CA VAL D 16 0.12 46.45 -8.51
C VAL D 16 1.35 45.97 -7.64
N ALA D 17 1.49 44.65 -7.44
CA ALA D 17 2.44 44.06 -6.47
C ALA D 17 2.65 42.61 -6.88
N PRO D 18 3.86 42.06 -6.65
CA PRO D 18 3.98 40.67 -7.08
C PRO D 18 3.09 39.74 -6.20
N PHE D 19 2.57 38.66 -6.76
CA PHE D 19 1.66 37.80 -5.96
C PHE D 19 2.30 36.46 -5.64
N ARG D 20 2.66 36.27 -4.36
CA ARG D 20 3.34 35.03 -3.93
C ARG D 20 2.40 34.07 -3.18
N THR D 21 2.44 32.89 -3.75
CA THR D 21 1.67 31.76 -3.38
C THR D 21 2.63 30.62 -2.98
N SER D 22 2.10 29.55 -2.41
CA SER D 22 2.89 28.33 -2.13
C SER D 22 3.63 27.70 -3.32
N PHE D 23 3.17 27.97 -4.55
CA PHE D 23 3.82 27.41 -5.75
C PHE D 23 4.71 28.43 -6.58
N GLY D 24 4.89 29.65 -6.07
CA GLY D 24 5.64 30.67 -6.85
C GLY D 24 5.13 32.11 -6.75
N THR D 25 5.82 33.01 -7.44
CA THR D 25 5.50 34.45 -7.53
C THR D 25 5.29 34.74 -8.99
N ALA D 26 4.18 35.40 -9.31
CA ALA D 26 4.02 36.03 -10.64
C ALA D 26 3.83 37.54 -10.42
N SER D 27 4.38 38.31 -11.38
CA SER D 27 4.54 39.81 -11.21
C SER D 27 3.66 40.49 -12.21
N VAL D 28 3.35 39.66 -13.20
CA VAL D 28 2.53 39.92 -14.34
C VAL D 28 1.46 38.80 -14.45
N ARG D 29 0.24 39.17 -14.84
CA ARG D 29 -0.82 38.19 -15.18
C ARG D 29 -1.01 37.96 -16.70
N GLU D 30 -0.60 36.83 -17.25
CA GLU D 30 -0.87 36.46 -18.65
C GLU D 30 -2.12 35.61 -18.82
N LEU D 31 -2.99 35.93 -19.79
CA LEU D 31 -4.20 35.12 -20.09
C LEU D 31 -4.55 34.94 -21.54
N LEU D 32 -5.41 33.96 -21.84
CA LEU D 32 -6.26 33.98 -23.03
C LEU D 32 -7.56 34.77 -22.82
N LEU D 33 -8.06 35.33 -23.95
CA LEU D 33 -9.41 35.87 -24.18
C LEU D 33 -9.94 35.16 -25.41
N LEU D 34 -11.25 34.88 -25.42
CA LEU D 34 -11.96 34.41 -26.62
C LEU D 34 -13.08 35.42 -26.95
N ARG D 35 -13.18 35.88 -28.21
CA ARG D 35 -14.33 36.70 -28.69
C ARG D 35 -14.95 35.75 -29.65
N ALA D 36 -16.14 35.24 -29.30
CA ALA D 36 -16.88 34.35 -30.16
C ALA D 36 -17.79 35.24 -31.01
N VAL D 37 -17.95 34.88 -32.29
CA VAL D 37 -18.82 35.63 -33.19
C VAL D 37 -19.82 34.65 -33.80
N THR D 38 -21.08 35.04 -33.66
CA THR D 38 -22.25 34.33 -34.17
C THR D 38 -23.00 35.30 -35.11
N PRO D 39 -24.01 34.82 -35.86
CA PRO D 39 -24.92 35.80 -36.50
C PRO D 39 -25.58 36.81 -35.48
N ALA D 40 -26.13 36.24 -34.39
CA ALA D 40 -26.84 36.99 -33.34
C ALA D 40 -25.99 38.06 -32.60
N GLY D 41 -24.66 38.07 -32.88
CA GLY D 41 -23.67 39.05 -32.34
C GLY D 41 -22.41 38.42 -31.72
N GLU D 42 -21.88 39.04 -30.67
CA GLU D 42 -20.60 38.49 -30.16
C GLU D 42 -20.45 38.42 -28.63
N GLY D 43 -19.76 37.38 -28.16
CA GLY D 43 -19.47 37.26 -26.70
C GLY D 43 -18.02 37.08 -26.30
N TRP D 44 -17.69 37.50 -25.09
CA TRP D 44 -16.38 37.31 -24.50
C TRP D 44 -16.26 36.23 -23.41
N GLY D 45 -15.35 35.30 -23.61
CA GLY D 45 -14.83 34.46 -22.52
C GLY D 45 -13.41 34.82 -22.05
N GLU D 46 -13.12 34.58 -20.77
CA GLU D 46 -11.78 34.67 -20.19
C GLU D 46 -11.35 33.27 -19.72
N CYS D 47 -10.11 32.88 -20.00
CA CYS D 47 -9.58 31.58 -19.55
C CYS D 47 -8.80 31.85 -18.29
N VAL D 48 -8.88 30.89 -17.37
CA VAL D 48 -8.28 31.17 -16.06
C VAL D 48 -6.93 30.53 -15.90
N THR D 49 -6.50 29.72 -16.89
CA THR D 49 -5.13 29.13 -16.86
C THR D 49 -4.04 30.20 -16.56
N ILE D 50 -3.04 29.79 -15.79
CA ILE D 50 -1.84 30.59 -15.63
C ILE D 50 -0.74 30.09 -16.58
N ALA D 51 0.43 30.74 -16.45
CA ALA D 51 1.52 30.56 -17.45
C ALA D 51 2.04 29.13 -17.50
N GLY D 52 2.39 28.55 -16.34
CA GLY D 52 2.83 27.10 -16.36
C GLY D 52 1.94 26.14 -15.53
N PRO D 53 2.11 24.78 -15.68
CA PRO D 53 1.25 23.83 -14.91
C PRO D 53 1.55 23.69 -13.35
N LEU D 54 1.49 24.80 -12.61
CA LEU D 54 1.87 24.88 -11.22
C LEU D 54 0.64 24.82 -10.24
N TYR D 55 -0.51 25.34 -10.66
CA TYR D 55 -1.77 25.24 -9.92
C TYR D 55 -2.55 23.95 -10.28
N SER D 56 -2.64 23.63 -11.57
CA SER D 56 -3.26 22.37 -12.05
C SER D 56 -2.57 22.01 -13.35
N SER D 57 -2.98 20.96 -14.04
CA SER D 57 -2.22 20.46 -15.14
C SER D 57 -2.43 21.34 -16.41
N GLU D 58 -3.28 22.35 -16.30
CA GLU D 58 -3.67 23.16 -17.44
C GLU D 58 -2.88 24.43 -17.40
N TYR D 59 -2.42 24.92 -18.57
CA TYR D 59 -1.66 26.23 -18.65
C TYR D 59 -1.90 26.93 -20.02
N ASN D 60 -1.59 28.23 -20.09
CA ASN D 60 -1.89 29.11 -21.28
C ASN D 60 -1.63 28.46 -22.61
N ASP D 61 -0.39 28.09 -22.93
CA ASP D 61 -0.14 27.50 -24.26
C ASP D 61 -0.88 26.22 -24.45
N GLY D 62 -1.15 25.52 -23.35
CA GLY D 62 -1.80 24.18 -23.47
C GLY D 62 -3.30 24.33 -23.75
N ALA D 63 -3.91 25.35 -23.14
CA ALA D 63 -5.32 25.67 -23.35
C ALA D 63 -5.55 26.11 -24.83
N GLU D 64 -4.84 27.21 -25.17
CA GLU D 64 -4.74 27.70 -26.53
C GLU D 64 -4.57 26.57 -27.55
N HIS D 65 -3.67 25.65 -27.28
CA HIS D 65 -3.61 24.52 -28.16
C HIS D 65 -4.86 23.63 -28.26
N VAL D 66 -5.43 23.24 -27.11
CA VAL D 66 -6.52 22.26 -27.14
C VAL D 66 -7.74 22.97 -27.72
N LEU D 67 -7.86 24.28 -27.42
CA LEU D 67 -8.88 25.17 -27.99
C LEU D 67 -8.86 25.20 -29.52
N ARG D 68 -7.70 25.60 -30.10
CA ARG D 68 -7.49 25.70 -31.57
C ARG D 68 -7.69 24.43 -32.30
N HIS D 69 -7.25 23.31 -31.75
CA HIS D 69 -7.25 22.05 -32.50
C HIS D 69 -8.33 21.09 -32.18
N TYR D 70 -9.11 21.38 -31.10
CA TYR D 70 -10.07 20.38 -30.62
C TYR D 70 -11.44 20.95 -30.35
N LEU D 71 -11.46 21.94 -29.49
CA LEU D 71 -12.65 22.45 -28.91
C LEU D 71 -13.36 23.32 -29.93
N ILE D 72 -12.80 24.51 -30.21
CA ILE D 72 -13.32 25.50 -31.21
C ILE D 72 -13.73 24.81 -32.49
N PRO D 73 -12.92 23.85 -33.01
CA PRO D 73 -13.50 23.09 -34.16
C PRO D 73 -14.77 22.32 -33.92
N ALA D 74 -14.85 21.59 -32.82
CA ALA D 74 -16.04 20.76 -32.56
C ALA D 74 -17.37 21.58 -32.44
N LEU D 75 -17.28 22.77 -31.88
CA LEU D 75 -18.32 23.77 -31.88
C LEU D 75 -18.63 24.33 -33.26
N LEU D 76 -17.58 24.70 -34.05
CA LEU D 76 -17.75 25.12 -35.47
C LEU D 76 -18.40 24.07 -36.36
N ALA D 77 -18.11 22.81 -36.16
CA ALA D 77 -18.79 21.76 -36.90
C ALA D 77 -20.23 21.47 -36.41
N ALA D 78 -20.76 22.19 -35.41
CA ALA D 78 -22.07 21.80 -34.83
C ALA D 78 -23.22 22.43 -35.62
N GLU D 79 -24.29 21.65 -35.91
CA GLU D 79 -25.55 22.13 -36.56
C GLU D 79 -26.23 23.34 -35.80
N ASP D 80 -26.87 23.06 -34.64
CA ASP D 80 -27.29 24.10 -33.66
C ASP D 80 -26.32 24.14 -32.43
N ILE D 81 -26.11 25.32 -31.87
CA ILE D 81 -25.31 25.51 -30.64
C ILE D 81 -26.07 26.31 -29.52
N THR D 82 -26.17 25.78 -28.30
CA THR D 82 -26.55 26.65 -27.14
C THR D 82 -25.41 26.60 -26.14
N ALA D 83 -25.31 27.56 -25.21
CA ALA D 83 -24.46 27.36 -23.99
C ALA D 83 -24.65 25.95 -23.43
N ALA D 84 -25.89 25.55 -23.18
CA ALA D 84 -26.18 24.22 -22.66
C ALA D 84 -25.57 23.12 -23.50
N LYS D 85 -25.45 23.35 -24.80
CA LYS D 85 -25.06 22.24 -25.66
C LYS D 85 -23.54 22.06 -25.79
N VAL D 86 -22.79 23.08 -25.39
CA VAL D 86 -21.36 23.04 -25.42
C VAL D 86 -20.81 21.78 -24.74
N THR D 87 -21.29 21.52 -23.51
CA THR D 87 -20.86 20.36 -22.74
C THR D 87 -21.00 19.07 -23.52
N PRO D 88 -22.23 18.70 -23.99
CA PRO D 88 -22.22 17.38 -24.62
C PRO D 88 -21.41 17.33 -25.93
N LEU D 89 -21.28 18.47 -26.65
CA LEU D 89 -20.50 18.56 -27.90
C LEU D 89 -19.01 18.32 -27.66
N LEU D 90 -18.52 18.87 -26.54
CA LEU D 90 -17.12 18.74 -26.10
C LEU D 90 -16.82 17.55 -25.15
N ALA D 91 -17.77 16.62 -25.09
CA ALA D 91 -17.74 15.64 -24.02
C ALA D 91 -16.70 14.56 -24.30
N LYS D 92 -16.54 14.18 -25.57
CA LYS D 92 -15.53 13.19 -26.00
C LYS D 92 -14.06 13.60 -25.58
N PHE D 93 -13.78 14.88 -25.34
CA PHE D 93 -12.48 15.37 -24.91
C PHE D 93 -12.35 15.37 -23.35
N LYS D 94 -11.52 14.47 -22.80
CA LYS D 94 -11.19 14.39 -21.36
C LYS D 94 -10.49 15.62 -20.83
N GLY D 95 -11.00 16.21 -19.76
CA GLY D 95 -10.27 17.28 -19.11
C GLY D 95 -10.48 18.61 -19.77
N HIS D 96 -9.42 19.41 -19.77
CA HIS D 96 -9.37 20.72 -20.32
C HIS D 96 -10.55 21.57 -19.93
N ARG D 97 -10.81 21.56 -18.63
CA ARG D 97 -11.98 22.19 -18.12
C ARG D 97 -11.91 23.67 -18.15
N MET D 98 -10.79 24.21 -17.75
CA MET D 98 -10.61 25.65 -17.77
C MET D 98 -10.78 26.24 -19.19
N ALA D 99 -10.39 25.42 -20.17
CA ALA D 99 -10.43 25.78 -21.57
C ALA D 99 -11.89 25.75 -21.93
N LYS D 100 -12.54 24.58 -21.77
CA LYS D 100 -14.00 24.44 -22.03
C LYS D 100 -14.83 25.56 -21.35
N GLY D 101 -14.47 25.91 -20.13
CA GLY D 101 -15.13 26.96 -19.41
C GLY D 101 -14.99 28.33 -20.02
N ALA D 102 -13.86 28.56 -20.67
CA ALA D 102 -13.61 29.88 -21.27
C ALA D 102 -14.45 29.95 -22.55
N LEU D 103 -14.45 28.88 -23.31
CA LEU D 103 -15.30 28.76 -24.45
C LEU D 103 -16.84 28.88 -24.17
N GLU D 104 -17.35 28.15 -23.16
CA GLU D 104 -18.74 28.17 -22.78
C GLU D 104 -19.08 29.57 -22.36
N MET D 105 -18.18 30.19 -21.63
CA MET D 105 -18.41 31.53 -21.24
C MET D 105 -18.64 32.49 -22.44
N ALA D 106 -17.84 32.30 -23.49
CA ALA D 106 -17.94 33.14 -24.69
C ALA D 106 -19.30 32.87 -25.41
N VAL D 107 -19.63 31.60 -25.72
CA VAL D 107 -20.95 31.20 -26.21
C VAL D 107 -22.13 31.77 -25.38
N LEU D 108 -22.01 31.68 -24.06
CA LEU D 108 -23.04 32.14 -23.14
C LEU D 108 -23.26 33.66 -23.22
N ASP D 109 -22.19 34.41 -23.23
CA ASP D 109 -22.26 35.87 -23.34
C ASP D 109 -22.93 36.23 -24.67
N ALA D 110 -22.64 35.48 -25.75
CA ALA D 110 -23.30 35.64 -27.05
C ALA D 110 -24.80 35.41 -26.95
N GLU D 111 -25.18 34.18 -26.58
CA GLU D 111 -26.57 33.83 -26.32
C GLU D 111 -27.35 34.90 -25.50
N LEU D 112 -26.77 35.39 -24.40
CA LEU D 112 -27.54 36.20 -23.47
C LEU D 112 -27.71 37.60 -24.00
N ARG D 113 -26.66 38.08 -24.66
CA ARG D 113 -26.66 39.36 -25.42
C ARG D 113 -27.77 39.30 -26.47
N ALA D 114 -27.85 38.20 -27.22
CA ALA D 114 -28.96 37.93 -28.16
C ALA D 114 -30.36 37.82 -27.52
N HIS D 115 -30.51 37.84 -26.18
CA HIS D 115 -31.83 37.82 -25.55
C HIS D 115 -31.97 38.99 -24.59
N GLU D 116 -31.05 39.94 -24.67
CA GLU D 116 -31.04 41.11 -23.76
C GLU D 116 -31.18 40.70 -22.22
N ARG D 117 -30.59 39.55 -21.86
CA ARG D 117 -30.61 38.98 -20.48
C ARG D 117 -29.19 38.99 -19.86
N SER D 118 -29.06 39.51 -18.63
CA SER D 118 -27.80 39.39 -17.86
C SER D 118 -27.34 37.94 -17.43
N PHE D 119 -26.04 37.81 -17.16
CA PHE D 119 -25.47 36.67 -16.48
C PHE D 119 -26.17 36.47 -15.13
N ALA D 120 -26.30 37.55 -14.34
CA ALA D 120 -27.02 37.54 -13.08
C ALA D 120 -28.41 36.87 -13.24
N ALA D 121 -29.12 37.21 -14.31
CA ALA D 121 -30.51 36.71 -14.45
C ALA D 121 -30.49 35.23 -14.81
N GLU D 122 -29.65 34.86 -15.76
CA GLU D 122 -29.61 33.50 -16.23
C GLU D 122 -29.17 32.53 -15.11
N LEU D 123 -28.27 33.00 -14.24
CA LEU D 123 -27.69 32.13 -13.23
C LEU D 123 -28.62 32.05 -11.99
N GLY D 124 -29.46 33.06 -11.78
CA GLY D 124 -30.41 33.11 -10.68
C GLY D 124 -30.02 34.02 -9.51
N SER D 125 -29.42 35.15 -9.81
CA SER D 125 -29.09 36.15 -8.78
C SER D 125 -30.27 36.51 -7.89
N VAL D 126 -30.01 36.77 -6.60
CA VAL D 126 -31.11 37.15 -5.69
C VAL D 126 -30.80 38.47 -5.00
N ARG D 127 -29.66 39.06 -5.36
CA ARG D 127 -28.95 40.16 -4.63
C ARG D 127 -28.36 41.13 -5.70
N ASP D 128 -28.25 42.42 -5.41
CA ASP D 128 -27.64 43.42 -6.35
C ASP D 128 -26.15 43.63 -6.13
N SER D 129 -25.72 43.42 -4.89
CA SER D 129 -24.33 43.43 -4.55
C SER D 129 -23.84 42.33 -3.60
N VAL D 130 -22.58 41.91 -3.80
CA VAL D 130 -21.90 40.86 -3.05
C VAL D 130 -20.82 41.40 -2.10
N PRO D 131 -20.69 40.81 -0.90
CA PRO D 131 -19.61 41.27 -0.02
C PRO D 131 -18.28 40.64 -0.47
N CYS D 132 -17.20 41.40 -0.26
CA CYS D 132 -15.91 41.08 -0.90
C CYS D 132 -14.73 41.00 0.08
N GLY D 133 -13.95 39.94 -0.10
CA GLY D 133 -12.82 39.74 0.75
C GLY D 133 -11.63 40.00 -0.12
N VAL D 134 -10.45 39.83 0.49
CA VAL D 134 -9.24 39.89 -0.31
C VAL D 134 -8.29 38.75 0.02
N SER D 135 -7.65 38.27 -1.04
CA SER D 135 -6.51 37.41 -0.91
C SER D 135 -5.11 38.17 -0.76
N VAL D 136 -4.39 37.88 0.31
CA VAL D 136 -3.08 38.43 0.64
C VAL D 136 -1.94 37.38 0.48
N GLY D 137 -0.98 37.66 -0.40
CA GLY D 137 0.09 36.69 -0.79
C GLY D 137 1.07 36.40 0.38
N ILE D 138 1.97 35.43 0.21
CA ILE D 138 3.12 35.36 1.12
C ILE D 138 4.03 36.58 0.89
N MET D 139 4.46 37.18 2.01
CA MET D 139 5.37 38.33 2.10
C MET D 139 6.71 37.91 2.66
N ASP D 140 7.70 38.79 2.52
CA ASP D 140 9.06 38.56 3.02
C ASP D 140 9.24 38.58 4.53
N THR D 141 8.45 39.38 5.23
CA THR D 141 8.64 39.57 6.67
C THR D 141 7.24 39.77 7.23
N ILE D 142 7.04 39.48 8.52
CA ILE D 142 5.76 39.74 9.19
C ILE D 142 5.32 41.21 9.12
N PRO D 143 6.25 42.19 9.37
CA PRO D 143 5.73 43.57 9.29
C PRO D 143 5.28 44.04 7.91
N GLN D 144 5.85 43.52 6.82
CA GLN D 144 5.43 43.84 5.43
C GLN D 144 3.96 43.36 5.22
N LEU D 145 3.63 42.14 5.66
CA LEU D 145 2.25 41.57 5.66
C LEU D 145 1.28 42.36 6.54
N LEU D 146 1.68 42.64 7.77
CA LEU D 146 0.85 43.41 8.66
C LEU D 146 0.43 44.78 8.09
N ASP D 147 1.22 45.34 7.17
CA ASP D 147 0.90 46.62 6.53
C ASP D 147 -0.09 46.47 5.42
N VAL D 148 0.22 45.61 4.45
CA VAL D 148 -0.69 45.17 3.41
C VAL D 148 -2.14 44.86 3.94
N VAL D 149 -2.23 43.99 4.94
CA VAL D 149 -3.48 43.67 5.66
C VAL D 149 -4.20 44.91 6.27
N GLY D 150 -3.54 45.63 7.20
CA GLY D 150 -3.91 47.02 7.59
C GLY D 150 -4.58 47.83 6.48
N GLY D 151 -3.98 47.80 5.28
CA GLY D 151 -4.41 48.56 4.11
C GLY D 151 -5.73 48.16 3.55
N TYR D 152 -5.83 46.89 3.22
CA TYR D 152 -7.06 46.37 2.70
C TYR D 152 -8.23 46.47 3.73
N LEU D 153 -7.94 46.32 5.00
CA LEU D 153 -8.99 46.54 5.98
C LEU D 153 -9.48 48.02 5.96
N ASP D 154 -8.52 48.93 5.75
CA ASP D 154 -8.80 50.36 5.58
C ASP D 154 -9.66 50.63 4.35
N GLU D 155 -9.36 50.01 3.22
CA GLU D 155 -10.27 50.07 2.08
C GLU D 155 -11.67 49.47 2.28
N GLY D 156 -11.93 48.90 3.47
CA GLY D 156 -13.24 48.28 3.83
C GLY D 156 -13.57 46.83 3.39
N TYR D 157 -12.60 46.10 2.80
CA TYR D 157 -12.68 44.62 2.56
C TYR D 157 -13.10 43.83 3.80
N VAL D 158 -13.97 42.83 3.59
CA VAL D 158 -14.76 42.25 4.71
C VAL D 158 -14.14 41.02 5.31
N ARG D 159 -13.31 40.37 4.53
CA ARG D 159 -12.57 39.23 5.00
C ARG D 159 -11.14 39.26 4.45
N ILE D 160 -10.19 38.77 5.28
CA ILE D 160 -8.81 38.45 4.90
C ILE D 160 -8.50 36.94 4.73
N LYS D 161 -7.90 36.61 3.60
CA LYS D 161 -7.40 35.33 3.28
C LYS D 161 -5.89 35.43 3.07
N LEU D 162 -5.14 34.57 3.74
CA LEU D 162 -3.65 34.59 3.67
C LEU D 162 -3.16 33.37 3.01
N LYS D 163 -2.30 33.50 2.00
CA LYS D 163 -1.61 32.36 1.42
C LYS D 163 -0.61 31.83 2.47
N ILE D 164 -0.54 30.51 2.62
CA ILE D 164 0.32 29.88 3.58
C ILE D 164 1.09 28.78 2.89
N GLU D 165 2.22 28.39 3.49
CA GLU D 165 3.06 27.26 3.05
C GLU D 165 3.95 26.84 4.26
N PRO D 166 4.50 25.57 4.26
CA PRO D 166 5.47 25.19 5.34
C PRO D 166 6.52 26.33 5.51
N GLY D 167 6.79 26.81 6.72
CA GLY D 167 7.59 28.05 6.83
C GLY D 167 6.82 29.35 7.08
N TRP D 168 5.58 29.43 6.57
CA TRP D 168 4.75 30.65 6.63
C TRP D 168 3.27 30.25 6.89
N ASP D 169 2.96 29.99 8.15
CA ASP D 169 1.58 29.61 8.58
C ASP D 169 1.14 30.12 9.97
N VAL D 170 1.71 29.56 11.04
CA VAL D 170 1.33 29.87 12.42
C VAL D 170 1.73 31.30 12.76
N GLU D 171 2.96 31.70 12.39
CA GLU D 171 3.49 33.05 12.75
C GLU D 171 2.68 34.16 12.09
N PRO D 172 2.50 34.12 10.74
CA PRO D 172 1.64 35.18 10.12
C PRO D 172 0.23 35.28 10.75
N VAL D 173 -0.40 34.13 10.92
CA VAL D 173 -1.72 34.08 11.53
C VAL D 173 -1.65 34.60 12.96
N ARG D 174 -0.63 34.21 13.74
CA ARG D 174 -0.53 34.71 15.13
C ARG D 174 -0.40 36.26 15.10
N ALA D 175 0.47 36.77 14.22
CA ALA D 175 0.72 38.21 14.07
C ALA D 175 -0.54 39.03 13.65
N VAL D 176 -1.23 38.59 12.58
CA VAL D 176 -2.47 39.20 12.08
C VAL D 176 -3.53 39.24 13.19
N ARG D 177 -3.49 38.23 14.04
CA ARG D 177 -4.46 38.06 15.09
C ARG D 177 -4.08 38.96 16.26
N GLU D 178 -2.77 39.10 16.54
CA GLU D 178 -2.27 40.02 17.61
C GLU D 178 -2.51 41.49 17.18
N ARG D 179 -2.21 41.83 15.92
CA ARG D 179 -2.38 43.18 15.42
C ARG D 179 -3.82 43.57 15.27
N PHE D 180 -4.63 42.71 14.67
CA PHE D 180 -6.01 43.13 14.33
C PHE D 180 -7.17 42.58 15.12
N GLY D 181 -6.89 41.67 16.08
CA GLY D 181 -7.92 41.07 16.94
C GLY D 181 -8.75 39.92 16.35
N ASP D 182 -9.69 39.44 17.16
CA ASP D 182 -10.41 38.18 16.91
C ASP D 182 -11.68 38.28 16.05
N ASP D 183 -12.14 39.50 15.80
CA ASP D 183 -13.40 39.74 15.07
C ASP D 183 -13.25 39.74 13.56
N VAL D 184 -12.02 40.01 13.10
CA VAL D 184 -11.69 39.99 11.68
C VAL D 184 -11.96 38.61 11.09
N LEU D 185 -12.61 38.57 9.94
CA LEU D 185 -12.84 37.35 9.25
C LEU D 185 -11.56 36.96 8.57
N LEU D 186 -10.98 35.86 9.04
CA LEU D 186 -9.64 35.41 8.65
C LEU D 186 -9.60 33.94 8.22
N GLN D 187 -8.92 33.65 7.12
CA GLN D 187 -8.76 32.25 6.70
C GLN D 187 -7.43 32.10 5.99
N VAL D 188 -7.03 30.87 5.72
CA VAL D 188 -5.72 30.66 5.12
C VAL D 188 -5.91 29.72 3.91
N ASP D 189 -4.94 29.68 3.00
CA ASP D 189 -5.01 28.83 1.83
C ASP D 189 -3.61 28.34 1.44
N ALA D 190 -3.47 27.02 1.28
CA ALA D 190 -2.17 26.41 1.09
C ALA D 190 -1.85 25.99 -0.33
N ASN D 191 -2.82 26.14 -1.23
CA ASN D 191 -2.59 25.57 -2.55
C ASN D 191 -1.87 24.23 -2.62
N THR D 192 -2.34 23.27 -1.81
CA THR D 192 -1.80 21.88 -1.82
C THR D 192 -0.39 21.67 -1.16
N ALA D 193 0.12 22.67 -0.44
CA ALA D 193 1.50 22.60 0.09
C ALA D 193 1.79 21.66 1.28
N TYR D 194 0.79 21.06 1.90
CA TYR D 194 1.05 20.17 3.03
C TYR D 194 0.76 18.73 2.68
N THR D 195 1.22 17.81 3.56
CA THR D 195 0.76 16.41 3.54
C THR D 195 0.05 16.10 4.87
N LEU D 196 -0.59 14.92 4.93
CA LEU D 196 -1.28 14.47 6.13
C LEU D 196 -0.35 14.41 7.37
N GLY D 197 0.91 14.02 7.11
CA GLY D 197 2.02 14.12 8.04
C GLY D 197 2.20 15.49 8.66
N ASP D 198 1.76 16.57 7.99
CA ASP D 198 1.84 17.89 8.65
C ASP D 198 0.65 18.24 9.52
N ALA D 199 -0.21 17.27 9.82
CA ALA D 199 -1.38 17.55 10.66
C ALA D 199 -1.01 18.23 11.99
N PRO D 200 0.07 17.79 12.68
CA PRO D 200 0.34 18.46 14.00
C PRO D 200 0.62 19.97 13.87
N GLN D 201 1.35 20.30 12.80
CA GLN D 201 1.64 21.69 12.39
C GLN D 201 0.34 22.47 12.11
N LEU D 202 -0.55 21.92 11.26
CA LEU D 202 -1.86 22.54 10.95
C LEU D 202 -2.78 22.67 12.17
N ALA D 203 -2.65 21.72 13.12
CA ALA D 203 -3.46 21.76 14.36
C ALA D 203 -2.96 22.94 15.20
N ARG D 204 -1.76 23.48 14.89
CA ARG D 204 -1.29 24.66 15.64
C ARG D 204 -2.07 25.93 15.22
N LEU D 205 -2.85 25.88 14.13
CA LEU D 205 -3.83 26.95 13.82
C LEU D 205 -5.10 26.92 14.67
N ASP D 206 -5.30 25.86 15.47
CA ASP D 206 -6.57 25.68 16.17
C ASP D 206 -7.00 26.91 17.02
N PRO D 207 -6.04 27.52 17.80
CA PRO D 207 -6.52 28.65 18.63
C PRO D 207 -6.83 29.97 17.83
N PHE D 208 -6.36 30.14 16.62
CA PHE D 208 -6.69 31.43 15.99
C PHE D 208 -8.10 31.61 15.36
N GLY D 209 -9.03 30.66 15.57
CA GLY D 209 -10.47 30.81 15.13
C GLY D 209 -10.66 31.20 13.66
N LEU D 210 -9.83 30.62 12.76
CA LEU D 210 -9.94 30.73 11.32
C LEU D 210 -11.28 30.20 10.76
N LEU D 211 -11.77 30.76 9.65
CA LEU D 211 -13.09 30.35 9.09
C LEU D 211 -12.84 29.04 8.42
N LEU D 212 -11.65 28.90 7.84
CA LEU D 212 -11.35 27.74 7.02
C LEU D 212 -9.83 27.66 6.69
N ILE D 213 -9.42 26.47 6.26
CA ILE D 213 -8.10 26.25 5.61
C ILE D 213 -8.45 25.61 4.28
N GLU D 214 -8.03 26.28 3.22
CA GLU D 214 -8.38 25.94 1.87
C GLU D 214 -7.28 25.09 1.26
N GLN D 215 -7.67 24.00 0.64
CA GLN D 215 -6.81 23.06 0.03
C GLN D 215 -5.46 22.77 0.75
N PRO D 216 -5.50 22.25 2.00
CA PRO D 216 -4.16 21.94 2.58
C PRO D 216 -3.39 20.82 1.82
N LEU D 217 -4.09 19.87 1.22
CA LEU D 217 -3.34 18.74 0.57
C LEU D 217 -3.52 18.71 -0.95
N GLU D 218 -2.91 17.72 -1.58
CA GLU D 218 -2.96 17.64 -3.02
C GLU D 218 -4.37 17.41 -3.58
N GLU D 219 -4.52 17.71 -4.88
CA GLU D 219 -5.80 17.82 -5.54
C GLU D 219 -6.52 16.46 -5.45
N GLU D 220 -5.77 15.36 -5.70
CA GLU D 220 -6.26 13.98 -5.69
C GLU D 220 -6.62 13.38 -4.33
N ASP D 221 -6.09 13.96 -3.27
CA ASP D 221 -6.22 13.35 -1.95
C ASP D 221 -7.46 13.79 -1.16
N VAL D 222 -8.60 13.34 -1.65
CA VAL D 222 -9.91 13.63 -1.09
C VAL D 222 -10.02 12.96 0.28
N LEU D 223 -9.79 11.64 0.33
CA LEU D 223 -9.80 10.85 1.56
C LEU D 223 -8.83 11.42 2.59
N GLY D 224 -7.66 11.92 2.14
CA GLY D 224 -6.64 12.49 3.00
C GLY D 224 -7.23 13.68 3.67
N HIS D 225 -8.00 14.47 2.91
CA HIS D 225 -8.60 15.65 3.51
C HIS D 225 -9.63 15.28 4.61
N ALA D 226 -10.43 14.21 4.42
CA ALA D 226 -11.39 13.75 5.44
C ALA D 226 -10.65 13.26 6.72
N GLU D 227 -9.53 12.59 6.52
CA GLU D 227 -8.63 12.21 7.60
C GLU D 227 -8.12 13.43 8.36
N LEU D 228 -7.66 14.43 7.61
CA LEU D 228 -7.14 15.66 8.19
C LEU D 228 -8.19 16.37 9.01
N ALA D 229 -9.43 16.35 8.52
CA ALA D 229 -10.52 17.05 9.23
C ALA D 229 -10.78 16.41 10.63
N ARG D 230 -10.51 15.11 10.81
CA ARG D 230 -10.58 14.44 12.15
C ARG D 230 -9.54 14.93 13.12
N ARG D 231 -8.44 15.45 12.59
CA ARG D 231 -7.30 15.87 13.40
C ARG D 231 -7.14 17.39 13.75
N ILE D 232 -7.81 18.29 12.99
CA ILE D 232 -7.66 19.74 13.24
C ILE D 232 -9.02 20.36 13.46
N GLN D 233 -9.08 21.47 14.19
CA GLN D 233 -10.33 22.21 14.42
C GLN D 233 -10.72 23.10 13.23
N THR D 234 -9.76 23.59 12.43
CA THR D 234 -10.12 24.53 11.33
C THR D 234 -10.93 23.77 10.26
N PRO D 235 -12.15 24.24 9.95
CA PRO D 235 -12.89 23.60 8.83
C PRO D 235 -12.10 23.55 7.54
N ILE D 236 -12.22 22.43 6.83
CA ILE D 236 -11.61 22.29 5.51
C ILE D 236 -12.47 22.91 4.40
N CYS D 237 -11.82 23.69 3.54
CA CYS D 237 -12.38 24.14 2.29
C CYS D 237 -11.55 23.54 1.14
N LEU D 238 -12.21 23.10 0.07
CA LEU D 238 -11.54 22.56 -1.06
C LEU D 238 -11.69 23.51 -2.28
N ASP D 239 -10.72 23.42 -3.20
CA ASP D 239 -10.57 24.37 -4.32
C ASP D 239 -10.10 23.51 -5.45
N GLU D 240 -8.80 23.28 -5.56
CA GLU D 240 -8.27 22.41 -6.63
C GLU D 240 -9.08 21.10 -6.75
N SER D 241 -9.45 20.48 -5.63
CA SER D 241 -10.12 19.14 -5.72
C SER D 241 -11.53 19.21 -6.36
N ILE D 242 -12.25 20.35 -6.18
CA ILE D 242 -13.63 20.50 -6.65
C ILE D 242 -13.65 20.80 -8.16
N VAL D 243 -13.55 19.74 -8.95
CA VAL D 243 -13.47 19.87 -10.41
C VAL D 243 -14.87 19.81 -11.13
N SER D 244 -15.98 19.54 -10.40
CA SER D 244 -17.33 19.27 -10.99
C SER D 244 -18.31 19.18 -9.86
N ALA D 245 -19.61 19.17 -10.18
CA ALA D 245 -20.69 18.88 -9.20
C ALA D 245 -20.53 17.46 -8.65
N ARG D 246 -20.24 16.49 -9.51
CA ARG D 246 -19.99 15.17 -9.00
C ARG D 246 -18.82 15.16 -7.94
N ALA D 247 -17.72 15.86 -8.20
CA ALA D 247 -16.61 15.82 -7.25
C ALA D 247 -16.97 16.53 -5.97
N ALA D 248 -17.80 17.58 -6.06
CA ALA D 248 -18.27 18.20 -4.83
C ALA D 248 -19.15 17.17 -4.01
N ALA D 249 -20.06 16.48 -4.69
CA ALA D 249 -20.94 15.55 -4.01
C ALA D 249 -20.09 14.42 -3.36
N ASP D 250 -19.12 13.87 -4.10
CA ASP D 250 -18.15 12.91 -3.56
C ASP D 250 -17.43 13.35 -2.31
N ALA D 251 -16.92 14.58 -2.31
CA ALA D 251 -16.11 15.06 -1.24
C ALA D 251 -17.00 15.24 -0.03
N ILE D 252 -18.22 15.75 -0.25
CA ILE D 252 -19.16 15.98 0.86
C ILE D 252 -19.60 14.64 1.47
N LYS D 253 -19.95 13.67 0.64
CA LYS D 253 -20.21 12.32 1.15
C LYS D 253 -19.05 11.76 2.00
N LEU D 254 -17.81 12.11 1.65
CA LEU D 254 -16.66 11.49 2.29
C LEU D 254 -16.23 12.22 3.56
N GLY D 255 -16.86 13.37 3.86
CA GLY D 255 -16.47 14.24 4.96
C GLY D 255 -15.16 14.96 4.69
N ALA D 256 -14.80 15.17 3.44
CA ALA D 256 -13.53 15.81 3.12
C ALA D 256 -13.60 17.36 3.01
N VAL D 257 -14.81 17.92 3.22
CA VAL D 257 -15.02 19.33 3.02
C VAL D 257 -16.25 19.84 3.74
N GLN D 258 -16.13 21.05 4.32
CA GLN D 258 -17.23 21.70 4.96
C GLN D 258 -17.73 22.97 4.28
N ILE D 259 -16.90 23.51 3.40
CA ILE D 259 -17.09 24.78 2.72
C ILE D 259 -16.44 24.66 1.36
N VAL D 260 -17.15 25.00 0.29
CA VAL D 260 -16.59 24.87 -1.08
C VAL D 260 -16.23 26.24 -1.74
N ASN D 261 -15.01 26.34 -2.27
CA ASN D 261 -14.59 27.48 -3.08
C ASN D 261 -14.99 27.18 -4.51
N ILE D 262 -15.85 28.04 -5.09
CA ILE D 262 -16.26 27.84 -6.52
C ILE D 262 -15.42 28.71 -7.52
N LYS D 263 -14.75 28.10 -8.47
CA LYS D 263 -14.09 28.86 -9.55
C LYS D 263 -14.67 28.30 -10.78
N PRO D 264 -15.45 29.13 -11.49
CA PRO D 264 -16.19 28.65 -12.68
C PRO D 264 -15.26 28.01 -13.73
N GLY D 265 -14.03 28.54 -13.89
CA GLY D 265 -13.16 27.98 -14.96
C GLY D 265 -12.72 26.62 -14.54
N ARG D 266 -12.34 26.51 -13.25
CA ARG D 266 -11.80 25.24 -12.71
C ARG D 266 -12.79 24.11 -12.91
N VAL D 267 -14.09 24.41 -12.79
CA VAL D 267 -15.09 23.36 -12.89
C VAL D 267 -15.63 23.20 -14.27
N GLY D 268 -15.07 23.96 -15.22
CA GLY D 268 -15.37 23.67 -16.66
C GLY D 268 -16.53 24.53 -17.14
N GLY D 269 -16.76 25.66 -16.48
CA GLY D 269 -17.93 26.49 -16.90
C GLY D 269 -18.83 27.16 -15.83
N TYR D 270 -19.46 28.30 -16.19
CA TYR D 270 -20.41 28.98 -15.35
C TYR D 270 -21.68 28.11 -15.12
N LEU D 271 -22.06 27.28 -16.07
CA LEU D 271 -23.21 26.42 -15.94
C LEU D 271 -22.86 25.30 -14.91
N GLU D 272 -21.72 24.64 -15.09
CA GLU D 272 -21.29 23.67 -14.06
C GLU D 272 -21.11 24.29 -12.69
N ALA D 273 -20.70 25.54 -12.64
CA ALA D 273 -20.51 26.19 -11.39
C ALA D 273 -21.85 26.34 -10.72
N ARG D 274 -22.89 26.56 -11.54
CA ARG D 274 -24.22 26.74 -10.97
C ARG D 274 -24.62 25.40 -10.35
N ARG D 275 -24.38 24.30 -11.07
CA ARG D 275 -24.65 23.02 -10.54
C ARG D 275 -23.83 22.77 -9.22
N VAL D 276 -22.55 23.18 -9.15
CA VAL D 276 -21.82 22.99 -7.91
C VAL D 276 -22.51 23.74 -6.77
N HIS D 277 -22.92 24.97 -7.05
CA HIS D 277 -23.66 25.73 -6.03
C HIS D 277 -24.92 25.00 -5.52
N ASP D 278 -25.67 24.36 -6.42
CA ASP D 278 -26.92 23.76 -6.04
C ASP D 278 -26.71 22.43 -5.27
N VAL D 279 -25.77 21.61 -5.72
CA VAL D 279 -25.34 20.45 -5.03
C VAL D 279 -24.87 20.80 -3.61
N CYS D 280 -24.07 21.85 -3.46
CA CYS D 280 -23.65 22.21 -2.12
C CYS D 280 -24.83 22.66 -1.24
N ALA D 281 -25.75 23.43 -1.84
CA ALA D 281 -26.86 23.98 -1.10
C ALA D 281 -27.71 22.79 -0.60
N ALA D 282 -27.87 21.78 -1.45
CA ALA D 282 -28.74 20.68 -1.10
C ALA D 282 -28.17 19.86 0.08
N HIS D 283 -26.85 19.88 0.28
CA HIS D 283 -26.21 19.25 1.44
C HIS D 283 -25.91 20.17 2.57
N GLY D 284 -26.33 21.43 2.49
CA GLY D 284 -26.16 22.42 3.56
C GLY D 284 -24.70 22.96 3.65
N ILE D 285 -23.92 22.79 2.57
CA ILE D 285 -22.53 23.22 2.49
C ILE D 285 -22.42 24.66 1.95
N PRO D 286 -21.86 25.56 2.76
CA PRO D 286 -21.75 26.93 2.23
C PRO D 286 -20.74 26.99 1.05
N VAL D 287 -21.02 27.85 0.06
CA VAL D 287 -20.02 28.12 -0.97
C VAL D 287 -19.49 29.58 -0.95
N TRP D 288 -18.30 29.80 -1.51
CA TRP D 288 -17.86 31.18 -1.84
C TRP D 288 -17.17 31.29 -3.19
N CYS D 289 -17.25 32.50 -3.78
CA CYS D 289 -16.71 32.75 -5.12
C CYS D 289 -15.21 32.93 -5.06
N GLY D 290 -14.52 32.06 -5.80
CA GLY D 290 -13.05 32.15 -5.89
C GLY D 290 -12.61 33.08 -7.00
N ASP D 291 -11.36 33.52 -6.95
CA ASP D 291 -10.76 34.41 -7.93
C ASP D 291 -9.47 33.83 -8.55
N MET D 292 -9.41 33.82 -9.85
CA MET D 292 -8.14 33.52 -10.58
C MET D 292 -7.39 34.79 -11.11
N ILE D 293 -7.55 35.93 -10.42
CA ILE D 293 -6.99 37.23 -10.85
C ILE D 293 -7.43 37.54 -12.30
N GLU D 294 -8.73 37.45 -12.53
CA GLU D 294 -9.25 37.66 -13.86
C GLU D 294 -9.32 39.17 -14.13
N THR D 295 -9.49 39.54 -15.39
CA THR D 295 -9.83 40.91 -15.76
C THR D 295 -11.26 41.19 -15.33
N GLY D 296 -11.69 42.40 -15.65
CA GLY D 296 -13.08 42.80 -15.53
C GLY D 296 -14.09 41.95 -16.29
N LEU D 297 -13.68 41.14 -17.26
CA LEU D 297 -14.68 40.27 -17.89
C LEU D 297 -15.07 39.12 -16.95
N GLY D 298 -14.09 38.29 -16.59
CA GLY D 298 -14.25 37.23 -15.63
C GLY D 298 -14.74 37.77 -14.30
N ARG D 299 -14.26 38.93 -13.86
CA ARG D 299 -14.74 39.50 -12.62
C ARG D 299 -16.25 39.80 -12.68
N ALA D 300 -16.72 40.27 -13.84
CA ALA D 300 -18.14 40.59 -14.03
C ALA D 300 -18.97 39.30 -13.94
N ALA D 301 -18.51 38.26 -14.63
CA ALA D 301 -19.11 36.93 -14.56
C ALA D 301 -19.12 36.33 -13.11
N ASN D 302 -18.09 36.60 -12.30
CA ASN D 302 -17.96 36.03 -11.01
C ASN D 302 -18.82 36.70 -10.02
N VAL D 303 -18.88 38.04 -10.06
CA VAL D 303 -19.73 38.79 -9.15
C VAL D 303 -21.20 38.42 -9.41
N ALA D 304 -21.58 38.14 -10.67
CA ALA D 304 -22.92 37.76 -10.96
C ALA D 304 -23.19 36.40 -10.26
N LEU D 305 -22.33 35.41 -10.53
CA LEU D 305 -22.32 34.09 -9.82
C LEU D 305 -22.36 34.19 -8.29
N ALA D 306 -21.49 35.02 -7.73
CA ALA D 306 -21.45 35.21 -6.31
C ALA D 306 -22.77 35.79 -5.74
N SER D 307 -23.78 36.07 -6.57
CA SER D 307 -25.00 36.72 -5.96
C SER D 307 -26.15 35.71 -5.87
N LEU D 308 -25.89 34.51 -6.37
CA LEU D 308 -26.65 33.33 -6.06
C LEU D 308 -26.82 33.11 -4.52
N PRO D 309 -27.98 32.55 -4.08
CA PRO D 309 -28.33 32.47 -2.64
C PRO D 309 -27.40 31.64 -1.67
N ASN D 310 -26.79 30.55 -2.13
CA ASN D 310 -25.86 29.76 -1.27
C ASN D 310 -24.43 30.31 -1.11
N PHE D 311 -24.11 31.40 -1.81
CA PHE D 311 -22.86 32.11 -1.57
C PHE D 311 -23.01 32.93 -0.29
N THR D 312 -22.63 32.33 0.85
CA THR D 312 -22.98 32.94 2.16
C THR D 312 -21.73 33.32 2.93
N LEU D 313 -20.58 33.10 2.32
CA LEU D 313 -19.31 33.63 2.83
C LEU D 313 -18.71 34.57 1.77
N PRO D 314 -17.95 35.62 2.19
CA PRO D 314 -17.20 36.56 1.30
C PRO D 314 -16.30 35.87 0.28
N GLY D 315 -16.43 36.27 -0.97
CA GLY D 315 -15.60 35.77 -2.04
C GLY D 315 -14.24 36.48 -2.12
N ASP D 316 -13.42 35.98 -3.02
CA ASP D 316 -12.13 36.57 -3.32
C ASP D 316 -12.30 37.58 -4.48
N THR D 317 -13.52 37.82 -4.99
CA THR D 317 -13.71 38.80 -6.10
C THR D 317 -13.42 40.24 -5.62
N SER D 318 -12.13 40.61 -5.65
CA SER D 318 -11.65 41.85 -5.07
C SER D 318 -11.88 42.95 -6.13
N ALA D 319 -11.83 44.23 -5.71
CA ALA D 319 -11.90 45.41 -6.67
C ALA D 319 -10.82 45.34 -7.76
N SER D 320 -11.17 45.71 -8.97
CA SER D 320 -10.23 45.74 -10.11
C SER D 320 -8.81 46.26 -9.73
N ASP D 321 -8.78 47.29 -8.88
CA ASP D 321 -7.55 47.99 -8.57
C ASP D 321 -6.63 47.24 -7.59
N ARG D 322 -7.15 46.13 -7.00
CA ARG D 322 -6.37 45.34 -6.06
C ARG D 322 -5.27 44.64 -6.83
N TYR D 323 -5.53 44.30 -8.09
CA TYR D 323 -4.58 43.62 -8.93
C TYR D 323 -3.98 44.54 -10.01
N TYR D 324 -4.83 45.32 -10.69
CA TYR D 324 -4.45 46.10 -11.90
C TYR D 324 -4.62 47.62 -11.72
N LYS D 325 -3.62 48.46 -12.10
CA LYS D 325 -3.83 49.97 -12.08
C LYS D 325 -4.96 50.28 -13.10
N THR D 326 -4.91 49.65 -14.28
CA THR D 326 -6.06 49.74 -15.15
C THR D 326 -6.49 48.43 -15.79
N ASP D 327 -7.78 48.15 -15.60
CA ASP D 327 -8.46 46.99 -16.19
C ASP D 327 -8.79 47.20 -17.66
N ILE D 328 -9.10 46.12 -18.37
CA ILE D 328 -9.59 46.23 -19.75
C ILE D 328 -11.09 46.54 -19.99
N THR D 329 -11.85 46.78 -18.91
CA THR D 329 -13.26 47.07 -19.02
C THR D 329 -13.50 48.16 -18.02
N GLU D 330 -14.75 48.56 -17.87
CA GLU D 330 -15.06 49.48 -16.80
C GLU D 330 -14.54 48.83 -15.47
N PRO D 331 -13.71 49.55 -14.68
CA PRO D 331 -13.18 48.93 -13.44
C PRO D 331 -14.24 48.61 -12.38
N PHE D 332 -14.06 47.54 -11.57
CA PHE D 332 -14.90 47.37 -10.35
C PHE D 332 -14.43 48.10 -9.10
N VAL D 333 -15.32 48.84 -8.45
CA VAL D 333 -14.91 49.69 -7.35
C VAL D 333 -15.58 49.33 -6.04
N LEU D 334 -14.78 49.04 -5.01
CA LEU D 334 -15.34 48.72 -3.70
C LEU D 334 -16.08 49.88 -3.09
N SER D 335 -17.24 49.54 -2.51
CA SER D 335 -18.19 50.50 -2.01
C SER D 335 -18.87 49.86 -0.82
N GLY D 336 -18.52 50.31 0.37
CA GLY D 336 -18.97 49.69 1.64
C GLY D 336 -18.69 48.19 1.71
N GLY D 337 -17.53 47.77 1.21
CA GLY D 337 -17.11 46.39 1.23
C GLY D 337 -17.70 45.52 0.14
N HIS D 338 -18.55 46.07 -0.73
CA HIS D 338 -19.26 45.25 -1.74
C HIS D 338 -18.90 45.63 -3.12
N LEU D 339 -19.12 44.72 -4.07
CA LEU D 339 -19.01 45.01 -5.46
C LEU D 339 -20.39 44.96 -6.06
N PRO D 340 -20.73 45.88 -6.98
CA PRO D 340 -22.12 45.80 -7.43
C PRO D 340 -22.26 44.89 -8.65
N VAL D 341 -23.38 44.18 -8.73
CA VAL D 341 -23.62 43.17 -9.78
C VAL D 341 -23.94 43.81 -11.14
N PRO D 342 -23.22 43.40 -12.22
CA PRO D 342 -23.48 43.99 -13.57
C PRO D 342 -24.93 43.88 -14.04
N THR D 343 -25.40 44.92 -14.76
CA THR D 343 -26.82 45.13 -15.05
C THR D 343 -27.19 44.82 -16.48
N GLY D 344 -26.36 45.21 -17.43
CA GLY D 344 -26.75 45.09 -18.82
C GLY D 344 -26.82 43.67 -19.32
N PRO D 345 -27.17 43.45 -20.62
CA PRO D 345 -27.14 42.09 -21.24
C PRO D 345 -25.77 41.40 -21.16
N GLY D 346 -25.81 40.06 -21.23
CA GLY D 346 -24.63 39.17 -21.03
C GLY D 346 -23.78 39.54 -19.82
N LEU D 347 -22.48 39.69 -20.04
CA LEU D 347 -21.58 40.09 -18.97
C LEU D 347 -21.91 41.42 -18.39
N GLY D 348 -22.48 42.33 -19.19
CA GLY D 348 -22.80 43.71 -18.68
C GLY D 348 -21.58 44.61 -18.66
N VAL D 349 -20.50 44.13 -19.29
CA VAL D 349 -19.21 44.84 -19.45
C VAL D 349 -18.62 44.26 -20.72
N ALA D 350 -17.75 45.07 -21.32
CA ALA D 350 -17.09 44.72 -22.60
C ALA D 350 -15.72 45.38 -22.59
N PRO D 351 -14.74 44.74 -23.27
CA PRO D 351 -13.40 45.37 -23.36
C PRO D 351 -13.52 46.70 -24.12
N ILE D 352 -13.23 47.81 -23.40
CA ILE D 352 -12.76 49.08 -23.96
C ILE D 352 -11.62 48.82 -25.00
N PRO D 353 -11.91 48.91 -26.35
CA PRO D 353 -11.00 48.16 -27.25
C PRO D 353 -9.60 48.82 -27.49
N GLU D 354 -9.45 50.13 -27.17
CA GLU D 354 -8.12 50.79 -27.04
C GLU D 354 -7.34 50.10 -25.91
N LEU D 355 -7.93 50.09 -24.71
CA LEU D 355 -7.38 49.43 -23.51
C LEU D 355 -6.91 47.98 -23.70
N LEU D 356 -7.69 47.16 -24.43
CA LEU D 356 -7.34 45.76 -24.78
C LEU D 356 -6.02 45.79 -25.52
N ASP D 357 -5.87 46.74 -26.43
CA ASP D 357 -4.81 46.58 -27.41
C ASP D 357 -3.45 46.92 -26.85
N GLU D 358 -3.38 47.94 -25.98
CA GLU D 358 -2.16 48.32 -25.21
C GLU D 358 -1.58 47.04 -24.51
N VAL D 359 -2.47 46.14 -24.06
CA VAL D 359 -2.11 44.88 -23.32
C VAL D 359 -2.20 43.55 -24.09
N THR D 360 -2.44 43.55 -25.39
CA THR D 360 -2.51 42.31 -26.18
C THR D 360 -1.12 41.93 -26.76
N THR D 361 -0.94 40.65 -27.08
CA THR D 361 0.36 40.04 -27.34
C THR D 361 0.28 39.30 -28.62
N ALA D 362 -0.89 38.73 -28.89
CA ALA D 362 -1.10 37.91 -30.09
C ALA D 362 -2.59 37.80 -30.32
N LYS D 363 -2.96 37.38 -31.54
CA LYS D 363 -4.35 37.27 -32.07
C LYS D 363 -4.29 36.26 -33.14
N VAL D 364 -5.31 35.46 -33.17
CA VAL D 364 -5.44 34.45 -34.16
C VAL D 364 -6.96 34.28 -34.34
N TRP D 365 -7.36 34.03 -35.57
CA TRP D 365 -8.73 33.80 -35.96
C TRP D 365 -8.83 32.30 -36.26
N ILE D 366 -9.76 31.57 -35.60
CA ILE D 366 -10.09 30.16 -35.99
C ILE D 366 -11.55 30.26 -36.47
N GLY D 367 -11.88 29.59 -37.60
CA GLY D 367 -13.07 29.93 -38.45
C GLY D 367 -13.64 28.87 -39.37
C NPQ E . 13.96 -0.65 19.42
N NPQ E . 16.03 0.00 20.11
O NPQ E . 13.24 -1.38 20.17
CA NPQ E . 15.48 -1.00 19.30
CB NPQ E . 15.58 -2.48 19.70
CG NPQ E . 16.63 -3.01 20.50
CAA NPQ E . 17.66 1.41 18.97
OAB NPQ E . 16.44 1.98 20.83
CAE NPQ E . 20.70 -5.40 22.40
CAF NPQ E . 20.81 -5.36 21.00
CAH NPQ E . 19.58 -4.79 22.99
CAI NPQ E . 19.84 -4.77 20.15
CAJ NPQ E . 17.48 -3.59 22.74
CAN NPQ E . 16.58 1.16 19.95
CAQ NPQ E . 18.61 -4.18 22.16
CAR NPQ E . 18.72 -4.19 20.72
CD1 NPQ E . 16.52 -3.00 21.91
CD2 NPQ E . 17.73 -3.61 19.91
OXT NPQ E . 13.53 0.33 18.72
MG MG F . 10.91 0.00 19.30
C NPQ G . -6.68 -0.07 -22.91
N NPQ G . -6.02 -0.87 -25.02
O NPQ G . -7.57 0.81 -22.66
CA NPQ G . -5.69 0.20 -24.18
CB NPQ G . -5.98 1.59 -24.71
CG NPQ G . -5.74 2.05 -26.03
CAA NPQ G . -4.52 -2.80 -25.19
OAB NPQ G . -6.90 -2.79 -25.43
CAE NPQ G . -4.42 4.09 -30.49
CAF NPQ G . -3.25 4.01 -29.72
CAH NPQ G . -5.61 3.63 -29.95
CAI NPQ G . -3.25 3.50 -28.41
CAJ NPQ G . -6.85 2.67 -28.12
CAN NPQ G . -5.90 -2.17 -25.06
CAQ NPQ G . -5.63 3.11 -28.64
CAR NPQ G . -4.45 3.05 -27.84
CD1 NPQ G . -6.89 2.16 -26.83
CD2 NPQ G . -4.50 2.53 -26.51
OXT NPQ G . -6.57 -1.17 -22.25
MG MG H . -8.68 -0.22 -20.47
C NPQ I . -4.04 -29.72 10.71
N NPQ I . -3.76 -31.88 10.11
O NPQ I . -3.51 -28.91 9.87
CA NPQ I . -3.18 -30.99 11.07
CB NPQ I . -1.71 -30.61 10.88
CG NPQ I . -0.68 -31.45 10.47
CAA NPQ I . -4.27 -33.61 11.69
OAB NPQ I . -5.00 -33.54 9.47
CAE NPQ I . 3.49 -34.40 10.44
CAF NPQ I . 3.05 -34.27 11.76
CAH NPQ I . 2.74 -33.75 9.42
CAI NPQ I . 1.93 -33.52 12.13
CAJ NPQ I . 0.87 -32.30 8.77
CAN NPQ I . -4.41 -32.97 10.35
CAQ NPQ I . 1.61 -32.99 9.76
CAR NPQ I . 1.21 -32.87 11.12
CD1 NPQ I . -0.28 -31.54 9.13
CD2 NPQ I . 0.09 -32.09 11.47
OXT NPQ I . -5.22 -29.65 11.24
MG MG J . -5.66 -27.20 9.71
C NPQ K . -6.59 30.67 -5.54
N NPQ K . -5.62 32.80 -5.67
O NPQ K . -5.93 29.60 -5.39
CA NPQ K . -6.01 31.79 -6.59
CB NPQ K . -4.75 31.18 -7.23
CG NPQ K . -4.12 31.89 -8.18
CAA NPQ K . -7.32 34.49 -5.80
OAB NPQ K . -5.80 34.17 -3.97
CAE NPQ K . -1.40 34.53 -11.45
CAF NPQ K . -0.67 34.46 -10.25
CAH NPQ K . -2.63 33.91 -11.52
CAI NPQ K . -1.13 33.80 -9.10
CAJ NPQ K . -4.30 32.63 -10.48
CAN NPQ K . -6.22 33.76 -5.05
CAQ NPQ K . -3.07 33.25 -10.38
CAR NPQ K . -2.36 33.17 -9.15
CD1 NPQ K . -4.80 31.95 -9.38
CD2 NPQ K . -2.86 32.48 -8.03
OXT NPQ K . -7.59 30.92 -4.81
MG MG L . -7.38 28.48 -3.31
#